data_7R5M
#
_entry.id   7R5M
#
_cell.length_a   1.00
_cell.length_b   1.00
_cell.length_c   1.00
_cell.angle_alpha   90.00
_cell.angle_beta   90.00
_cell.angle_gamma   90.00
#
_symmetry.space_group_name_H-M   'P 1'
#
loop_
_entity.id
_entity.type
_entity.pdbx_description
1 polymer 'Dihydrolipoyllysine-residue acetyltransferase component of pyruvate dehydrogenase complex, mitochondrial'
2 polymer 'Pyruvate dehydrogenase X component'
#
loop_
_entity_poly.entity_id
_entity_poly.type
_entity_poly.pdbx_seq_one_letter_code
_entity_poly.pdbx_strand_id
1 'polypeptide(L)'
;MAAYTDVPISGMRKTIAARLKESVTENPHFFVSTNLSVSKLLKLRQALNSSADGRYKLSVNDFLIKAMGIASKRVPTVNS
SWRDGVIRQFETVDVSVAVATPNGLITPIVKGVEGKGLESISAAVKELAKKARDGKLKPEEYQGGSISISNMGMNPAVQS
FTAIINPPQAAILAVGAPQKVAVPVENEDGTTGVSWDEQIIVTASFDHKVVDGAVGAEWIRELKKVIENPLELLL
;
A,B,G,H,K,L
2 'polypeptide(L)'
;HHHHHHSQDPNSSPSSENLYFQSPAPPPVAVVTAPISLSAAIDVQNKLHKTIGVFLPLSTFITRATEIANQKLPLPANYQ
PTADELFNQVLGLDKVTRKESRGSYTPTFGSFVAPQRAARKADIIDILAAPSTRVAASAQSKSAAPGLTTSGPNVFSLQV
PKSEEKRAQAFLQKMKLVLEQEPDKLVRA
;
F,J,M
#
# COMPACT_ATOMS: atom_id res chain seq x y z
N ALA A 3 -16.02 31.60 -31.83
CA ALA A 3 -17.14 30.67 -31.75
C ALA A 3 -17.33 30.17 -30.32
N TYR A 4 -18.54 30.35 -29.79
CA TYR A 4 -18.87 29.96 -28.43
C TYR A 4 -20.37 30.15 -28.25
N THR A 5 -20.86 29.78 -27.07
CA THR A 5 -22.27 29.93 -26.70
C THR A 5 -22.36 30.45 -25.27
N ASP A 6 -23.47 31.13 -24.99
CA ASP A 6 -23.75 31.70 -23.67
C ASP A 6 -25.16 31.33 -23.25
N VAL A 7 -25.31 31.00 -21.96
CA VAL A 7 -26.59 30.59 -21.37
C VAL A 7 -26.83 31.47 -20.14
N PRO A 8 -28.00 32.09 -19.97
CA PRO A 8 -28.22 32.94 -18.78
C PRO A 8 -28.12 32.14 -17.48
N ILE A 9 -27.56 32.77 -16.45
CA ILE A 9 -27.41 32.12 -15.16
C ILE A 9 -28.78 31.90 -14.52
N SER A 10 -28.98 30.73 -13.93
CA SER A 10 -30.24 30.37 -13.32
C SER A 10 -30.46 31.13 -12.02
N GLY A 11 -31.74 31.30 -11.67
CA GLY A 11 -32.07 31.95 -10.41
C GLY A 11 -31.61 31.15 -9.21
N MET A 12 -31.70 29.82 -9.29
CA MET A 12 -31.28 28.96 -8.20
C MET A 12 -29.77 28.79 -8.11
N ARG A 13 -29.04 29.13 -9.17
CA ARG A 13 -27.57 28.93 -9.18
C ARG A 13 -26.90 30.02 -8.33
N LYS A 14 -27.43 31.26 -8.28
CA LYS A 14 -26.86 32.30 -7.42
C LYS A 14 -27.15 32.05 -5.95
N THR A 15 -28.30 31.45 -5.62
CA THR A 15 -28.63 31.16 -4.22
C THR A 15 -27.62 30.23 -3.58
N ILE A 16 -27.05 29.31 -4.34
CA ILE A 16 -25.99 28.42 -3.84
C ILE A 16 -24.61 29.04 -4.01
N ALA A 17 -24.40 29.83 -5.06
CA ALA A 17 -23.10 30.47 -5.27
C ALA A 17 -22.77 31.42 -4.12
N ALA A 18 -23.74 32.27 -3.76
CA ALA A 18 -23.54 33.21 -2.66
C ALA A 18 -23.25 32.48 -1.36
N ARG A 19 -24.00 31.40 -1.11
CA ARG A 19 -23.86 30.60 0.15
C ARG A 19 -22.46 29.99 0.20
N LEU A 20 -22.03 29.31 -0.86
CA LEU A 20 -20.69 28.74 -0.94
C LEU A 20 -19.62 29.81 -0.75
N LYS A 21 -19.82 30.99 -1.34
CA LYS A 21 -18.84 32.05 -1.23
C LYS A 21 -18.80 32.61 0.19
N GLU A 22 -19.92 32.54 0.90
CA GLU A 22 -19.97 33.01 2.28
C GLU A 22 -19.33 32.02 3.23
N SER A 23 -19.45 30.72 2.95
CA SER A 23 -18.90 29.70 3.85
C SER A 23 -17.38 29.78 3.94
N VAL A 24 -16.71 29.92 2.79
CA VAL A 24 -15.25 29.92 2.76
C VAL A 24 -14.69 31.11 3.53
N THR A 25 -15.28 32.29 3.34
CA THR A 25 -14.80 33.50 4.00
C THR A 25 -15.27 33.64 5.45
N GLU A 26 -16.11 32.72 5.94
CA GLU A 26 -16.65 32.76 7.30
C GLU A 26 -16.13 31.65 8.18
N ASN A 27 -15.70 30.53 7.61
CA ASN A 27 -15.26 29.35 8.36
C ASN A 27 -13.86 28.93 7.90
N PRO A 28 -12.80 29.14 8.70
CA PRO A 28 -11.53 28.50 8.38
C PRO A 28 -11.68 26.98 8.41
N HIS A 29 -10.94 26.31 7.52
CA HIS A 29 -11.07 24.88 7.31
C HIS A 29 -9.77 24.17 7.67
N PHE A 30 -9.87 23.01 8.31
CA PHE A 30 -8.75 22.09 8.43
C PHE A 30 -9.25 20.66 8.35
N PHE A 31 -8.46 19.82 7.68
CA PHE A 31 -8.85 18.47 7.30
C PHE A 31 -8.14 17.42 8.15
N VAL A 32 -8.75 16.25 8.23
CA VAL A 32 -8.18 15.07 8.87
C VAL A 32 -8.60 13.86 8.06
N SER A 33 -7.69 12.89 7.91
CA SER A 33 -7.91 11.71 7.09
C SER A 33 -7.61 10.46 7.89
N THR A 34 -8.27 9.36 7.51
CA THR A 34 -8.04 8.08 8.16
C THR A 34 -8.43 6.97 7.20
N ASN A 35 -7.97 5.75 7.52
CA ASN A 35 -8.29 4.54 6.78
C ASN A 35 -8.99 3.56 7.69
N LEU A 36 -10.09 2.97 7.21
CA LEU A 36 -10.92 2.05 7.97
C LEU A 36 -10.99 0.71 7.24
N SER A 37 -10.88 -0.37 8.01
CA SER A 37 -11.10 -1.72 7.51
C SER A 37 -12.55 -2.12 7.75
N VAL A 38 -13.20 -2.64 6.72
CA VAL A 38 -14.65 -2.84 6.71
C VAL A 38 -15.01 -4.28 6.32
N SER A 39 -14.08 -5.22 6.50
CA SER A 39 -14.38 -6.61 6.17
C SER A 39 -15.43 -7.17 7.13
N LYS A 40 -15.24 -6.95 8.43
CA LYS A 40 -16.16 -7.47 9.43
C LYS A 40 -17.55 -6.85 9.25
N LEU A 41 -17.61 -5.56 8.92
CA LEU A 41 -18.89 -4.91 8.67
C LEU A 41 -19.62 -5.55 7.49
N LEU A 42 -18.89 -5.87 6.41
CA LEU A 42 -19.50 -6.55 5.27
C LEU A 42 -20.02 -7.93 5.67
N LYS A 43 -19.24 -8.68 6.46
CA LYS A 43 -19.70 -9.98 6.92
C LYS A 43 -20.98 -9.85 7.74
N LEU A 44 -21.02 -8.86 8.64
CA LEU A 44 -22.22 -8.67 9.47
C LEU A 44 -23.42 -8.29 8.61
N ARG A 45 -23.22 -7.39 7.63
CA ARG A 45 -24.31 -7.02 6.73
C ARG A 45 -24.83 -8.23 5.97
N GLN A 46 -23.92 -9.08 5.47
CA GLN A 46 -24.36 -10.29 4.76
C GLN A 46 -25.12 -11.22 5.69
N ALA A 47 -24.69 -11.30 6.95
CA ALA A 47 -25.38 -12.16 7.91
C ALA A 47 -26.78 -11.64 8.20
N LEU A 48 -26.96 -10.32 8.23
CA LEU A 48 -28.24 -9.72 8.60
C LEU A 48 -29.15 -9.43 7.41
N ASN A 49 -28.65 -9.55 6.17
CA ASN A 49 -29.46 -9.37 4.97
C ASN A 49 -29.95 -10.69 4.37
N SER A 50 -29.64 -11.83 5.01
CA SER A 50 -30.11 -13.14 4.58
C SER A 50 -31.10 -13.77 5.53
N SER A 51 -31.11 -13.37 6.81
CA SER A 51 -32.09 -13.87 7.77
C SER A 51 -33.44 -13.15 7.66
N ALA A 52 -33.62 -12.26 6.69
CA ALA A 52 -34.87 -11.55 6.47
C ALA A 52 -35.64 -12.19 5.31
N ASP A 53 -36.94 -11.87 5.27
CA ASP A 53 -37.86 -12.42 4.27
C ASP A 53 -38.26 -11.39 3.21
N GLY A 54 -37.77 -10.15 3.30
CA GLY A 54 -38.17 -9.08 2.40
C GLY A 54 -38.54 -7.79 3.11
N ARG A 55 -38.48 -7.80 4.45
CA ARG A 55 -38.88 -6.62 5.22
C ARG A 55 -37.98 -5.42 4.94
N TYR A 56 -36.67 -5.65 4.83
CA TYR A 56 -35.71 -4.56 4.76
C TYR A 56 -34.51 -4.99 3.92
N LYS A 57 -33.58 -4.05 3.73
CA LYS A 57 -32.28 -4.31 3.12
C LYS A 57 -31.36 -3.17 3.50
N LEU A 58 -30.19 -3.50 4.02
CA LEU A 58 -29.30 -2.53 4.65
C LEU A 58 -28.18 -2.12 3.71
N SER A 59 -27.38 -1.15 4.17
CA SER A 59 -26.25 -0.62 3.41
C SER A 59 -25.24 -0.04 4.39
N VAL A 60 -24.06 0.29 3.84
CA VAL A 60 -22.96 0.75 4.68
C VAL A 60 -23.27 2.11 5.30
N ASN A 61 -23.99 2.97 4.55
CA ASN A 61 -24.25 4.34 4.99
C ASN A 61 -24.99 4.37 6.33
N ASP A 62 -25.93 3.45 6.53
CA ASP A 62 -26.65 3.39 7.80
C ASP A 62 -25.71 3.09 8.96
N PHE A 63 -24.80 2.13 8.76
CA PHE A 63 -23.81 1.81 9.79
C PHE A 63 -22.95 3.02 10.11
N LEU A 64 -22.51 3.73 9.07
CA LEU A 64 -21.67 4.90 9.28
C LEU A 64 -22.45 6.00 10.02
N ILE A 65 -23.73 6.17 9.68
CA ILE A 65 -24.56 7.17 10.34
C ILE A 65 -24.69 6.86 11.84
N LYS A 66 -24.98 5.61 12.16
CA LYS A 66 -25.13 5.22 13.57
C LYS A 66 -23.82 5.40 14.33
N ALA A 67 -22.70 4.96 13.73
CA ALA A 67 -21.40 5.10 14.37
C ALA A 67 -21.06 6.58 14.56
N MET A 68 -21.47 7.40 13.59
CA MET A 68 -21.25 8.87 13.63
C MET A 68 -22.04 9.43 14.81
N GLY A 69 -23.26 8.95 15.07
CA GLY A 69 -24.05 9.36 16.22
C GLY A 69 -23.39 9.01 17.55
N ILE A 70 -22.87 7.78 17.64
CA ILE A 70 -22.22 7.35 18.88
C ILE A 70 -20.98 8.19 19.14
N ALA A 71 -20.15 8.38 18.11
CA ALA A 71 -18.94 9.19 18.27
C ALA A 71 -19.26 10.62 18.65
N SER A 72 -20.33 11.20 18.06
CA SER A 72 -20.80 12.50 18.48
C SER A 72 -21.17 12.51 19.95
N LYS A 73 -21.82 11.44 20.42
CA LYS A 73 -22.23 11.40 21.81
C LYS A 73 -21.02 11.37 22.75
N ARG A 74 -19.99 10.61 22.38
CA ARG A 74 -18.81 10.51 23.24
C ARG A 74 -18.04 11.83 23.29
N VAL A 75 -17.93 12.52 22.16
CA VAL A 75 -17.26 13.81 22.06
C VAL A 75 -18.30 14.85 21.64
N PRO A 76 -18.91 15.58 22.60
CA PRO A 76 -20.01 16.48 22.23
C PRO A 76 -19.57 17.83 21.67
N THR A 77 -18.28 18.17 21.74
CA THR A 77 -17.83 19.49 21.28
C THR A 77 -18.04 19.69 19.78
N VAL A 78 -18.17 18.61 19.01
CA VAL A 78 -18.40 18.74 17.57
C VAL A 78 -19.88 18.95 17.28
N ASN A 79 -20.76 18.49 18.18
CA ASN A 79 -22.21 18.68 18.04
C ASN A 79 -22.63 20.05 18.59
N SER A 80 -22.07 21.10 17.98
CA SER A 80 -22.25 22.47 18.44
C SER A 80 -22.40 23.39 17.24
N SER A 81 -22.55 24.69 17.53
CA SER A 81 -22.73 25.70 16.48
C SER A 81 -22.25 27.04 17.00
N TRP A 82 -21.94 27.92 16.05
CA TRP A 82 -21.42 29.27 16.31
C TRP A 82 -22.47 30.29 15.89
N ARG A 83 -23.04 30.99 16.87
CA ARG A 83 -24.05 32.01 16.67
C ARG A 83 -23.39 33.38 16.78
N ASP A 84 -24.20 34.44 16.81
CA ASP A 84 -23.71 35.83 16.76
C ASP A 84 -22.68 36.12 17.85
N GLY A 85 -23.02 35.81 19.11
CA GLY A 85 -22.16 36.11 20.23
C GLY A 85 -22.18 35.06 21.32
N VAL A 86 -22.60 33.84 21.00
CA VAL A 86 -22.71 32.76 21.98
C VAL A 86 -22.58 31.44 21.25
N ILE A 87 -22.09 30.42 21.97
CA ILE A 87 -21.93 29.08 21.44
C ILE A 87 -23.18 28.29 21.77
N ARG A 88 -23.62 27.45 20.82
CA ARG A 88 -24.79 26.60 20.98
C ARG A 88 -24.34 25.16 21.08
N GLN A 89 -24.77 24.47 22.13
CA GLN A 89 -24.44 23.06 22.38
C GLN A 89 -25.73 22.28 22.46
N PHE A 90 -25.83 21.22 21.66
CA PHE A 90 -27.03 20.41 21.56
C PHE A 90 -26.89 19.14 22.41
N GLU A 91 -27.96 18.34 22.43
CA GLU A 91 -27.97 17.04 23.07
C GLU A 91 -28.62 15.96 22.21
N THR A 92 -29.12 16.30 21.02
CA THR A 92 -29.73 15.37 20.08
C THR A 92 -28.96 15.48 18.77
N VAL A 93 -28.74 14.34 18.13
CA VAL A 93 -27.93 14.25 16.92
C VAL A 93 -28.84 14.15 15.71
N ASP A 94 -28.75 15.14 14.83
CA ASP A 94 -29.44 15.16 13.55
C ASP A 94 -28.38 15.20 12.45
N VAL A 95 -28.54 14.32 11.45
CA VAL A 95 -27.54 14.11 10.41
C VAL A 95 -28.15 14.51 9.08
N SER A 96 -27.35 15.19 8.26
CA SER A 96 -27.77 15.66 6.94
C SER A 96 -27.10 14.79 5.88
N VAL A 97 -27.92 14.16 5.04
CA VAL A 97 -27.47 13.30 3.95
C VAL A 97 -27.68 14.06 2.65
N ALA A 98 -26.78 13.85 1.70
CA ALA A 98 -26.78 14.54 0.42
C ALA A 98 -27.34 13.63 -0.66
N VAL A 99 -28.33 14.13 -1.41
CA VAL A 99 -28.95 13.43 -2.52
C VAL A 99 -28.79 14.27 -3.78
N ALA A 100 -28.25 13.64 -4.83
CA ALA A 100 -27.98 14.31 -6.10
C ALA A 100 -29.10 14.01 -7.08
N THR A 101 -29.59 15.06 -7.75
CA THR A 101 -30.64 14.96 -8.75
C THR A 101 -30.24 15.90 -9.88
N PRO A 102 -30.78 15.69 -11.09
CA PRO A 102 -30.43 16.60 -12.20
C PRO A 102 -30.77 18.06 -11.93
N ASN A 103 -31.81 18.33 -11.14
CA ASN A 103 -32.16 19.70 -10.81
C ASN A 103 -31.19 20.32 -9.81
N GLY A 104 -30.38 19.52 -9.12
CA GLY A 104 -29.41 20.05 -8.17
C GLY A 104 -29.17 19.06 -7.04
N LEU A 105 -28.61 19.60 -5.97
CA LEU A 105 -28.24 18.83 -4.78
C LEU A 105 -29.20 19.21 -3.65
N ILE A 106 -29.80 18.23 -2.99
CA ILE A 106 -30.78 18.49 -1.91
C ILE A 106 -30.04 18.25 -0.60
N THR A 107 -30.75 18.19 0.53
CA THR A 107 -30.15 17.96 1.87
C THR A 107 -31.20 17.36 2.80
N PRO A 108 -31.76 16.17 2.50
CA PRO A 108 -32.69 15.51 3.42
C PRO A 108 -32.11 15.43 4.83
N ILE A 109 -32.93 15.18 5.86
CA ILE A 109 -32.49 15.16 7.25
C ILE A 109 -33.06 13.91 7.91
N VAL A 110 -32.32 13.37 8.86
CA VAL A 110 -32.73 12.24 9.70
C VAL A 110 -32.62 12.69 11.16
N LYS A 111 -33.65 12.40 11.95
CA LYS A 111 -33.76 12.87 13.33
C LYS A 111 -33.76 11.69 14.29
N GLY A 112 -33.27 11.94 15.50
CA GLY A 112 -33.28 10.93 16.55
C GLY A 112 -32.45 9.71 16.21
N VAL A 113 -31.26 9.92 15.65
CA VAL A 113 -30.40 8.80 15.25
C VAL A 113 -29.87 8.04 16.47
N GLU A 114 -29.50 8.76 17.52
CA GLU A 114 -28.92 8.13 18.75
C GLU A 114 -29.85 7.02 19.23
N GLY A 115 -31.14 7.32 19.40
CA GLY A 115 -32.14 6.38 19.87
C GLY A 115 -32.93 5.74 18.74
N LYS A 116 -32.26 4.99 17.88
CA LYS A 116 -32.90 4.45 16.68
C LYS A 116 -32.13 3.22 16.22
N GLY A 117 -32.74 2.46 15.32
CA GLY A 117 -32.17 1.28 14.73
C GLY A 117 -31.93 1.46 13.24
N LEU A 118 -31.27 0.45 12.66
CA LEU A 118 -30.87 0.54 11.26
C LEU A 118 -32.07 0.58 10.32
N GLU A 119 -33.10 -0.22 10.63
CA GLU A 119 -34.27 -0.33 9.76
C GLU A 119 -34.96 1.02 9.58
N SER A 120 -35.22 1.72 10.69
CA SER A 120 -35.89 3.02 10.61
C SER A 120 -35.05 4.03 9.83
N ILE A 121 -33.73 4.01 10.06
CA ILE A 121 -32.83 4.94 9.37
C ILE A 121 -32.89 4.69 7.86
N SER A 122 -32.84 3.43 7.46
CA SER A 122 -32.91 3.08 6.03
C SER A 122 -34.23 3.52 5.43
N ALA A 123 -35.34 3.22 6.13
CA ALA A 123 -36.66 3.56 5.62
C ALA A 123 -36.81 5.07 5.45
N ALA A 124 -36.36 5.84 6.45
CA ALA A 124 -36.42 7.29 6.36
C ALA A 124 -35.57 7.81 5.20
N VAL A 125 -34.32 7.34 5.10
CA VAL A 125 -33.42 7.81 4.06
C VAL A 125 -33.97 7.50 2.67
N LYS A 126 -34.75 6.42 2.54
CA LYS A 126 -35.24 6.04 1.21
C LYS A 126 -36.53 6.76 0.88
N GLU A 127 -37.43 6.91 1.86
CA GLU A 127 -38.62 7.73 1.66
C GLU A 127 -38.23 9.15 1.28
N LEU A 128 -37.29 9.75 2.03
CA LEU A 128 -36.88 11.11 1.73
C LEU A 128 -36.17 11.20 0.38
N ALA A 129 -35.35 10.20 0.04
CA ALA A 129 -34.69 10.22 -1.26
C ALA A 129 -35.72 10.19 -2.38
N LYS A 130 -36.76 9.36 -2.24
CA LYS A 130 -37.82 9.29 -3.24
C LYS A 130 -38.54 10.64 -3.38
N LYS A 131 -38.92 11.24 -2.25
CA LYS A 131 -39.61 12.53 -2.31
C LYS A 131 -38.71 13.63 -2.87
N ALA A 132 -37.41 13.59 -2.55
CA ALA A 132 -36.48 14.55 -3.13
C ALA A 132 -36.38 14.39 -4.64
N ARG A 133 -36.35 13.14 -5.11
CA ARG A 133 -36.28 12.92 -6.55
C ARG A 133 -37.57 13.36 -7.24
N ASP A 134 -38.72 13.18 -6.57
CA ASP A 134 -40.01 13.53 -7.15
C ASP A 134 -40.39 14.99 -6.93
N GLY A 135 -39.57 15.78 -6.24
CA GLY A 135 -39.79 17.21 -6.13
C GLY A 135 -41.04 17.65 -5.41
N LYS A 136 -41.32 17.06 -4.25
CA LYS A 136 -42.43 17.47 -3.39
C LYS A 136 -41.97 17.55 -1.94
N LEU A 137 -40.80 18.17 -1.74
CA LEU A 137 -40.17 18.24 -0.43
C LEU A 137 -40.56 19.55 0.25
N LYS A 138 -41.03 19.42 1.49
CA LYS A 138 -41.38 20.58 2.30
C LYS A 138 -40.11 21.31 2.73
N PRO A 139 -40.19 22.63 2.98
CA PRO A 139 -38.96 23.34 3.38
C PRO A 139 -38.41 22.96 4.76
N GLU A 140 -39.28 22.81 5.75
CA GLU A 140 -38.84 22.46 7.13
C GLU A 140 -38.00 21.18 7.11
N GLU A 141 -38.20 20.28 6.15
CA GLU A 141 -37.52 18.99 6.14
C GLU A 141 -36.05 19.11 5.77
N TYR A 142 -35.59 20.22 5.15
CA TYR A 142 -34.15 20.42 4.88
C TYR A 142 -33.71 21.82 5.32
N GLN A 143 -33.65 22.06 6.65
CA GLN A 143 -33.31 23.39 7.16
C GLN A 143 -32.05 23.38 8.03
N GLY A 144 -31.92 22.45 8.97
CA GLY A 144 -30.77 22.47 9.87
C GLY A 144 -30.47 21.12 10.47
N GLY A 145 -29.19 20.89 10.72
CA GLY A 145 -28.68 19.70 11.37
C GLY A 145 -27.48 20.07 12.22
N SER A 146 -26.71 19.06 12.62
CA SER A 146 -25.46 19.24 13.36
C SER A 146 -24.25 18.77 12.58
N ILE A 147 -24.38 17.70 11.79
CA ILE A 147 -23.29 17.13 11.01
C ILE A 147 -23.86 16.75 9.65
N SER A 148 -22.99 16.76 8.63
CA SER A 148 -23.35 16.42 7.26
C SER A 148 -22.41 15.33 6.74
N ILE A 149 -22.96 14.44 5.91
CA ILE A 149 -22.23 13.30 5.36
C ILE A 149 -22.38 13.31 3.85
N SER A 150 -21.32 12.85 3.17
CA SER A 150 -21.33 12.66 1.72
C SER A 150 -20.62 11.35 1.41
N ASN A 151 -21.18 10.58 0.47
CA ASN A 151 -20.63 9.29 0.06
C ASN A 151 -20.53 9.28 -1.46
N MET A 152 -19.44 8.69 -1.97
CA MET A 152 -19.25 8.51 -3.40
C MET A 152 -18.67 7.12 -3.69
N GLY A 153 -19.14 6.10 -2.96
CA GLY A 153 -18.71 4.74 -3.21
C GLY A 153 -19.29 4.07 -4.44
N MET A 154 -20.26 4.67 -5.12
CA MET A 154 -20.80 4.06 -6.33
C MET A 154 -19.82 4.13 -7.50
N ASN A 155 -18.85 5.04 -7.46
CA ASN A 155 -17.87 5.23 -8.52
C ASN A 155 -16.52 4.69 -8.05
N PRO A 156 -15.94 3.65 -8.65
CA PRO A 156 -14.66 3.13 -8.14
C PRO A 156 -13.48 4.06 -8.39
N ALA A 157 -13.62 5.13 -9.16
CA ALA A 157 -12.50 5.98 -9.53
C ALA A 157 -12.26 7.12 -8.55
N VAL A 158 -13.00 7.18 -7.44
CA VAL A 158 -12.88 8.24 -6.44
C VAL A 158 -12.25 7.60 -5.21
N GLN A 159 -10.96 7.88 -4.99
CA GLN A 159 -10.26 7.34 -3.82
C GLN A 159 -10.49 8.22 -2.59
N SER A 160 -10.33 9.53 -2.75
CA SER A 160 -10.53 10.47 -1.66
C SER A 160 -10.88 11.83 -2.25
N PHE A 161 -11.65 12.61 -1.49
CA PHE A 161 -12.07 13.92 -1.94
C PHE A 161 -12.44 14.77 -0.73
N THR A 162 -12.65 16.06 -0.98
CA THR A 162 -12.92 17.05 0.05
C THR A 162 -14.35 17.58 -0.15
N ALA A 163 -14.89 18.22 0.88
CA ALA A 163 -16.21 18.82 0.85
C ALA A 163 -16.20 20.11 1.64
N ILE A 164 -17.16 20.98 1.32
CA ILE A 164 -17.31 22.29 1.96
C ILE A 164 -18.32 22.15 3.10
N ILE A 165 -18.09 22.89 4.18
CA ILE A 165 -18.95 22.84 5.36
C ILE A 165 -20.15 23.75 5.11
N ASN A 166 -21.32 23.34 5.62
CA ASN A 166 -22.52 24.16 5.53
C ASN A 166 -22.43 25.35 6.48
N PRO A 167 -23.20 26.42 6.23
CA PRO A 167 -23.01 27.69 6.99
C PRO A 167 -23.17 27.51 8.49
N PRO A 168 -24.30 27.00 9.00
CA PRO A 168 -24.47 26.97 10.45
C PRO A 168 -23.79 25.81 11.15
N GLN A 169 -23.26 24.84 10.41
CA GLN A 169 -22.65 23.64 10.97
C GLN A 169 -21.14 23.82 11.09
N ALA A 170 -20.51 22.90 11.83
CA ALA A 170 -19.11 22.99 12.21
C ALA A 170 -18.31 21.74 11.83
N ALA A 171 -18.84 20.88 10.97
CA ALA A 171 -18.12 19.68 10.57
C ALA A 171 -18.82 19.04 9.38
N ILE A 172 -18.06 18.28 8.59
CA ILE A 172 -18.62 17.50 7.50
C ILE A 172 -17.71 16.30 7.26
N LEU A 173 -18.31 15.18 6.84
CA LEU A 173 -17.60 13.94 6.57
C LEU A 173 -17.79 13.52 5.12
N ALA A 174 -16.71 13.04 4.52
CA ALA A 174 -16.67 12.57 3.14
C ALA A 174 -16.12 11.15 3.12
N VAL A 175 -16.82 10.27 2.42
CA VAL A 175 -16.50 8.86 2.33
C VAL A 175 -16.12 8.54 0.89
N GLY A 176 -15.08 7.73 0.71
CA GLY A 176 -14.62 7.32 -0.59
C GLY A 176 -15.10 5.93 -0.95
N ALA A 177 -14.43 5.34 -1.97
CA ALA A 177 -14.76 4.03 -2.48
C ALA A 177 -13.80 2.98 -1.92
N PRO A 178 -14.20 1.71 -1.82
CA PRO A 178 -13.29 0.71 -1.22
C PRO A 178 -12.14 0.37 -2.16
N GLN A 179 -11.09 -0.21 -1.57
CA GLN A 179 -9.91 -0.61 -2.30
C GLN A 179 -9.28 -1.76 -1.52
N LYS A 180 -8.26 -2.40 -2.10
CA LYS A 180 -7.59 -3.55 -1.50
C LYS A 180 -6.12 -3.25 -1.26
N VAL A 181 -5.62 -3.65 -0.08
CA VAL A 181 -4.23 -3.43 0.32
C VAL A 181 -3.69 -4.68 1.03
N ALA A 182 -2.36 -4.80 0.99
CA ALA A 182 -1.66 -5.90 1.66
C ALA A 182 -1.38 -5.55 3.12
N VAL A 183 -1.53 -6.54 3.99
CA VAL A 183 -1.28 -6.39 5.43
C VAL A 183 -0.47 -7.59 5.91
N PRO A 184 0.29 -7.44 7.01
CA PRO A 184 1.04 -8.58 7.55
C PRO A 184 0.24 -9.43 8.51
N VAL A 185 0.37 -10.75 8.36
CA VAL A 185 -0.30 -11.73 9.22
C VAL A 185 0.76 -12.66 9.82
N GLU A 186 0.68 -12.88 11.14
CA GLU A 186 1.61 -13.77 11.85
C GLU A 186 1.08 -15.20 11.75
N ASN A 187 1.54 -15.92 10.73
CA ASN A 187 1.15 -17.30 10.53
C ASN A 187 1.58 -18.15 11.73
N GLU A 188 0.75 -19.12 12.09
CA GLU A 188 1.00 -19.95 13.27
C GLU A 188 2.32 -20.71 13.20
N ASP A 189 2.88 -20.92 12.00
CA ASP A 189 4.17 -21.59 11.88
C ASP A 189 5.33 -20.77 12.43
N GLY A 190 5.14 -19.48 12.69
CA GLY A 190 6.17 -18.63 13.25
C GLY A 190 6.87 -17.76 12.21
N THR A 191 6.11 -17.26 11.24
CA THR A 191 6.64 -16.42 10.17
C THR A 191 5.64 -15.29 9.92
N THR A 192 5.87 -14.53 8.85
CA THR A 192 5.02 -13.41 8.46
C THR A 192 4.59 -13.63 7.02
N GLY A 193 3.28 -13.47 6.77
CA GLY A 193 2.71 -13.65 5.45
C GLY A 193 1.87 -12.45 5.04
N VAL A 194 1.39 -12.51 3.81
CA VAL A 194 0.64 -11.44 3.18
C VAL A 194 -0.83 -11.80 3.20
N SER A 195 -1.67 -10.87 3.67
CA SER A 195 -3.11 -10.99 3.60
C SER A 195 -3.66 -9.76 2.88
N TRP A 196 -4.83 -9.92 2.27
CA TRP A 196 -5.45 -8.88 1.46
C TRP A 196 -6.68 -8.35 2.19
N ASP A 197 -6.56 -7.15 2.73
CA ASP A 197 -7.64 -6.48 3.44
C ASP A 197 -8.28 -5.48 2.49
N GLU A 198 -9.56 -5.18 2.75
CA GLU A 198 -10.30 -4.16 2.02
C GLU A 198 -10.50 -2.96 2.93
N GLN A 199 -10.20 -1.77 2.42
CA GLN A 199 -10.18 -0.54 3.20
C GLN A 199 -10.93 0.57 2.46
N ILE A 200 -11.38 1.56 3.23
CA ILE A 200 -11.92 2.80 2.71
C ILE A 200 -11.15 3.94 3.38
N ILE A 201 -11.09 5.09 2.70
CA ILE A 201 -10.42 6.29 3.20
C ILE A 201 -11.49 7.33 3.47
N VAL A 202 -11.52 7.82 4.71
CA VAL A 202 -12.53 8.76 5.20
C VAL A 202 -11.83 10.07 5.50
N THR A 203 -12.41 11.18 5.00
CA THR A 203 -11.91 12.53 5.23
C THR A 203 -12.96 13.31 6.01
N ALA A 204 -12.49 14.12 6.97
CA ALA A 204 -13.36 14.96 7.79
C ALA A 204 -12.82 16.38 7.76
N SER A 205 -13.71 17.33 7.50
CA SER A 205 -13.37 18.74 7.46
C SER A 205 -14.02 19.42 8.65
N PHE A 206 -13.22 20.22 9.37
CA PHE A 206 -13.63 20.84 10.62
C PHE A 206 -13.32 22.32 10.60
N ASP A 207 -14.15 23.09 11.28
CA ASP A 207 -13.89 24.49 11.55
C ASP A 207 -13.04 24.62 12.81
N HIS A 208 -12.16 25.63 12.80
CA HIS A 208 -11.16 25.83 13.85
C HIS A 208 -11.56 26.87 14.88
N LYS A 209 -12.77 27.44 14.79
CA LYS A 209 -13.30 28.32 15.83
C LYS A 209 -14.05 27.56 16.91
N VAL A 210 -14.68 26.45 16.56
CA VAL A 210 -15.45 25.63 17.50
C VAL A 210 -14.72 24.34 17.88
N VAL A 211 -13.76 23.89 17.08
CA VAL A 211 -13.09 22.61 17.25
C VAL A 211 -11.59 22.86 17.17
N ASP A 212 -10.81 21.98 17.81
CA ASP A 212 -9.35 21.98 17.73
C ASP A 212 -8.88 20.67 17.15
N GLY A 213 -7.56 20.60 16.91
CA GLY A 213 -6.99 19.41 16.29
C GLY A 213 -7.16 18.16 17.13
N ALA A 214 -6.91 18.28 18.44
CA ALA A 214 -7.01 17.13 19.32
C ALA A 214 -8.44 16.59 19.37
N VAL A 215 -9.42 17.49 19.40
CA VAL A 215 -10.82 17.08 19.45
C VAL A 215 -11.19 16.29 18.19
N GLY A 216 -10.78 16.79 17.03
CA GLY A 216 -11.03 16.07 15.79
C GLY A 216 -10.33 14.74 15.74
N ALA A 217 -9.09 14.68 16.24
CA ALA A 217 -8.36 13.41 16.27
C ALA A 217 -9.07 12.40 17.16
N GLU A 218 -9.55 12.83 18.33
CA GLU A 218 -10.31 11.94 19.19
C GLU A 218 -11.60 11.48 18.53
N TRP A 219 -12.30 12.40 17.85
CA TRP A 219 -13.51 12.06 17.12
C TRP A 219 -13.25 10.95 16.09
N ILE A 220 -12.17 11.10 15.32
CA ILE A 220 -11.81 10.09 14.33
C ILE A 220 -11.50 8.78 15.02
N ARG A 221 -10.82 8.83 16.17
CA ARG A 221 -10.51 7.59 16.91
C ARG A 221 -11.77 6.87 17.35
N GLU A 222 -12.77 7.59 17.89
CA GLU A 222 -14.00 6.93 18.31
C GLU A 222 -14.72 6.32 17.12
N LEU A 223 -14.82 7.05 16.02
CA LEU A 223 -15.44 6.52 14.81
C LEU A 223 -14.74 5.24 14.35
N LYS A 224 -13.40 5.26 14.30
CA LYS A 224 -12.64 4.09 13.86
C LYS A 224 -12.89 2.90 14.77
N LYS A 225 -12.77 3.10 16.08
CA LYS A 225 -13.01 2.04 17.05
C LYS A 225 -14.40 1.42 16.88
N VAL A 226 -15.41 2.27 16.65
CA VAL A 226 -16.77 1.75 16.48
C VAL A 226 -16.91 0.98 15.17
N ILE A 227 -16.18 1.38 14.12
CA ILE A 227 -16.35 0.74 12.81
C ILE A 227 -15.61 -0.59 12.74
N GLU A 228 -14.31 -0.59 13.06
CA GLU A 228 -13.51 -1.81 12.98
C GLU A 228 -14.08 -2.94 13.85
N ASN A 229 -14.54 -2.60 15.06
CA ASN A 229 -15.28 -3.54 15.89
C ASN A 229 -16.77 -3.25 15.73
N PRO A 230 -17.55 -4.04 14.96
CA PRO A 230 -18.92 -3.61 14.65
C PRO A 230 -19.91 -3.95 15.74
N LEU A 231 -19.62 -4.98 16.54
CA LEU A 231 -20.53 -5.39 17.61
C LEU A 231 -20.77 -4.27 18.60
N GLU A 232 -19.79 -3.38 18.77
CA GLU A 232 -19.89 -2.24 19.68
C GLU A 232 -20.95 -1.22 19.24
N LEU A 233 -21.58 -1.42 18.08
CA LEU A 233 -22.74 -0.63 17.68
C LEU A 233 -23.94 -0.87 18.59
N LEU A 234 -23.94 -1.95 19.39
CA LEU A 234 -25.08 -2.20 20.26
C LEU A 234 -25.11 -1.20 21.41
N LEU A 235 -24.08 -1.21 22.25
CA LEU A 235 -24.02 -0.24 23.34
C LEU A 235 -23.79 1.16 22.79
N ALA B 3 20.16 40.84 13.85
CA ALA B 3 20.86 40.58 12.60
C ALA B 3 19.92 39.97 11.57
N TYR B 4 19.83 40.60 10.40
CA TYR B 4 18.94 40.16 9.33
C TYR B 4 19.25 41.03 8.11
N THR B 5 18.58 40.71 7.00
CA THR B 5 18.71 41.46 5.76
C THR B 5 17.34 41.67 5.14
N ASP B 6 17.21 42.73 4.35
CA ASP B 6 15.98 43.10 3.67
C ASP B 6 16.27 43.39 2.21
N VAL B 7 15.37 42.94 1.33
CA VAL B 7 15.49 43.09 -0.12
C VAL B 7 14.19 43.73 -0.62
N PRO B 8 14.21 44.79 -1.43
CA PRO B 8 12.95 45.38 -1.91
C PRO B 8 12.13 44.40 -2.74
N ILE B 9 10.81 44.48 -2.59
CA ILE B 9 9.91 43.60 -3.35
C ILE B 9 9.97 43.96 -4.82
N SER B 10 9.99 42.94 -5.67
CA SER B 10 10.07 43.13 -7.11
C SER B 10 8.75 43.63 -7.67
N GLY B 11 8.83 44.33 -8.81
CA GLY B 11 7.63 44.80 -9.47
C GLY B 11 6.76 43.66 -9.98
N MET B 12 7.39 42.59 -10.46
CA MET B 12 6.66 41.44 -10.96
C MET B 12 6.11 40.55 -9.85
N ARG B 13 6.62 40.70 -8.63
CA ARG B 13 6.20 39.83 -7.51
C ARG B 13 4.79 40.25 -7.04
N LYS B 14 4.44 41.54 -7.06
CA LYS B 14 3.11 42.00 -6.68
C LYS B 14 2.05 41.64 -7.74
N THR B 15 2.44 41.62 -9.02
CA THR B 15 1.48 41.27 -10.07
C THR B 15 0.93 39.85 -9.90
N ILE B 16 1.74 38.94 -9.39
CA ILE B 16 1.29 37.58 -9.10
C ILE B 16 0.69 37.46 -7.69
N ALA B 17 1.20 38.23 -6.73
CA ALA B 17 0.66 38.19 -5.37
C ALA B 17 -0.81 38.62 -5.35
N ALA B 18 -1.11 39.75 -6.01
CA ALA B 18 -2.47 40.24 -6.08
C ALA B 18 -3.39 39.22 -6.75
N ARG B 19 -2.92 38.62 -7.84
CA ARG B 19 -3.72 37.64 -8.62
C ARG B 19 -4.02 36.43 -7.73
N LEU B 20 -3.00 35.84 -7.11
CA LEU B 20 -3.19 34.71 -6.20
C LEU B 20 -4.15 35.07 -5.07
N LYS B 21 -4.04 36.29 -4.54
CA LYS B 21 -4.91 36.70 -3.44
C LYS B 21 -6.34 36.88 -3.92
N GLU B 22 -6.52 37.23 -5.20
CA GLU B 22 -7.85 37.39 -5.77
C GLU B 22 -8.50 36.04 -6.06
N SER B 23 -7.70 35.05 -6.47
CA SER B 23 -8.26 33.75 -6.83
C SER B 23 -8.90 33.05 -5.62
N VAL B 24 -8.23 33.08 -4.47
CA VAL B 24 -8.74 32.36 -3.29
C VAL B 24 -10.05 32.97 -2.81
N THR B 25 -10.14 34.29 -2.79
CA THR B 25 -11.34 34.97 -2.32
C THR B 25 -12.46 35.04 -3.36
N GLU B 26 -12.21 34.56 -4.59
CA GLU B 26 -13.19 34.60 -5.68
C GLU B 26 -13.68 33.22 -6.09
N ASN B 27 -12.92 32.17 -5.85
CA ASN B 27 -13.25 30.82 -6.27
C ASN B 27 -13.19 29.86 -5.08
N PRO B 28 -14.33 29.37 -4.56
CA PRO B 28 -14.25 28.27 -3.60
C PRO B 28 -13.63 27.04 -4.25
N HIS B 29 -12.87 26.28 -3.46
CA HIS B 29 -12.09 25.16 -3.95
C HIS B 29 -12.57 23.86 -3.31
N PHE B 30 -12.61 22.79 -4.13
CA PHE B 30 -12.76 21.44 -3.59
C PHE B 30 -11.94 20.48 -4.45
N PHE B 31 -11.33 19.52 -3.77
CA PHE B 31 -10.34 18.62 -4.36
C PHE B 31 -10.91 17.22 -4.56
N VAL B 32 -10.29 16.50 -5.49
CA VAL B 32 -10.57 15.10 -5.76
C VAL B 32 -9.25 14.42 -6.10
N SER B 33 -9.07 13.18 -5.64
CA SER B 33 -7.82 12.44 -5.81
C SER B 33 -8.12 11.07 -6.40
N THR B 34 -7.13 10.54 -7.11
CA THR B 34 -7.26 9.20 -7.68
C THR B 34 -5.86 8.63 -7.92
N ASN B 35 -5.83 7.31 -8.11
CA ASN B 35 -4.60 6.57 -8.41
C ASN B 35 -4.74 5.89 -9.76
N LEU B 36 -3.70 6.02 -10.59
CA LEU B 36 -3.69 5.49 -11.95
C LEU B 36 -2.52 4.53 -12.11
N SER B 37 -2.78 3.40 -12.77
CA SER B 37 -1.75 2.45 -13.15
C SER B 37 -1.27 2.78 -14.56
N VAL B 38 0.04 2.84 -14.75
CA VAL B 38 0.64 3.37 -15.97
C VAL B 38 1.67 2.40 -16.55
N SER B 39 1.56 1.11 -16.22
CA SER B 39 2.49 0.14 -16.78
C SER B 39 2.29 -0.02 -18.29
N LYS B 40 1.02 -0.18 -18.70
CA LYS B 40 0.71 -0.35 -20.11
C LYS B 40 1.12 0.87 -20.92
N LEU B 41 0.91 2.07 -20.36
CA LEU B 41 1.33 3.29 -21.03
C LEU B 41 2.83 3.33 -21.25
N LEU B 42 3.61 2.92 -20.24
CA LEU B 42 5.06 2.84 -20.39
C LEU B 42 5.46 1.85 -21.48
N LYS B 43 4.81 0.68 -21.50
CA LYS B 43 5.10 -0.30 -22.54
C LYS B 43 4.80 0.26 -23.93
N LEU B 44 3.67 0.96 -24.08
CA LEU B 44 3.32 1.55 -25.37
C LEU B 44 4.33 2.61 -25.78
N ARG B 45 4.75 3.43 -24.81
CA ARG B 45 5.73 4.51 -25.06
C ARG B 45 7.03 3.88 -25.54
N GLN B 46 7.47 2.80 -24.89
CA GLN B 46 8.70 2.11 -25.29
C GLN B 46 8.55 1.51 -26.68
N ALA B 47 7.37 1.00 -26.99
CA ALA B 47 7.15 0.41 -28.31
C ALA B 47 7.19 1.46 -29.40
N LEU B 48 6.71 2.68 -29.11
CA LEU B 48 6.62 3.75 -30.10
C LEU B 48 7.84 4.65 -30.14
N ASN B 49 8.76 4.56 -29.17
CA ASN B 49 9.99 5.34 -29.15
C ASN B 49 11.19 4.56 -29.70
N SER B 50 10.99 3.32 -30.16
CA SER B 50 12.04 2.50 -30.76
C SER B 50 11.84 2.27 -32.25
N SER B 51 10.61 2.36 -32.75
CA SER B 51 10.34 2.24 -34.17
C SER B 51 10.63 3.51 -34.96
N ALA B 52 11.16 4.55 -34.32
CA ALA B 52 11.52 5.81 -34.96
C ALA B 52 13.02 5.87 -35.22
N ASP B 53 13.41 6.77 -36.12
CA ASP B 53 14.79 6.95 -36.55
C ASP B 53 15.43 8.22 -36.01
N GLY B 54 14.69 9.02 -35.23
CA GLY B 54 15.17 10.31 -34.73
C GLY B 54 14.18 11.44 -34.94
N ARG B 55 13.03 11.16 -35.56
CA ARG B 55 12.06 12.20 -35.86
C ARG B 55 11.51 12.84 -34.58
N TYR B 56 11.22 12.04 -33.57
CA TYR B 56 10.50 12.51 -32.39
C TYR B 56 10.96 11.72 -31.16
N LYS B 57 10.41 12.11 -30.01
CA LYS B 57 10.57 11.37 -28.77
C LYS B 57 9.47 11.83 -27.82
N LEU B 58 8.74 10.87 -27.26
CA LEU B 58 7.51 11.14 -26.54
C LEU B 58 7.74 11.13 -25.02
N SER B 59 6.67 11.48 -24.30
CA SER B 59 6.71 11.53 -22.84
C SER B 59 5.29 11.35 -22.31
N VAL B 60 5.20 11.17 -20.99
CA VAL B 60 3.92 10.87 -20.36
C VAL B 60 2.97 12.06 -20.46
N ASN B 61 3.52 13.28 -20.37
CA ASN B 61 2.70 14.49 -20.33
C ASN B 61 1.82 14.62 -21.56
N ASP B 62 2.34 14.25 -22.74
CA ASP B 62 1.56 14.31 -23.96
C ASP B 62 0.35 13.37 -23.89
N PHE B 63 0.57 12.15 -23.40
CA PHE B 63 -0.52 11.19 -23.22
C PHE B 63 -1.58 11.76 -22.29
N LEU B 64 -1.13 12.34 -21.17
CA LEU B 64 -2.09 12.90 -20.20
C LEU B 64 -2.85 14.06 -20.81
N ILE B 65 -2.18 14.90 -21.60
CA ILE B 65 -2.84 16.03 -22.25
C ILE B 65 -3.93 15.54 -23.21
N LYS B 66 -3.61 14.54 -24.05
CA LYS B 66 -4.60 14.03 -24.99
C LYS B 66 -5.78 13.38 -24.25
N ALA B 67 -5.49 12.58 -23.22
CA ALA B 67 -6.56 11.96 -22.44
C ALA B 67 -7.43 13.01 -21.77
N MET B 68 -6.78 14.10 -21.33
CA MET B 68 -7.48 15.23 -20.67
C MET B 68 -8.41 15.87 -21.70
N GLY B 69 -8.00 16.01 -22.97
CA GLY B 69 -8.87 16.52 -24.02
C GLY B 69 -10.07 15.64 -24.27
N ILE B 70 -9.86 14.32 -24.33
CA ILE B 70 -10.96 13.39 -24.57
C ILE B 70 -11.97 13.46 -23.43
N ALA B 71 -11.47 13.43 -22.19
CA ALA B 71 -12.35 13.49 -21.02
C ALA B 71 -13.13 14.80 -20.98
N SER B 72 -12.47 15.91 -21.34
CA SER B 72 -13.17 17.19 -21.48
C SER B 72 -14.29 17.09 -22.50
N LYS B 73 -14.04 16.40 -23.62
CA LYS B 73 -15.05 16.29 -24.66
C LYS B 73 -16.26 15.50 -24.16
N ARG B 74 -16.01 14.42 -23.41
CA ARG B 74 -17.13 13.60 -22.93
C ARG B 74 -17.97 14.34 -21.90
N VAL B 75 -17.32 15.10 -21.02
CA VAL B 75 -17.98 15.89 -19.99
C VAL B 75 -17.67 17.36 -20.26
N PRO B 76 -18.55 18.09 -20.96
CA PRO B 76 -18.19 19.47 -21.34
C PRO B 76 -18.41 20.51 -20.26
N THR B 77 -19.07 20.16 -19.15
CA THR B 77 -19.36 21.16 -18.11
C THR B 77 -18.10 21.72 -17.47
N VAL B 78 -16.97 21.01 -17.55
CA VAL B 78 -15.72 21.51 -16.98
C VAL B 78 -15.03 22.47 -17.95
N ASN B 79 -15.30 22.33 -19.25
CA ASN B 79 -14.74 23.22 -20.28
C ASN B 79 -15.59 24.49 -20.41
N SER B 80 -15.68 25.23 -19.30
CA SER B 80 -16.55 26.39 -19.21
C SER B 80 -15.85 27.48 -18.41
N SER B 81 -16.55 28.60 -18.23
CA SER B 81 -16.01 29.75 -17.51
C SER B 81 -17.14 30.57 -16.93
N TRP B 82 -16.80 31.36 -15.90
CA TRP B 82 -17.73 32.20 -15.16
C TRP B 82 -17.40 33.66 -15.45
N ARG B 83 -18.31 34.34 -16.14
CA ARG B 83 -18.17 35.74 -16.50
C ARG B 83 -19.05 36.57 -15.55
N ASP B 84 -19.20 37.87 -15.85
CA ASP B 84 -19.88 38.82 -14.97
C ASP B 84 -21.28 38.36 -14.59
N GLY B 85 -22.11 38.02 -15.59
CA GLY B 85 -23.50 37.63 -15.36
C GLY B 85 -23.99 36.53 -16.28
N VAL B 86 -23.08 35.76 -16.86
CA VAL B 86 -23.45 34.71 -17.81
C VAL B 86 -22.35 33.66 -17.80
N ILE B 87 -22.74 32.41 -18.11
CA ILE B 87 -21.81 31.29 -18.18
C ILE B 87 -21.33 31.16 -19.62
N ARG B 88 -20.05 30.84 -19.78
CA ARG B 88 -19.43 30.66 -21.09
C ARG B 88 -19.10 29.19 -21.26
N GLN B 89 -19.57 28.60 -22.36
CA GLN B 89 -19.34 27.20 -22.70
C GLN B 89 -18.63 27.14 -24.05
N PHE B 90 -17.51 26.45 -24.10
CA PHE B 90 -16.67 26.35 -25.28
C PHE B 90 -16.94 25.04 -26.01
N GLU B 91 -16.26 24.87 -27.16
CA GLU B 91 -16.28 23.65 -27.94
C GLU B 91 -14.89 23.20 -28.39
N THR B 92 -13.85 23.97 -28.09
CA THR B 92 -12.46 23.65 -28.41
C THR B 92 -11.67 23.62 -27.11
N VAL B 93 -10.76 22.67 -27.01
CA VAL B 93 -9.99 22.43 -25.79
C VAL B 93 -8.61 23.02 -25.95
N ASP B 94 -8.29 23.99 -25.10
CA ASP B 94 -6.95 24.59 -25.01
C ASP B 94 -6.43 24.33 -23.61
N VAL B 95 -5.18 23.84 -23.54
CA VAL B 95 -4.57 23.37 -22.30
C VAL B 95 -3.39 24.27 -21.99
N SER B 96 -3.24 24.63 -20.71
CA SER B 96 -2.16 25.48 -20.22
C SER B 96 -1.15 24.62 -19.46
N VAL B 97 0.10 24.63 -19.93
CA VAL B 97 1.19 23.90 -19.31
C VAL B 97 2.07 24.90 -18.58
N ALA B 98 2.64 24.47 -17.46
CA ALA B 98 3.45 25.30 -16.58
C ALA B 98 4.92 25.00 -16.80
N VAL B 99 5.71 26.05 -17.05
CA VAL B 99 7.15 25.96 -17.24
C VAL B 99 7.82 26.85 -16.19
N ALA B 100 8.78 26.26 -15.46
CA ALA B 100 9.48 26.95 -14.38
C ALA B 100 10.83 27.42 -14.89
N THR B 101 11.16 28.67 -14.59
CA THR B 101 12.41 29.30 -14.96
C THR B 101 12.87 30.13 -13.77
N PRO B 102 14.17 30.45 -13.66
CA PRO B 102 14.62 31.26 -12.53
C PRO B 102 13.94 32.61 -12.43
N ASN B 103 13.54 33.20 -13.56
CA ASN B 103 12.84 34.47 -13.53
C ASN B 103 11.40 34.34 -13.04
N GLY B 104 10.84 33.13 -13.02
CA GLY B 104 9.49 32.92 -12.53
C GLY B 104 8.84 31.76 -13.24
N LEU B 105 7.51 31.73 -13.15
CA LEU B 105 6.68 30.67 -13.70
C LEU B 105 5.91 31.24 -14.90
N ILE B 106 5.97 30.55 -16.02
CA ILE B 106 5.31 31.03 -17.27
C ILE B 106 4.06 30.17 -17.45
N THR B 107 3.34 30.32 -18.57
CA THR B 107 2.08 29.57 -18.82
C THR B 107 1.90 29.39 -20.33
N PRO B 108 2.83 28.70 -21.04
CA PRO B 108 2.64 28.42 -22.46
C PRO B 108 1.27 27.79 -22.72
N ILE B 109 0.79 27.78 -23.97
CA ILE B 109 -0.53 27.29 -24.32
C ILE B 109 -0.39 26.37 -25.53
N VAL B 110 -1.26 25.35 -25.60
CA VAL B 110 -1.37 24.44 -26.72
C VAL B 110 -2.82 24.49 -27.20
N LYS B 111 -3.01 24.59 -28.52
CA LYS B 111 -4.32 24.77 -29.13
C LYS B 111 -4.67 23.59 -30.02
N GLY B 112 -5.98 23.33 -30.14
CA GLY B 112 -6.46 22.26 -31.01
C GLY B 112 -5.97 20.89 -30.60
N VAL B 113 -6.01 20.60 -29.30
CA VAL B 113 -5.54 19.30 -28.80
C VAL B 113 -6.46 18.17 -29.25
N GLU B 114 -7.77 18.39 -29.21
CA GLU B 114 -8.77 17.35 -29.58
C GLU B 114 -8.39 16.76 -30.94
N GLY B 115 -8.21 17.60 -31.96
CA GLY B 115 -7.87 17.19 -33.31
C GLY B 115 -6.38 17.25 -33.60
N LYS B 116 -5.60 16.45 -32.89
CA LYS B 116 -4.14 16.53 -32.98
C LYS B 116 -3.55 15.19 -32.57
N GLY B 117 -2.27 15.02 -32.88
CA GLY B 117 -1.51 13.84 -32.52
C GLY B 117 -0.40 14.17 -31.53
N LEU B 118 0.26 13.11 -31.06
CA LEU B 118 1.26 13.25 -30.01
C LEU B 118 2.47 14.05 -30.50
N GLU B 119 2.90 13.81 -31.75
CA GLU B 119 4.09 14.45 -32.29
C GLU B 119 3.95 15.98 -32.29
N SER B 120 2.84 16.49 -32.80
CA SER B 120 2.62 17.93 -32.85
C SER B 120 2.58 18.53 -31.45
N ILE B 121 1.92 17.84 -30.51
CA ILE B 121 1.83 18.32 -29.14
C ILE B 121 3.22 18.43 -28.53
N SER B 122 4.05 17.41 -28.72
CA SER B 122 5.41 17.43 -28.17
C SER B 122 6.22 18.55 -28.79
N ALA B 123 6.15 18.69 -30.11
CA ALA B 123 6.92 19.73 -30.80
C ALA B 123 6.51 21.12 -30.33
N ALA B 124 5.21 21.36 -30.19
CA ALA B 124 4.73 22.65 -29.70
C ALA B 124 5.19 22.90 -28.28
N VAL B 125 5.02 21.91 -27.39
CA VAL B 125 5.40 22.07 -25.99
C VAL B 125 6.89 22.35 -25.85
N LYS B 126 7.71 21.83 -26.77
CA LYS B 126 9.16 22.00 -26.64
C LYS B 126 9.61 23.31 -27.26
N GLU B 127 9.05 23.69 -28.40
CA GLU B 127 9.32 25.00 -28.97
C GLU B 127 8.94 26.10 -27.99
N LEU B 128 7.74 26.01 -27.40
CA LEU B 128 7.30 27.02 -26.46
C LEU B 128 8.15 27.01 -25.20
N ALA B 129 8.54 25.83 -24.72
CA ALA B 129 9.41 25.78 -23.54
C ALA B 129 10.73 26.47 -23.81
N LYS B 130 11.31 26.23 -24.99
CA LYS B 130 12.56 26.89 -25.36
C LYS B 130 12.41 28.40 -25.42
N LYS B 131 11.35 28.89 -26.07
CA LYS B 131 11.15 30.34 -26.15
C LYS B 131 10.85 30.94 -24.78
N ALA B 132 10.14 30.21 -23.92
CA ALA B 132 9.92 30.69 -22.56
C ALA B 132 11.22 30.80 -21.78
N ARG B 133 12.11 29.82 -21.95
CA ARG B 133 13.39 29.87 -21.25
C ARG B 133 14.25 31.00 -21.79
N ASP B 134 14.17 31.28 -23.10
CA ASP B 134 14.98 32.32 -23.72
C ASP B 134 14.36 33.71 -23.64
N GLY B 135 13.17 33.84 -23.06
CA GLY B 135 12.60 35.15 -22.80
C GLY B 135 12.26 36.00 -24.01
N LYS B 136 11.61 35.40 -25.01
CA LYS B 136 11.11 36.13 -26.18
C LYS B 136 9.68 35.68 -26.50
N LEU B 137 8.85 35.62 -25.46
CA LEU B 137 7.49 35.12 -25.57
C LEU B 137 6.54 36.28 -25.78
N LYS B 138 5.71 36.17 -26.82
CA LYS B 138 4.70 37.17 -27.09
C LYS B 138 3.58 37.10 -26.05
N PRO B 139 2.88 38.21 -25.79
CA PRO B 139 1.82 38.15 -24.76
C PRO B 139 0.61 37.30 -25.14
N GLU B 140 0.14 37.39 -26.38
CA GLU B 140 -1.04 36.61 -26.83
C GLU B 140 -0.83 35.12 -26.59
N GLU B 141 0.42 34.63 -26.59
CA GLU B 141 0.68 33.21 -26.48
C GLU B 141 0.43 32.66 -25.07
N TYR B 142 0.35 33.52 -24.02
CA TYR B 142 -0.01 33.03 -22.67
C TYR B 142 -1.10 33.93 -22.06
N GLN B 143 -2.33 33.85 -22.58
CA GLN B 143 -3.42 34.71 -22.12
C GLN B 143 -4.60 33.93 -21.54
N GLY B 144 -5.08 32.89 -22.23
CA GLY B 144 -6.26 32.18 -21.75
C GLY B 144 -6.34 30.76 -22.28
N GLY B 145 -6.92 29.90 -21.45
CA GLY B 145 -7.19 28.51 -21.78
C GLY B 145 -8.47 28.08 -21.11
N SER B 146 -8.68 26.76 -21.03
CA SER B 146 -9.83 26.18 -20.35
C SER B 146 -9.42 25.34 -19.15
N ILE B 147 -8.28 24.64 -19.23
CA ILE B 147 -7.79 23.77 -18.17
C ILE B 147 -6.29 24.00 -18.08
N SER B 148 -5.73 23.76 -16.88
CA SER B 148 -4.31 23.91 -16.60
C SER B 148 -3.78 22.64 -15.96
N ILE B 149 -2.53 22.31 -16.29
CA ILE B 149 -1.88 21.09 -15.84
C ILE B 149 -0.54 21.45 -15.20
N SER B 150 -0.17 20.68 -14.17
CA SER B 150 1.14 20.79 -13.53
C SER B 150 1.66 19.40 -13.25
N ASN B 151 2.96 19.19 -13.49
CA ASN B 151 3.63 17.91 -13.30
C ASN B 151 4.88 18.14 -12.47
N MET B 152 5.15 17.20 -11.55
CA MET B 152 6.37 17.23 -10.73
C MET B 152 6.95 15.83 -10.61
N GLY B 153 6.91 15.06 -11.69
CA GLY B 153 7.50 13.73 -11.69
C GLY B 153 9.02 13.66 -11.78
N MET B 154 9.70 14.79 -12.00
CA MET B 154 11.16 14.76 -12.04
C MET B 154 11.77 14.56 -10.66
N ASN B 155 11.03 14.87 -9.59
CA ASN B 155 11.51 14.75 -8.22
C ASN B 155 10.83 13.56 -7.56
N PRO B 156 11.55 12.49 -7.16
CA PRO B 156 10.87 11.34 -6.56
C PRO B 156 10.28 11.59 -5.18
N ALA B 157 10.57 12.73 -4.55
CA ALA B 157 10.14 12.98 -3.18
C ALA B 157 8.77 13.65 -3.09
N VAL B 158 8.07 13.85 -4.21
CA VAL B 158 6.77 14.50 -4.23
C VAL B 158 5.75 13.42 -4.57
N GLN B 159 4.99 12.99 -3.56
CA GLN B 159 3.97 11.96 -3.76
C GLN B 159 2.67 12.58 -4.25
N SER B 160 2.22 13.65 -3.60
CA SER B 160 1.00 14.34 -3.98
C SER B 160 1.08 15.78 -3.51
N PHE B 161 0.42 16.68 -4.22
CA PHE B 161 0.43 18.08 -3.89
C PHE B 161 -0.80 18.75 -4.50
N THR B 162 -1.02 20.00 -4.10
CA THR B 162 -2.18 20.79 -4.48
C THR B 162 -1.71 21.97 -5.34
N ALA B 163 -2.65 22.57 -6.07
CA ALA B 163 -2.38 23.73 -6.90
C ALA B 163 -3.57 24.68 -6.85
N ILE B 164 -3.30 25.95 -7.15
CA ILE B 164 -4.31 27.01 -7.15
C ILE B 164 -4.85 27.16 -8.56
N ILE B 165 -6.14 27.48 -8.67
CA ILE B 165 -6.81 27.63 -9.95
C ILE B 165 -6.53 29.03 -10.48
N ASN B 166 -6.38 29.15 -11.80
CA ASN B 166 -6.19 30.45 -12.43
C ASN B 166 -7.51 31.24 -12.42
N PRO B 167 -7.44 32.58 -12.56
CA PRO B 167 -8.65 33.40 -12.34
C PRO B 167 -9.80 33.05 -13.27
N PRO B 168 -9.62 33.06 -14.60
CA PRO B 168 -10.77 32.85 -15.48
C PRO B 168 -11.15 31.39 -15.67
N GLN B 169 -10.33 30.45 -15.21
CA GLN B 169 -10.55 29.02 -15.41
C GLN B 169 -11.26 28.42 -14.21
N ALA B 170 -11.75 27.19 -14.40
CA ALA B 170 -12.61 26.51 -13.43
C ALA B 170 -12.09 25.13 -13.03
N ALA B 171 -10.83 24.82 -13.33
CA ALA B 171 -10.27 23.52 -12.96
C ALA B 171 -8.76 23.55 -13.15
N ILE B 172 -8.07 22.69 -12.40
CA ILE B 172 -6.63 22.49 -12.58
C ILE B 172 -6.28 21.08 -12.14
N LEU B 173 -5.26 20.51 -12.79
CA LEU B 173 -4.81 19.14 -12.52
C LEU B 173 -3.34 19.16 -12.09
N ALA B 174 -3.03 18.34 -11.09
CA ALA B 174 -1.70 18.19 -10.54
C ALA B 174 -1.31 16.73 -10.57
N VAL B 175 -0.12 16.44 -11.09
CA VAL B 175 0.40 15.09 -11.27
C VAL B 175 1.60 14.92 -10.36
N GLY B 176 1.70 13.76 -9.72
CA GLY B 176 2.80 13.44 -8.85
C GLY B 176 3.83 12.55 -9.53
N ALA B 177 4.69 11.92 -8.69
CA ALA B 177 5.76 11.06 -9.15
C ALA B 177 5.35 9.59 -9.03
N PRO B 178 5.90 8.67 -9.82
CA PRO B 178 5.46 7.27 -9.73
C PRO B 178 5.98 6.60 -8.47
N GLN B 179 5.34 5.49 -8.13
CA GLN B 179 5.69 4.71 -6.95
C GLN B 179 5.25 3.27 -7.23
N LYS B 180 5.64 2.35 -6.35
CA LYS B 180 5.34 0.93 -6.51
C LYS B 180 4.50 0.42 -5.34
N VAL B 181 3.48 -0.39 -5.67
CA VAL B 181 2.56 -0.96 -4.69
C VAL B 181 2.26 -2.41 -5.03
N ALA B 182 1.86 -3.16 -4.00
CA ALA B 182 1.48 -4.56 -4.14
C ALA B 182 0.01 -4.68 -4.52
N VAL B 183 -0.29 -5.62 -5.42
CA VAL B 183 -1.66 -5.89 -5.88
C VAL B 183 -1.89 -7.40 -5.88
N PRO B 184 -3.14 -7.85 -5.77
CA PRO B 184 -3.42 -9.30 -5.83
C PRO B 184 -3.61 -9.82 -7.25
N VAL B 185 -3.00 -10.98 -7.52
CA VAL B 185 -3.11 -11.66 -8.81
C VAL B 185 -3.62 -13.08 -8.58
N GLU B 186 -4.62 -13.48 -9.38
CA GLU B 186 -5.20 -14.82 -9.29
C GLU B 186 -4.37 -15.77 -10.16
N ASN B 187 -3.39 -16.40 -9.52
CA ASN B 187 -2.54 -17.36 -10.21
C ASN B 187 -3.37 -18.52 -10.75
N GLU B 188 -2.99 -19.02 -11.93
CA GLU B 188 -3.75 -20.07 -12.60
C GLU B 188 -3.87 -21.35 -11.76
N ASP B 189 -2.97 -21.57 -10.80
CA ASP B 189 -3.06 -22.75 -9.94
C ASP B 189 -4.26 -22.71 -9.01
N GLY B 190 -4.93 -21.57 -8.85
CA GLY B 190 -6.10 -21.45 -8.01
C GLY B 190 -5.82 -20.86 -6.64
N THR B 191 -4.92 -19.86 -6.59
CA THR B 191 -4.53 -19.20 -5.35
C THR B 191 -4.42 -17.71 -5.63
N THR B 192 -3.90 -16.96 -4.66
CA THR B 192 -3.70 -15.53 -4.75
C THR B 192 -2.23 -15.22 -4.46
N GLY B 193 -1.62 -14.40 -5.32
CA GLY B 193 -0.24 -14.02 -5.19
C GLY B 193 -0.06 -12.52 -5.25
N VAL B 194 1.18 -12.10 -5.04
CA VAL B 194 1.55 -10.70 -4.95
C VAL B 194 2.21 -10.29 -6.27
N SER B 195 1.75 -9.18 -6.85
CA SER B 195 2.37 -8.58 -8.01
C SER B 195 2.69 -7.12 -7.67
N TRP B 196 3.68 -6.57 -8.36
CA TRP B 196 4.18 -5.22 -8.09
C TRP B 196 3.80 -4.33 -9.25
N ASP B 197 2.81 -3.46 -9.01
CA ASP B 197 2.34 -2.50 -10.00
C ASP B 197 2.97 -1.16 -9.71
N GLU B 198 3.10 -0.33 -10.75
CA GLU B 198 3.58 1.04 -10.62
C GLU B 198 2.41 1.99 -10.83
N GLN B 199 2.26 2.95 -9.93
CA GLN B 199 1.11 3.85 -9.88
C GLN B 199 1.57 5.29 -9.73
N ILE B 200 0.68 6.21 -10.13
CA ILE B 200 0.82 7.64 -9.88
C ILE B 200 -0.47 8.10 -9.20
N ILE B 201 -0.36 9.19 -8.43
CA ILE B 201 -1.50 9.79 -7.73
C ILE B 201 -1.76 11.14 -8.37
N VAL B 202 -2.99 11.34 -8.84
CA VAL B 202 -3.41 12.53 -9.56
C VAL B 202 -4.44 13.26 -8.70
N THR B 203 -4.25 14.58 -8.55
CA THR B 203 -5.15 15.43 -7.81
C THR B 203 -5.74 16.47 -8.75
N ALA B 204 -7.04 16.75 -8.58
CA ALA B 204 -7.75 17.72 -9.39
C ALA B 204 -8.48 18.67 -8.46
N SER B 205 -8.32 19.97 -8.71
CA SER B 205 -8.96 21.02 -7.94
C SER B 205 -10.01 21.68 -8.82
N PHE B 206 -11.21 21.85 -8.27
CA PHE B 206 -12.38 22.32 -9.01
C PHE B 206 -13.04 23.44 -8.23
N ASP B 207 -13.63 24.37 -8.99
CA ASP B 207 -14.52 25.39 -8.43
C ASP B 207 -15.93 24.85 -8.32
N HIS B 208 -16.64 25.28 -7.27
CA HIS B 208 -17.96 24.76 -6.94
C HIS B 208 -19.10 25.65 -7.41
N LYS B 209 -18.81 26.73 -8.13
CA LYS B 209 -19.86 27.54 -8.76
C LYS B 209 -20.21 27.05 -10.17
N VAL B 210 -19.23 26.47 -10.88
CA VAL B 210 -19.44 25.97 -12.23
C VAL B 210 -19.52 24.45 -12.28
N VAL B 211 -19.00 23.74 -11.27
CA VAL B 211 -18.89 22.29 -11.27
C VAL B 211 -19.45 21.80 -9.94
N ASP B 212 -19.91 20.55 -9.93
CA ASP B 212 -20.37 19.86 -8.74
C ASP B 212 -19.54 18.60 -8.52
N GLY B 213 -19.78 17.96 -7.37
CA GLY B 213 -18.98 16.79 -7.01
C GLY B 213 -19.15 15.65 -7.99
N ALA B 214 -20.39 15.37 -8.40
CA ALA B 214 -20.65 14.27 -9.32
C ALA B 214 -19.97 14.50 -10.66
N VAL B 215 -19.99 15.74 -11.15
CA VAL B 215 -19.37 16.05 -12.44
C VAL B 215 -17.86 15.81 -12.37
N GLY B 216 -17.22 16.26 -11.30
CA GLY B 216 -15.80 16.01 -11.13
C GLY B 216 -15.47 14.53 -11.00
N ALA B 217 -16.32 13.79 -10.29
CA ALA B 217 -16.11 12.34 -10.16
C ALA B 217 -16.20 11.65 -11.51
N GLU B 218 -17.20 12.04 -12.31
CA GLU B 218 -17.31 11.47 -13.66
C GLU B 218 -16.10 11.83 -14.51
N TRP B 219 -15.64 13.08 -14.42
CA TRP B 219 -14.44 13.52 -15.15
C TRP B 219 -13.24 12.65 -14.80
N ILE B 220 -13.03 12.40 -13.50
CA ILE B 220 -11.93 11.56 -13.07
C ILE B 220 -12.11 10.15 -13.62
N ARG B 221 -13.35 9.64 -13.62
CA ARG B 221 -13.59 8.30 -14.16
C ARG B 221 -13.22 8.21 -15.64
N GLU B 222 -13.61 9.21 -16.45
CA GLU B 222 -13.26 9.15 -17.88
C GLU B 222 -11.75 9.21 -18.07
N LEU B 223 -11.08 10.10 -17.35
CA LEU B 223 -9.62 10.18 -17.42
C LEU B 223 -8.98 8.84 -17.07
N LYS B 224 -9.41 8.22 -15.97
CA LYS B 224 -8.86 6.94 -15.55
C LYS B 224 -9.07 5.87 -16.61
N LYS B 225 -10.31 5.73 -17.10
CA LYS B 225 -10.62 4.75 -18.13
C LYS B 225 -9.74 4.94 -19.36
N VAL B 226 -9.51 6.19 -19.77
CA VAL B 226 -8.68 6.43 -20.95
C VAL B 226 -7.21 6.10 -20.67
N ILE B 227 -6.74 6.29 -19.43
CA ILE B 227 -5.32 6.09 -19.14
C ILE B 227 -5.01 4.61 -18.96
N GLU B 228 -5.74 3.91 -18.09
CA GLU B 228 -5.48 2.49 -17.83
C GLU B 228 -5.57 1.65 -19.10
N ASN B 229 -6.55 1.92 -19.95
CA ASN B 229 -6.63 1.31 -21.28
C ASN B 229 -6.07 2.32 -22.28
N PRO B 230 -4.83 2.17 -22.80
CA PRO B 230 -4.24 3.26 -23.58
C PRO B 230 -4.68 3.24 -25.04
N LEU B 231 -5.06 2.07 -25.55
CA LEU B 231 -5.47 1.96 -26.95
C LEU B 231 -6.67 2.85 -27.26
N GLU B 232 -7.52 3.08 -26.24
CA GLU B 232 -8.70 3.94 -26.39
C GLU B 232 -8.35 5.41 -26.67
N LEU B 233 -7.06 5.76 -26.66
CA LEU B 233 -6.62 7.07 -27.12
C LEU B 233 -6.87 7.27 -28.61
N LEU B 234 -7.11 6.20 -29.37
CA LEU B 234 -7.34 6.38 -30.80
C LEU B 234 -8.70 7.02 -31.07
N LEU B 235 -9.78 6.36 -30.66
CA LEU B 235 -11.11 6.94 -30.82
C LEU B 235 -11.27 8.13 -29.87
N PRO C 27 -27.27 -26.43 -21.28
CA PRO C 27 -25.86 -26.81 -21.26
C PRO C 27 -25.63 -28.32 -21.50
N PRO C 28 -25.56 -28.75 -22.77
CA PRO C 28 -25.33 -30.17 -23.06
C PRO C 28 -24.00 -30.65 -22.48
N VAL C 29 -23.98 -31.91 -22.05
CA VAL C 29 -22.80 -32.53 -21.45
C VAL C 29 -22.57 -33.88 -22.11
N ALA C 30 -21.31 -34.32 -22.09
CA ALA C 30 -20.93 -35.61 -22.67
C ALA C 30 -19.81 -36.24 -21.86
N VAL C 31 -19.65 -37.56 -22.02
CA VAL C 31 -18.70 -38.35 -21.25
C VAL C 31 -17.70 -39.02 -22.20
N VAL C 32 -16.51 -39.30 -21.67
CA VAL C 32 -15.44 -39.99 -22.38
C VAL C 32 -14.93 -41.09 -21.46
N THR C 33 -14.54 -42.22 -22.04
CA THR C 33 -14.13 -43.41 -21.28
C THR C 33 -12.92 -44.07 -21.94
N ALA C 34 -12.15 -44.80 -21.12
CA ALA C 34 -10.98 -45.54 -21.60
C ALA C 34 -10.62 -46.70 -20.64
N PRO C 35 -10.44 -47.97 -21.15
CA PRO C 35 -10.00 -49.05 -20.25
C PRO C 35 -8.64 -48.83 -19.60
N ILE C 36 -8.24 -49.74 -18.72
CA ILE C 36 -6.98 -49.60 -17.98
C ILE C 36 -6.57 -50.97 -17.46
N SER C 37 -5.26 -51.17 -17.29
CA SER C 37 -4.67 -52.37 -16.68
C SER C 37 -3.68 -51.91 -15.63
N LEU C 38 -3.82 -52.41 -14.40
CA LEU C 38 -3.03 -51.96 -13.25
C LEU C 38 -2.02 -53.01 -12.79
N SER C 39 -1.68 -53.98 -13.64
CA SER C 39 -0.77 -55.04 -13.23
C SER C 39 0.63 -54.51 -12.91
N ALA C 40 1.14 -53.61 -13.74
CA ALA C 40 2.51 -53.12 -13.57
C ALA C 40 2.68 -52.38 -12.25
N ALA C 41 1.69 -51.56 -11.88
CA ALA C 41 1.75 -50.87 -10.59
C ALA C 41 1.79 -51.86 -9.44
N ILE C 42 1.01 -52.93 -9.53
CA ILE C 42 1.04 -53.98 -8.51
C ILE C 42 2.44 -54.57 -8.40
N ASP C 43 3.05 -54.87 -9.56
CA ASP C 43 4.39 -55.45 -9.57
C ASP C 43 5.40 -54.54 -8.88
N VAL C 44 5.38 -53.24 -9.22
CA VAL C 44 6.30 -52.29 -8.61
C VAL C 44 6.09 -52.20 -7.10
N GLN C 45 4.82 -52.17 -6.66
CA GLN C 45 4.55 -52.09 -5.23
C GLN C 45 5.07 -53.31 -4.49
N ASN C 46 4.72 -54.52 -4.98
CA ASN C 46 5.21 -55.75 -4.36
C ASN C 46 6.72 -55.77 -4.29
N LYS C 47 7.40 -55.47 -5.40
CA LYS C 47 8.85 -55.56 -5.46
C LYS C 47 9.48 -54.58 -4.48
N LEU C 48 8.97 -53.35 -4.45
CA LEU C 48 9.49 -52.35 -3.51
C LEU C 48 9.32 -52.82 -2.07
N HIS C 49 8.17 -53.44 -1.76
CA HIS C 49 7.94 -53.99 -0.43
C HIS C 49 8.95 -55.08 -0.04
N LYS C 50 9.56 -55.78 -1.01
CA LYS C 50 10.42 -56.92 -0.69
C LYS C 50 11.88 -56.54 -0.53
N THR C 51 12.29 -55.41 -1.10
CA THR C 51 13.68 -54.99 -1.12
C THR C 51 14.03 -53.91 -0.10
N ILE C 52 13.05 -53.14 0.38
CA ILE C 52 13.31 -52.04 1.32
C ILE C 52 12.38 -52.14 2.50
N GLY C 53 11.08 -52.27 2.24
CA GLY C 53 10.06 -52.29 3.26
C GLY C 53 8.94 -51.29 3.00
N VAL C 54 9.17 -50.37 2.05
CA VAL C 54 8.16 -49.35 1.76
C VAL C 54 6.95 -50.02 1.13
N PHE C 55 5.77 -49.68 1.65
CA PHE C 55 4.50 -50.10 1.07
C PHE C 55 3.62 -48.87 1.01
N LEU C 56 3.07 -48.59 -0.17
CA LEU C 56 2.22 -47.45 -0.43
C LEU C 56 1.00 -47.88 -1.26
N PRO C 57 -0.10 -47.11 -1.20
CA PRO C 57 -1.32 -47.52 -1.90
C PRO C 57 -1.28 -47.11 -3.37
N LEU C 58 -2.21 -47.69 -4.13
CA LEU C 58 -2.40 -47.31 -5.53
C LEU C 58 -2.76 -45.83 -5.67
N SER C 59 -3.36 -45.23 -4.64
CA SER C 59 -3.91 -43.87 -4.73
C SER C 59 -2.84 -42.86 -5.12
N THR C 60 -1.66 -42.95 -4.50
CA THR C 60 -0.60 -41.99 -4.80
C THR C 60 -0.13 -42.11 -6.24
N PHE C 61 -0.02 -43.34 -6.76
CA PHE C 61 0.21 -43.53 -8.19
C PHE C 61 -0.84 -42.81 -9.02
N ILE C 62 -2.12 -42.88 -8.61
CA ILE C 62 -3.18 -42.25 -9.40
C ILE C 62 -3.00 -40.74 -9.38
N THR C 63 -2.80 -40.15 -8.21
CA THR C 63 -2.64 -38.70 -8.13
C THR C 63 -1.38 -38.22 -8.83
N ARG C 64 -0.26 -38.93 -8.64
CA ARG C 64 1.00 -38.50 -9.26
C ARG C 64 0.91 -38.57 -10.78
N ALA C 65 0.24 -39.60 -11.32
CA ALA C 65 0.01 -39.65 -12.75
C ALA C 65 -0.86 -38.47 -13.19
N THR C 66 -1.90 -38.16 -12.40
CA THR C 66 -2.74 -37.00 -12.72
C THR C 66 -1.96 -35.70 -12.70
N GLU C 67 -0.96 -35.56 -11.82
CA GLU C 67 -0.17 -34.33 -11.79
C GLU C 67 0.69 -34.20 -13.04
N ILE C 68 1.42 -35.26 -13.40
CA ILE C 68 2.28 -35.17 -14.59
C ILE C 68 1.44 -35.03 -15.86
N ALA C 69 0.17 -35.43 -15.85
CA ALA C 69 -0.66 -35.35 -17.04
C ALA C 69 -1.09 -33.91 -17.33
N ASN C 70 -1.64 -33.22 -16.32
CA ASN C 70 -2.17 -31.87 -16.49
C ASN C 70 -1.02 -30.85 -16.55
N GLN C 71 -0.24 -30.96 -17.62
CA GLN C 71 0.87 -30.06 -17.92
C GLN C 71 0.81 -29.49 -19.33
N LYS C 72 0.38 -30.29 -20.31
CA LYS C 72 0.43 -29.91 -21.73
C LYS C 72 -0.80 -30.49 -22.40
N LEU C 73 -1.88 -29.72 -22.45
CA LEU C 73 -3.16 -30.14 -22.99
C LEU C 73 -3.62 -29.07 -23.97
N PRO C 74 -4.12 -29.44 -25.20
CA PRO C 74 -4.54 -28.39 -26.14
C PRO C 74 -5.72 -27.59 -25.64
N LEU C 75 -6.12 -26.54 -26.38
CA LEU C 75 -7.17 -25.62 -25.99
C LEU C 75 -8.40 -25.85 -26.86
N PRO C 76 -9.61 -25.52 -26.38
CA PRO C 76 -10.80 -25.61 -27.25
C PRO C 76 -10.68 -24.71 -28.45
N ALA C 77 -11.23 -25.18 -29.58
CA ALA C 77 -11.21 -24.40 -30.81
C ALA C 77 -12.02 -23.11 -30.72
N ASN C 78 -12.95 -23.02 -29.76
CA ASN C 78 -13.80 -21.84 -29.56
C ASN C 78 -13.36 -21.03 -28.34
N TYR C 79 -12.04 -20.90 -28.16
CA TYR C 79 -11.46 -20.14 -27.06
C TYR C 79 -11.44 -18.66 -27.43
N GLN C 80 -11.92 -17.82 -26.51
CA GLN C 80 -11.93 -16.36 -26.69
C GLN C 80 -10.87 -15.71 -25.81
N PRO C 81 -9.90 -14.92 -26.35
CA PRO C 81 -8.86 -14.33 -25.47
C PRO C 81 -9.37 -13.21 -24.57
N THR C 82 -8.47 -12.66 -23.73
CA THR C 82 -8.76 -11.57 -22.81
C THR C 82 -8.06 -10.29 -23.28
N ALA C 83 -8.28 -9.19 -22.53
CA ALA C 83 -7.76 -7.90 -22.94
C ALA C 83 -6.23 -7.87 -22.93
N ASP C 84 -5.61 -8.42 -21.89
CA ASP C 84 -4.17 -8.36 -21.74
C ASP C 84 -3.48 -9.08 -22.89
N GLU C 85 -4.00 -10.27 -23.22
CA GLU C 85 -3.45 -11.08 -24.31
C GLU C 85 -3.47 -10.31 -25.63
N LEU C 86 -4.62 -9.73 -25.98
CA LEU C 86 -4.74 -9.00 -27.24
C LEU C 86 -3.84 -7.76 -27.26
N PHE C 87 -3.71 -7.11 -26.10
CA PHE C 87 -2.82 -5.92 -26.01
C PHE C 87 -1.40 -6.31 -26.40
N ASN C 88 -0.79 -7.25 -25.67
CA ASN C 88 0.61 -7.67 -25.95
C ASN C 88 0.74 -8.08 -27.41
N GLN C 89 -0.18 -8.91 -27.91
CA GLN C 89 -0.15 -9.30 -29.34
C GLN C 89 -0.02 -8.03 -30.18
N VAL C 90 -1.04 -7.16 -30.16
CA VAL C 90 -1.01 -5.90 -30.95
C VAL C 90 0.37 -5.24 -30.79
N LEU C 91 0.89 -5.17 -29.57
CA LEU C 91 2.19 -4.50 -29.31
C LEU C 91 3.31 -5.26 -30.04
N GLY C 92 3.71 -6.43 -29.53
CA GLY C 92 4.79 -7.18 -30.13
C GLY C 92 5.69 -7.91 -29.14
N LEU C 93 5.22 -8.17 -27.91
CA LEU C 93 6.01 -8.85 -26.90
C LEU C 93 5.89 -10.37 -27.00
N ASP C 94 4.69 -10.84 -27.35
CA ASP C 94 4.46 -12.30 -27.48
C ASP C 94 3.96 -12.60 -28.90
N LYS C 95 4.65 -12.06 -29.90
CA LYS C 95 4.27 -12.33 -31.31
C LYS C 95 3.88 -13.80 -31.45
N VAL C 96 4.62 -14.69 -30.78
CA VAL C 96 4.34 -16.12 -30.85
C VAL C 96 3.24 -16.43 -29.84
N THR C 97 2.12 -16.93 -30.33
CA THR C 97 0.97 -17.24 -29.48
C THR C 97 1.18 -18.59 -28.80
N ARG C 98 0.21 -18.96 -27.96
CA ARG C 98 0.25 -20.19 -27.18
C ARG C 98 -0.81 -21.15 -27.70
N LYS C 99 -0.53 -22.45 -27.55
CA LYS C 99 -1.43 -23.52 -27.95
C LYS C 99 -1.55 -24.59 -26.87
N GLU C 100 -1.18 -24.26 -25.63
CA GLU C 100 -1.23 -25.18 -24.50
C GLU C 100 -1.73 -24.41 -23.28
N SER C 101 -2.30 -25.15 -22.33
CA SER C 101 -2.79 -24.56 -21.09
C SER C 101 -3.05 -25.66 -20.08
N ARG C 102 -2.67 -25.42 -18.83
CA ARG C 102 -2.82 -26.40 -17.77
C ARG C 102 -4.31 -26.60 -17.44
N GLY C 103 -4.57 -27.52 -16.51
CA GLY C 103 -5.92 -27.82 -16.10
C GLY C 103 -5.93 -28.47 -14.74
N SER C 104 -7.14 -28.78 -14.26
CA SER C 104 -7.36 -29.41 -12.96
C SER C 104 -8.49 -30.42 -13.13
N TYR C 105 -8.12 -31.64 -13.49
CA TYR C 105 -9.04 -32.76 -13.66
C TYR C 105 -8.89 -33.74 -12.50
N THR C 106 -9.95 -34.54 -12.29
CA THR C 106 -9.96 -35.61 -11.30
C THR C 106 -10.67 -36.82 -11.91
N PRO C 107 -10.00 -37.98 -12.14
CA PRO C 107 -10.70 -39.09 -12.80
C PRO C 107 -11.75 -39.74 -11.91
N THR C 108 -12.44 -40.74 -12.43
CA THR C 108 -13.41 -41.54 -11.71
C THR C 108 -12.90 -42.97 -11.64
N PHE C 109 -13.10 -43.62 -10.49
CA PHE C 109 -12.51 -44.92 -10.23
C PHE C 109 -13.09 -45.97 -11.19
N GLY C 110 -12.39 -47.10 -11.27
CA GLY C 110 -12.80 -48.25 -12.06
C GLY C 110 -11.70 -48.85 -12.91
N SER C 111 -11.86 -50.14 -13.21
CA SER C 111 -10.97 -50.87 -14.11
C SER C 111 -11.80 -51.95 -14.80
N PHE C 112 -11.12 -52.87 -15.48
CA PHE C 112 -11.74 -54.00 -16.20
C PHE C 112 -12.85 -54.70 -15.42
N VAL C 155 -14.30 -48.76 -16.16
CA VAL C 155 -13.13 -48.16 -16.79
C VAL C 155 -13.03 -46.68 -16.42
N PHE C 156 -11.88 -46.06 -16.70
CA PHE C 156 -11.71 -44.67 -16.32
C PHE C 156 -12.60 -43.78 -17.18
N SER C 157 -13.44 -42.99 -16.53
CA SER C 157 -14.48 -42.20 -17.18
C SER C 157 -14.39 -40.77 -16.68
N LEU C 158 -14.80 -39.84 -17.53
CA LEU C 158 -14.89 -38.44 -17.15
C LEU C 158 -16.12 -37.85 -17.82
N GLN C 159 -16.72 -36.88 -17.12
CA GLN C 159 -17.92 -36.17 -17.56
C GLN C 159 -17.56 -34.69 -17.65
N VAL C 160 -17.76 -34.10 -18.83
CA VAL C 160 -17.38 -32.71 -19.11
C VAL C 160 -18.31 -32.15 -20.19
N PRO C 161 -18.48 -30.83 -20.32
CA PRO C 161 -19.27 -30.28 -21.44
C PRO C 161 -18.68 -30.62 -22.80
N LYS C 162 -19.42 -30.23 -23.84
CA LYS C 162 -19.02 -30.58 -25.20
C LYS C 162 -17.75 -29.83 -25.63
N SER C 163 -17.66 -28.54 -25.31
CA SER C 163 -16.54 -27.72 -25.78
C SER C 163 -15.17 -28.31 -25.41
N GLU C 164 -15.01 -28.76 -24.16
CA GLU C 164 -13.70 -29.26 -23.66
C GLU C 164 -13.61 -30.77 -23.84
N GLU C 165 -14.72 -31.46 -24.09
CA GLU C 165 -14.74 -32.93 -24.23
C GLU C 165 -13.44 -33.40 -24.89
N LYS C 166 -13.02 -32.77 -25.99
CA LYS C 166 -11.81 -33.18 -26.77
C LYS C 166 -10.56 -33.03 -25.89
N ARG C 167 -10.43 -31.94 -25.15
CA ARG C 167 -9.25 -31.68 -24.30
C ARG C 167 -9.20 -32.75 -23.21
N ALA C 168 -10.36 -33.06 -22.62
CA ALA C 168 -10.43 -34.07 -21.54
C ALA C 168 -9.90 -35.41 -22.05
N GLN C 169 -9.95 -35.66 -23.37
CA GLN C 169 -9.50 -36.96 -23.94
C GLN C 169 -7.97 -37.01 -23.93
N ALA C 170 -7.27 -35.95 -24.36
CA ALA C 170 -5.79 -35.88 -24.34
C ALA C 170 -5.30 -36.30 -22.96
N PHE C 171 -6.03 -35.92 -21.92
CA PHE C 171 -5.74 -36.28 -20.53
C PHE C 171 -5.84 -37.78 -20.30
N LEU C 172 -6.95 -38.38 -20.73
CA LEU C 172 -7.14 -39.82 -20.54
C LEU C 172 -6.05 -40.63 -21.22
N GLN C 173 -5.71 -40.30 -22.47
CA GLN C 173 -4.70 -41.10 -23.17
C GLN C 173 -3.31 -40.87 -22.59
N LYS C 174 -3.00 -39.63 -22.17
CA LYS C 174 -1.69 -39.35 -21.59
C LYS C 174 -1.48 -40.17 -20.32
N MET C 175 -2.46 -40.19 -19.43
CA MET C 175 -2.38 -41.05 -18.25
C MET C 175 -2.39 -42.53 -18.64
N LYS C 176 -3.19 -42.90 -19.64
CA LYS C 176 -3.24 -44.27 -20.13
C LYS C 176 -1.90 -44.76 -20.66
N LEU C 177 -1.06 -43.85 -21.15
CA LEU C 177 0.26 -44.23 -21.65
C LEU C 177 1.27 -44.30 -20.51
N VAL C 178 1.29 -43.27 -19.65
CA VAL C 178 2.32 -43.19 -18.61
C VAL C 178 2.16 -44.36 -17.64
N LEU C 179 0.93 -44.70 -17.28
CA LEU C 179 0.68 -45.72 -16.26
C LEU C 179 0.94 -47.14 -16.75
N GLU C 180 1.21 -47.34 -18.04
CA GLU C 180 1.34 -48.71 -18.63
C GLU C 180 2.81 -49.03 -19.00
N GLN C 181 3.61 -48.05 -19.41
CA GLN C 181 5.01 -48.28 -19.78
C GLN C 181 6.01 -47.57 -18.88
N GLU C 182 5.58 -46.65 -18.02
CA GLU C 182 6.49 -45.92 -17.12
C GLU C 182 5.93 -45.90 -15.70
N PRO C 183 5.81 -47.08 -15.04
CA PRO C 183 5.40 -47.06 -13.63
C PRO C 183 6.57 -46.64 -12.73
N ASP C 184 7.76 -47.14 -13.09
CA ASP C 184 8.99 -46.82 -12.37
C ASP C 184 9.19 -45.31 -12.22
N LYS C 185 8.79 -44.55 -13.24
CA LYS C 185 8.95 -43.10 -13.26
C LYS C 185 8.33 -42.45 -12.03
N LEU C 186 7.24 -43.01 -11.52
CA LEU C 186 6.53 -42.48 -10.37
C LEU C 186 7.10 -43.05 -9.07
N VAL C 187 8.42 -42.96 -8.91
CA VAL C 187 9.12 -43.42 -7.71
C VAL C 187 10.22 -42.41 -7.40
N ARG C 188 9.98 -41.56 -6.41
CA ARG C 188 10.95 -40.54 -5.99
C ARG C 188 11.30 -39.60 -7.13
N ALA D 3 -34.95 22.31 23.27
CA ALA D 3 -34.03 21.99 24.36
C ALA D 3 -32.58 22.13 23.91
N TYR D 4 -31.82 22.93 24.63
CA TYR D 4 -30.42 23.20 24.31
C TYR D 4 -29.83 24.01 25.45
N THR D 5 -28.53 24.29 25.37
CA THR D 5 -27.81 25.09 26.34
C THR D 5 -26.89 26.07 25.62
N ASP D 6 -26.59 27.18 26.28
CA ASP D 6 -25.72 28.23 25.75
C ASP D 6 -24.70 28.61 26.81
N VAL D 7 -23.46 28.82 26.37
CA VAL D 7 -22.34 29.18 27.24
C VAL D 7 -21.69 30.44 26.67
N PRO D 8 -21.43 31.50 27.46
CA PRO D 8 -20.81 32.71 26.90
C PRO D 8 -19.42 32.44 26.32
N ILE D 9 -19.12 33.11 25.21
CA ILE D 9 -17.81 32.94 24.58
C ILE D 9 -16.72 33.51 25.47
N SER D 10 -15.61 32.78 25.56
CA SER D 10 -14.50 33.19 26.40
C SER D 10 -13.74 34.37 25.80
N GLY D 11 -13.09 35.14 26.67
CA GLY D 11 -12.29 36.26 26.20
C GLY D 11 -11.10 35.80 25.37
N MET D 12 -10.49 34.68 25.74
CA MET D 12 -9.35 34.15 25.01
C MET D 12 -9.74 33.44 23.72
N ARG D 13 -11.01 33.08 23.54
CA ARG D 13 -11.43 32.32 22.35
C ARG D 13 -11.55 33.28 21.16
N LYS D 14 -11.89 34.56 21.34
CA LYS D 14 -11.92 35.53 20.25
C LYS D 14 -10.52 35.93 19.80
N THR D 15 -9.56 35.98 20.74
CA THR D 15 -8.18 36.35 20.38
C THR D 15 -7.58 35.37 19.38
N ILE D 16 -7.94 34.10 19.45
CA ILE D 16 -7.49 33.11 18.47
C ILE D 16 -8.42 33.03 17.27
N ALA D 17 -9.73 33.26 17.45
CA ALA D 17 -10.66 33.22 16.34
C ALA D 17 -10.32 34.30 15.31
N ALA D 18 -10.11 35.54 15.78
CA ALA D 18 -9.75 36.63 14.89
C ALA D 18 -8.46 36.33 14.15
N ARG D 19 -7.46 35.81 14.86
CA ARG D 19 -6.13 35.50 14.27
C ARG D 19 -6.30 34.45 13.17
N LEU D 20 -6.96 33.33 13.47
CA LEU D 20 -7.22 32.29 12.48
C LEU D 20 -7.98 32.85 11.27
N LYS D 21 -8.95 33.73 11.52
CA LYS D 21 -9.73 34.29 10.42
C LYS D 21 -8.88 35.23 9.58
N GLU D 22 -7.87 35.87 10.20
CA GLU D 22 -6.98 36.76 9.46
C GLU D 22 -5.96 35.98 8.63
N SER D 23 -5.52 34.82 9.13
CA SER D 23 -4.50 34.05 8.42
C SER D 23 -5.02 33.55 7.07
N VAL D 24 -6.24 33.02 7.03
CA VAL D 24 -6.78 32.43 5.81
C VAL D 24 -6.96 33.49 4.73
N THR D 25 -7.46 34.67 5.10
CA THR D 25 -7.70 35.74 4.14
C THR D 25 -6.44 36.53 3.79
N GLU D 26 -5.30 36.24 4.43
CA GLU D 26 -4.05 36.96 4.21
C GLU D 26 -2.98 36.10 3.55
N ASN D 27 -3.05 34.79 3.68
CA ASN D 27 -2.03 33.87 3.15
C ASN D 27 -2.69 32.80 2.29
N PRO D 28 -2.53 32.84 0.95
CA PRO D 28 -2.94 31.67 0.15
C PRO D 28 -2.13 30.45 0.55
N HIS D 29 -2.76 29.29 0.50
CA HIS D 29 -2.19 28.04 0.98
C HIS D 29 -2.04 27.06 -0.16
N PHE D 30 -0.92 26.31 -0.16
CA PHE D 30 -0.79 25.14 -1.01
C PHE D 30 0.02 24.09 -0.27
N PHE D 31 -0.38 22.83 -0.45
CA PHE D 31 0.11 21.69 0.33
C PHE D 31 1.04 20.82 -0.49
N VAL D 32 1.89 20.07 0.21
CA VAL D 32 2.77 19.07 -0.37
C VAL D 32 2.86 17.91 0.63
N SER D 33 2.88 16.69 0.11
CA SER D 33 2.87 15.48 0.93
C SER D 33 4.01 14.57 0.52
N THR D 34 4.49 13.77 1.48
CA THR D 34 5.54 12.80 1.21
C THR D 34 5.46 11.68 2.23
N ASN D 35 6.13 10.58 1.90
CA ASN D 35 6.23 9.40 2.77
C ASN D 35 7.70 9.16 3.10
N LEU D 36 7.99 8.92 4.39
CA LEU D 36 9.34 8.72 4.89
C LEU D 36 9.43 7.37 5.56
N SER D 37 10.53 6.66 5.30
CA SER D 37 10.86 5.42 5.99
C SER D 37 11.76 5.74 7.17
N VAL D 38 11.42 5.18 8.34
CA VAL D 38 12.03 5.57 9.61
C VAL D 38 12.54 4.36 10.38
N SER D 39 12.82 3.25 9.69
CA SER D 39 13.33 2.07 10.37
C SER D 39 14.75 2.33 10.89
N LYS D 40 15.61 2.89 10.05
CA LYS D 40 16.98 3.17 10.43
C LYS D 40 17.04 4.16 11.58
N LEU D 41 16.17 5.18 11.55
CA LEU D 41 16.12 6.15 12.64
C LEU D 41 15.74 5.48 13.95
N LEU D 42 14.78 4.56 13.93
CA LEU D 42 14.42 3.83 15.15
C LEU D 42 15.58 2.99 15.65
N LYS D 43 16.30 2.31 14.75
CA LYS D 43 17.46 1.54 15.16
C LYS D 43 18.52 2.44 15.81
N LEU D 44 18.77 3.60 15.21
CA LEU D 44 19.76 4.52 15.77
C LEU D 44 19.32 5.02 17.15
N ARG D 45 18.04 5.38 17.30
CA ARG D 45 17.54 5.81 18.58
C ARG D 45 17.69 4.72 19.64
N GLN D 46 17.38 3.47 19.28
CA GLN D 46 17.55 2.37 20.22
C GLN D 46 19.01 2.19 20.59
N ALA D 47 19.92 2.39 19.62
CA ALA D 47 21.34 2.25 19.90
C ALA D 47 21.82 3.34 20.84
N LEU D 48 21.27 4.55 20.72
CA LEU D 48 21.72 5.69 21.51
C LEU D 48 20.96 5.89 22.82
N ASN D 49 19.86 5.17 23.03
CA ASN D 49 19.09 5.23 24.28
C ASN D 49 19.43 4.09 25.23
N SER D 50 20.39 3.21 24.88
CA SER D 50 20.84 2.13 25.73
C SER D 50 22.27 2.30 26.22
N SER D 51 23.10 3.08 25.53
CA SER D 51 24.45 3.38 25.97
C SER D 51 24.51 4.47 27.04
N ALA D 52 23.36 4.98 27.50
CA ALA D 52 23.28 6.00 28.53
C ALA D 52 22.94 5.37 29.87
N ASP D 53 23.21 6.13 30.94
CA ASP D 53 23.01 5.68 32.32
C ASP D 53 21.82 6.35 33.00
N GLY D 54 21.11 7.25 32.30
CA GLY D 54 20.01 8.02 32.87
C GLY D 54 20.09 9.50 32.59
N ARG D 55 21.14 9.93 31.88
CA ARG D 55 21.32 11.36 31.61
C ARG D 55 20.20 11.92 30.76
N TYR D 56 19.76 11.18 29.74
CA TYR D 56 18.82 11.71 28.75
C TYR D 56 17.94 10.58 28.23
N LYS D 57 17.00 10.96 27.36
CA LYS D 57 16.18 10.02 26.62
C LYS D 57 15.59 10.76 25.43
N LEU D 58 15.76 10.19 24.23
CA LEU D 58 15.48 10.89 22.99
C LEU D 58 14.12 10.48 22.43
N SER D 59 13.74 11.16 21.34
CA SER D 59 12.47 10.90 20.66
C SER D 59 12.60 11.33 19.20
N VAL D 60 11.59 10.97 18.42
CA VAL D 60 11.63 11.22 16.97
C VAL D 60 11.58 12.72 16.68
N ASN D 61 10.83 13.47 17.49
CA ASN D 61 10.61 14.89 17.23
C ASN D 61 11.92 15.66 17.18
N ASP D 62 12.88 15.31 18.06
CA ASP D 62 14.17 15.99 18.06
C ASP D 62 14.90 15.76 16.74
N PHE D 63 14.89 14.51 16.25
CA PHE D 63 15.51 14.20 14.96
C PHE D 63 14.87 15.02 13.85
N LEU D 64 13.54 15.08 13.84
CA LEU D 64 12.84 15.84 12.81
C LEU D 64 13.17 17.32 12.89
N ILE D 65 13.27 17.85 14.12
CA ILE D 65 13.62 19.26 14.30
C ILE D 65 15.00 19.56 13.73
N LYS D 66 15.98 18.71 14.06
CA LYS D 66 17.35 18.93 13.56
C LYS D 66 17.40 18.82 12.03
N ALA D 67 16.73 17.80 11.48
CA ALA D 67 16.70 17.64 10.03
C ALA D 67 16.02 18.83 9.36
N MET D 68 15.00 19.36 10.04
CA MET D 68 14.24 20.54 9.54
C MET D 68 15.19 21.73 9.52
N GLY D 69 16.07 21.89 10.52
CA GLY D 69 17.07 22.96 10.54
C GLY D 69 18.06 22.84 9.40
N ILE D 70 18.56 21.62 9.15
CA ILE D 70 19.52 21.42 8.06
C ILE D 70 18.87 21.74 6.71
N ALA D 71 17.66 21.23 6.49
CA ALA D 71 16.97 21.49 5.23
C ALA D 71 16.70 22.98 5.04
N SER D 72 16.32 23.68 6.12
CA SER D 72 16.19 25.12 6.07
C SER D 72 17.49 25.78 5.65
N LYS D 73 18.62 25.28 6.17
CA LYS D 73 19.91 25.89 5.84
C LYS D 73 20.23 25.71 4.36
N ARG D 74 19.93 24.53 3.81
CA ARG D 74 20.24 24.27 2.41
C ARG D 74 19.37 25.12 1.48
N VAL D 75 18.09 25.27 1.81
CA VAL D 75 17.15 26.08 1.04
C VAL D 75 16.69 27.23 1.93
N PRO D 76 17.31 28.42 1.84
CA PRO D 76 16.97 29.49 2.78
C PRO D 76 15.72 30.28 2.42
N THR D 77 15.15 30.09 1.23
CA THR D 77 13.99 30.88 0.83
C THR D 77 12.76 30.62 1.72
N VAL D 78 12.71 29.49 2.40
CA VAL D 78 11.58 29.20 3.29
C VAL D 78 11.78 29.86 4.65
N ASN D 79 13.03 30.12 5.04
CA ASN D 79 13.36 30.80 6.30
C ASN D 79 13.28 32.33 6.12
N SER D 80 12.08 32.79 5.76
CA SER D 80 11.85 34.19 5.40
C SER D 80 10.49 34.63 5.95
N SER D 81 10.14 35.88 5.69
CA SER D 81 8.89 36.46 6.16
C SER D 81 8.48 37.61 5.25
N TRP D 82 7.17 37.91 5.29
CA TRP D 82 6.55 38.93 4.46
C TRP D 82 6.10 40.07 5.37
N ARG D 83 6.74 41.22 5.23
CA ARG D 83 6.44 42.43 5.99
C ARG D 83 5.63 43.38 5.10
N ASP D 84 5.43 44.61 5.59
CA ASP D 84 4.55 45.58 4.93
C ASP D 84 4.91 45.80 3.46
N GLY D 85 6.18 46.11 3.19
CA GLY D 85 6.63 46.40 1.84
C GLY D 85 8.03 45.89 1.51
N VAL D 86 8.50 44.90 2.26
CA VAL D 86 9.84 44.36 2.08
C VAL D 86 9.86 42.92 2.58
N ILE D 87 10.75 42.12 2.00
CA ILE D 87 10.92 40.73 2.38
C ILE D 87 12.01 40.66 3.44
N ARG D 88 11.82 39.79 4.44
CA ARG D 88 12.78 39.58 5.51
C ARG D 88 13.39 38.20 5.37
N GLN D 89 14.73 38.15 5.33
CA GLN D 89 15.48 36.90 5.21
C GLN D 89 16.40 36.77 6.41
N PHE D 90 16.30 35.63 7.09
CA PHE D 90 17.04 35.37 8.32
C PHE D 90 18.28 34.52 8.01
N GLU D 91 19.07 34.27 9.06
CA GLU D 91 20.22 33.39 9.00
C GLU D 91 20.29 32.41 10.19
N THR D 92 19.35 32.51 11.13
CA THR D 92 19.27 31.63 12.29
C THR D 92 17.90 30.96 12.27
N VAL D 93 17.85 29.69 12.62
CA VAL D 93 16.64 28.88 12.54
C VAL D 93 16.05 28.74 13.94
N ASP D 94 14.83 29.24 14.11
CA ASP D 94 14.05 29.09 15.32
C ASP D 94 12.77 28.34 14.96
N VAL D 95 12.46 27.31 15.75
CA VAL D 95 11.38 26.37 15.47
C VAL D 95 10.34 26.50 16.56
N SER D 96 9.06 26.50 16.16
CA SER D 96 7.93 26.60 17.08
C SER D 96 7.27 25.24 17.21
N VAL D 97 7.20 24.73 18.44
CA VAL D 97 6.59 23.45 18.76
C VAL D 97 5.25 23.74 19.43
N ALA D 98 4.27 22.87 19.18
CA ALA D 98 2.91 23.03 19.68
C ALA D 98 2.69 22.10 20.87
N VAL D 99 2.21 22.65 21.98
CA VAL D 99 1.89 21.91 23.19
C VAL D 99 0.41 22.13 23.52
N ALA D 100 -0.32 21.04 23.71
CA ALA D 100 -1.75 21.07 23.97
C ALA D 100 -1.99 20.92 25.46
N THR D 101 -2.85 21.77 26.01
CA THR D 101 -3.23 21.76 27.42
C THR D 101 -4.73 22.01 27.46
N PRO D 102 -5.41 21.64 28.56
CA PRO D 102 -6.85 21.89 28.64
C PRO D 102 -7.23 23.36 28.51
N ASN D 103 -6.35 24.27 28.95
CA ASN D 103 -6.63 25.69 28.82
C ASN D 103 -6.48 26.19 27.38
N GLY D 104 -5.83 25.42 26.51
CA GLY D 104 -5.68 25.81 25.12
C GLY D 104 -4.39 25.27 24.54
N LEU D 105 -3.98 25.87 23.43
CA LEU D 105 -2.79 25.49 22.69
C LEU D 105 -1.73 26.56 22.86
N ILE D 106 -0.52 26.18 23.21
CA ILE D 106 0.55 27.16 23.46
C ILE D 106 1.51 27.06 22.28
N THR D 107 2.65 27.73 22.31
CA THR D 107 3.61 27.77 21.17
C THR D 107 5.02 27.98 21.72
N PRO D 108 5.56 27.08 22.57
CA PRO D 108 6.96 27.20 23.03
C PRO D 108 7.91 27.39 21.84
N ILE D 109 9.14 27.84 22.08
CA ILE D 109 10.11 28.14 21.03
C ILE D 109 11.45 27.51 21.43
N VAL D 110 12.21 27.09 20.42
CA VAL D 110 13.57 26.58 20.57
C VAL D 110 14.47 27.41 19.67
N LYS D 111 15.61 27.84 20.21
CA LYS D 111 16.52 28.76 19.52
C LYS D 111 17.87 28.09 19.28
N GLY D 112 18.54 28.52 18.21
CA GLY D 112 19.86 28.02 17.89
C GLY D 112 19.88 26.54 17.61
N VAL D 113 18.91 26.04 16.83
CA VAL D 113 18.83 24.63 16.51
C VAL D 113 19.98 24.19 15.61
N GLU D 114 20.34 25.01 14.62
CA GLU D 114 21.42 24.68 13.65
C GLU D 114 22.66 24.25 14.43
N GLY D 115 23.13 25.08 15.36
CA GLY D 115 24.32 24.82 16.16
C GLY D 115 24.00 24.20 17.51
N LYS D 116 23.44 23.00 17.52
CA LYS D 116 22.98 22.38 18.75
C LYS D 116 22.94 20.86 18.55
N GLY D 117 22.81 20.16 19.68
CA GLY D 117 22.69 18.72 19.70
C GLY D 117 21.33 18.27 20.20
N LEU D 118 21.12 16.95 20.14
CA LEU D 118 19.81 16.39 20.46
C LEU D 118 19.48 16.57 21.94
N GLU D 119 20.48 16.41 22.81
CA GLU D 119 20.26 16.48 24.26
C GLU D 119 19.71 17.83 24.67
N SER D 120 20.35 18.92 24.20
CA SER D 120 19.89 20.26 24.57
C SER D 120 18.49 20.52 24.03
N ILE D 121 18.20 20.07 22.81
CA ILE D 121 16.88 20.27 22.22
C ILE D 121 15.82 19.57 23.07
N SER D 122 16.09 18.33 23.46
CA SER D 122 15.14 17.57 24.29
C SER D 122 14.92 18.26 25.63
N ALA D 123 16.02 18.67 26.28
CA ALA D 123 15.91 19.31 27.59
C ALA D 123 15.11 20.60 27.51
N ALA D 124 15.36 21.42 26.48
CA ALA D 124 14.61 22.66 26.31
C ALA D 124 13.14 22.37 26.05
N VAL D 125 12.84 21.44 25.14
CA VAL D 125 11.46 21.13 24.80
C VAL D 125 10.70 20.60 26.01
N LYS D 126 11.39 19.94 26.95
CA LYS D 126 10.69 19.36 28.09
C LYS D 126 10.54 20.37 29.22
N GLU D 127 11.57 21.19 29.47
CA GLU D 127 11.44 22.28 30.41
C GLU D 127 10.30 23.22 30.00
N LEU D 128 10.28 23.61 28.72
CA LEU D 128 9.23 24.51 28.25
C LEU D 128 7.87 23.85 28.29
N ALA D 129 7.78 22.55 27.97
CA ALA D 129 6.49 21.86 28.05
C ALA D 129 5.98 21.86 29.49
N LYS D 130 6.86 21.61 30.45
CA LYS D 130 6.48 21.62 31.86
C LYS D 130 5.98 23.01 32.28
N LYS D 131 6.72 24.06 31.92
CA LYS D 131 6.28 25.41 32.30
C LYS D 131 4.99 25.80 31.60
N ALA D 132 4.80 25.36 30.36
CA ALA D 132 3.55 25.63 29.66
C ALA D 132 2.39 24.93 30.35
N ARG D 133 2.59 23.69 30.80
CA ARG D 133 1.52 22.98 31.51
C ARG D 133 1.23 23.63 32.85
N ASP D 134 2.25 24.15 33.52
CA ASP D 134 2.09 24.76 34.83
C ASP D 134 1.69 26.23 34.77
N GLY D 135 1.57 26.82 33.58
CA GLY D 135 1.03 28.16 33.44
C GLY D 135 1.85 29.27 34.07
N LYS D 136 3.17 29.28 33.85
CA LYS D 136 4.05 30.37 34.27
C LYS D 136 4.99 30.75 33.14
N LEU D 137 4.44 30.90 31.94
CA LEU D 137 5.22 31.14 30.74
C LEU D 137 5.28 32.65 30.49
N LYS D 138 6.49 33.15 30.31
CA LYS D 138 6.70 34.55 29.98
C LYS D 138 6.24 34.83 28.54
N PRO D 139 5.83 36.07 28.23
CA PRO D 139 5.35 36.33 26.86
C PRO D 139 6.45 36.26 25.78
N GLU D 140 7.62 36.82 26.06
CA GLU D 140 8.74 36.81 25.08
C GLU D 140 9.05 35.39 24.62
N GLU D 141 8.79 34.37 25.43
CA GLU D 141 9.17 33.00 25.10
C GLU D 141 8.28 32.40 24.02
N TYR D 142 7.08 32.95 23.73
CA TYR D 142 6.26 32.46 22.61
C TYR D 142 5.77 33.64 21.74
N GLN D 143 6.69 34.27 20.99
CA GLN D 143 6.35 35.45 20.19
C GLN D 143 6.59 35.24 18.70
N GLY D 144 7.75 34.72 18.30
CA GLY D 144 8.04 34.60 16.88
C GLY D 144 9.07 33.53 16.59
N GLY D 145 8.93 32.92 15.41
CA GLY D 145 9.84 31.93 14.89
C GLY D 145 9.90 32.06 13.38
N SER D 146 10.43 31.03 12.73
CA SER D 146 10.50 30.95 11.27
C SER D 146 9.67 29.80 10.71
N ILE D 147 9.60 28.68 11.42
CA ILE D 147 8.87 27.49 10.99
C ILE D 147 8.17 26.93 12.22
N SER D 148 7.05 26.24 11.99
CA SER D 148 6.24 25.62 13.03
C SER D 148 6.01 24.16 12.70
N ILE D 149 5.98 23.32 13.74
CA ILE D 149 5.84 21.88 13.62
C ILE D 149 4.68 21.41 14.49
N SER D 150 3.98 20.38 14.02
CA SER D 150 2.92 19.72 14.77
C SER D 150 3.05 18.22 14.58
N ASN D 151 2.87 17.47 15.66
CA ASN D 151 2.98 16.01 15.66
C ASN D 151 1.74 15.43 16.33
N MET D 152 1.23 14.34 15.77
CA MET D 152 0.10 13.60 16.35
C MET D 152 0.34 12.09 16.26
N GLY D 153 1.58 11.67 16.50
CA GLY D 153 1.89 10.24 16.52
C GLY D 153 1.45 9.47 17.75
N MET D 154 0.94 10.15 18.79
CA MET D 154 0.47 9.41 19.96
C MET D 154 -0.84 8.69 19.70
N ASN D 155 -1.61 9.11 18.68
CA ASN D 155 -2.89 8.51 18.34
C ASN D 155 -2.74 7.69 17.06
N PRO D 156 -2.92 6.36 17.07
CA PRO D 156 -2.72 5.59 15.83
C PRO D 156 -3.78 5.83 14.77
N ALA D 157 -4.87 6.54 15.08
CA ALA D 157 -5.97 6.70 14.14
C ALA D 157 -5.83 7.93 13.24
N VAL D 158 -4.71 8.64 13.30
CA VAL D 158 -4.47 9.84 12.50
C VAL D 158 -3.40 9.46 11.48
N GLN D 159 -3.82 9.28 10.23
CA GLN D 159 -2.88 8.94 9.17
C GLN D 159 -2.24 10.19 8.58
N SER D 160 -3.05 11.20 8.27
CA SER D 160 -2.57 12.46 7.72
C SER D 160 -3.57 13.55 8.05
N PHE D 161 -3.07 14.78 8.19
CA PHE D 161 -3.92 15.92 8.51
C PHE D 161 -3.23 17.19 8.06
N THR D 162 -3.98 18.29 8.11
CA THR D 162 -3.55 19.60 7.64
C THR D 162 -3.45 20.54 8.85
N ALA D 163 -2.73 21.65 8.67
CA ALA D 163 -2.60 22.67 9.70
C ALA D 163 -2.58 24.05 9.05
N ILE D 164 -2.91 25.05 9.85
CA ILE D 164 -2.99 26.44 9.42
C ILE D 164 -1.65 27.11 9.74
N ILE D 165 -1.23 28.02 8.86
CA ILE D 165 0.04 28.73 9.02
C ILE D 165 -0.17 29.89 9.98
N ASN D 166 0.86 30.17 10.80
CA ASN D 166 0.81 31.31 11.70
C ASN D 166 0.96 32.62 10.93
N PRO D 167 0.53 33.75 11.50
CA PRO D 167 0.44 35.01 10.72
C PRO D 167 1.78 35.44 10.14
N PRO D 168 2.84 35.62 10.96
CA PRO D 168 4.08 36.17 10.39
C PRO D 168 4.95 35.14 9.69
N GLN D 169 4.64 33.85 9.78
CA GLN D 169 5.45 32.78 9.23
C GLN D 169 4.92 32.38 7.85
N ALA D 170 5.74 31.60 7.13
CA ALA D 170 5.49 31.26 5.73
C ALA D 170 5.52 29.76 5.48
N ALA D 171 5.44 28.93 6.52
CA ALA D 171 5.43 27.48 6.34
C ALA D 171 5.06 26.81 7.65
N ILE D 172 4.51 25.60 7.53
CA ILE D 172 4.22 24.77 8.69
C ILE D 172 4.28 23.31 8.27
N LEU D 173 4.70 22.44 9.21
CA LEU D 173 4.84 21.02 8.97
C LEU D 173 3.95 20.23 9.93
N ALA D 174 3.32 19.19 9.41
CA ALA D 174 2.43 18.30 10.15
C ALA D 174 2.91 16.88 9.96
N VAL D 175 3.03 16.15 11.08
CA VAL D 175 3.53 14.78 11.11
C VAL D 175 2.40 13.89 11.56
N GLY D 176 2.27 12.73 10.92
CA GLY D 176 1.27 11.74 11.25
C GLY D 176 1.82 10.62 12.11
N ALA D 177 1.06 9.50 12.16
CA ALA D 177 1.40 8.33 12.95
C ALA D 177 2.02 7.25 12.05
N PRO D 178 2.86 6.36 12.58
CA PRO D 178 3.49 5.36 11.71
C PRO D 178 2.50 4.29 11.26
N GLN D 179 2.88 3.59 10.20
CA GLN D 179 2.07 2.53 9.62
C GLN D 179 3.02 1.59 8.92
N LYS D 180 2.50 0.44 8.48
CA LYS D 180 3.31 -0.60 7.83
C LYS D 180 2.82 -0.86 6.40
N VAL D 181 3.78 -0.98 5.47
CA VAL D 181 3.50 -1.21 4.06
C VAL D 181 4.47 -2.23 3.49
N ALA D 182 4.04 -2.88 2.40
CA ALA D 182 4.84 -3.85 1.69
C ALA D 182 5.74 -3.17 0.66
N VAL D 183 6.97 -3.66 0.54
CA VAL D 183 7.95 -3.14 -0.41
C VAL D 183 8.63 -4.31 -1.10
N PRO D 184 9.17 -4.11 -2.32
CA PRO D 184 9.88 -5.19 -3.01
C PRO D 184 11.35 -5.27 -2.64
N VAL D 185 11.83 -6.49 -2.42
CA VAL D 185 13.23 -6.78 -2.11
C VAL D 185 13.78 -7.78 -3.11
N GLU D 186 14.96 -7.49 -3.65
CA GLU D 186 15.63 -8.37 -4.62
C GLU D 186 16.44 -9.41 -3.85
N ASN D 187 15.80 -10.55 -3.60
CA ASN D 187 16.46 -11.66 -2.91
C ASN D 187 17.67 -12.13 -3.71
N GLU D 188 18.72 -12.52 -2.99
CA GLU D 188 19.98 -12.92 -3.63
C GLU D 188 19.82 -14.11 -4.57
N ASP D 189 18.77 -14.92 -4.41
CA ASP D 189 18.54 -16.04 -5.31
C ASP D 189 18.16 -15.61 -6.72
N GLY D 190 17.81 -14.33 -6.94
CA GLY D 190 17.47 -13.83 -8.26
C GLY D 190 15.98 -13.71 -8.50
N THR D 191 15.23 -13.32 -7.47
CA THR D 191 13.77 -13.19 -7.54
C THR D 191 13.39 -11.91 -6.80
N THR D 192 12.08 -11.71 -6.61
CA THR D 192 11.53 -10.57 -5.91
C THR D 192 10.64 -11.06 -4.79
N GLY D 193 10.83 -10.51 -3.59
CA GLY D 193 10.06 -10.89 -2.41
C GLY D 193 9.46 -9.68 -1.73
N VAL D 194 8.68 -9.97 -0.70
CA VAL D 194 7.92 -8.96 0.04
C VAL D 194 8.65 -8.69 1.36
N SER D 195 8.86 -7.41 1.65
CA SER D 195 9.38 -6.97 2.93
C SER D 195 8.41 -5.96 3.51
N TRP D 196 8.41 -5.84 4.84
CA TRP D 196 7.48 -4.98 5.57
C TRP D 196 8.24 -3.81 6.14
N ASP D 197 8.06 -2.64 5.54
CA ASP D 197 8.69 -1.40 5.98
C ASP D 197 7.68 -0.62 6.81
N GLU D 198 8.19 0.22 7.71
CA GLU D 198 7.38 1.14 8.50
C GLU D 198 7.60 2.56 7.99
N GLN D 199 6.50 3.28 7.76
CA GLN D 199 6.51 4.59 7.12
C GLN D 199 5.66 5.57 7.91
N ILE D 200 5.96 6.86 7.72
CA ILE D 200 5.13 7.96 8.19
C ILE D 200 4.84 8.85 6.99
N ILE D 201 3.72 9.58 7.06
CA ILE D 201 3.28 10.51 6.02
C ILE D 201 3.40 11.91 6.59
N VAL D 202 4.14 12.77 5.91
CA VAL D 202 4.44 14.13 6.34
C VAL D 202 3.80 15.09 5.35
N THR D 203 3.08 16.08 5.88
CA THR D 203 2.43 17.12 5.09
C THR D 203 3.03 18.46 5.44
N ALA D 204 3.25 19.29 4.42
CA ALA D 204 3.81 20.63 4.58
C ALA D 204 2.90 21.62 3.88
N SER D 205 2.54 22.70 4.58
CA SER D 205 1.71 23.76 4.03
C SER D 205 2.57 25.00 3.85
N PHE D 206 2.47 25.62 2.68
CA PHE D 206 3.32 26.73 2.28
C PHE D 206 2.46 27.86 1.75
N ASP D 207 2.94 29.09 1.98
CA ASP D 207 2.38 30.28 1.35
C ASP D 207 3.01 30.48 -0.03
N HIS D 208 2.21 30.98 -0.96
CA HIS D 208 2.60 31.13 -2.36
C HIS D 208 3.05 32.54 -2.72
N LYS D 209 3.13 33.45 -1.76
CA LYS D 209 3.72 34.77 -2.01
C LYS D 209 5.23 34.80 -1.76
N VAL D 210 5.71 33.97 -0.83
CA VAL D 210 7.13 33.90 -0.49
C VAL D 210 7.81 32.65 -1.05
N VAL D 211 7.04 31.60 -1.39
CA VAL D 211 7.56 30.30 -1.80
C VAL D 211 6.84 29.90 -3.07
N ASP D 212 7.49 29.06 -3.88
CA ASP D 212 6.92 28.47 -5.08
C ASP D 212 6.92 26.95 -4.95
N GLY D 213 6.28 26.30 -5.93
CA GLY D 213 6.16 24.85 -5.88
C GLY D 213 7.50 24.15 -5.91
N ALA D 214 8.40 24.59 -6.80
CA ALA D 214 9.70 23.95 -6.93
C ALA D 214 10.50 24.07 -5.64
N VAL D 215 10.44 25.24 -4.98
CA VAL D 215 11.18 25.44 -3.74
C VAL D 215 10.70 24.48 -2.67
N GLY D 216 9.38 24.35 -2.53
CA GLY D 216 8.82 23.41 -1.56
C GLY D 216 9.18 21.98 -1.87
N ALA D 217 9.17 21.62 -3.16
CA ALA D 217 9.55 20.26 -3.56
C ALA D 217 11.00 19.98 -3.19
N GLU D 218 11.89 20.94 -3.45
CA GLU D 218 13.30 20.77 -3.07
C GLU D 218 13.44 20.66 -1.57
N TRP D 219 12.70 21.48 -0.80
CA TRP D 219 12.72 21.42 0.65
C TRP D 219 12.34 20.02 1.14
N ILE D 220 11.27 19.46 0.58
CA ILE D 220 10.84 18.12 0.95
C ILE D 220 11.92 17.11 0.61
N ARG D 221 12.57 17.28 -0.56
CA ARG D 221 13.64 16.36 -0.94
C ARG D 221 14.80 16.39 0.06
N GLU D 222 15.22 17.58 0.49
CA GLU D 222 16.33 17.64 1.46
C GLU D 222 15.93 16.99 2.77
N LEU D 223 14.73 17.28 3.25
CA LEU D 223 14.24 16.65 4.48
C LEU D 223 14.25 15.13 4.36
N LYS D 224 13.71 14.60 3.25
CA LYS D 224 13.66 13.17 3.05
C LYS D 224 15.06 12.56 3.04
N LYS D 225 15.96 13.13 2.24
CA LYS D 225 17.34 12.64 2.18
C LYS D 225 18.00 12.61 3.55
N VAL D 226 17.77 13.64 4.36
CA VAL D 226 18.36 13.68 5.70
C VAL D 226 17.74 12.63 6.61
N ILE D 227 16.45 12.32 6.44
CA ILE D 227 15.78 11.40 7.36
C ILE D 227 16.10 9.95 7.01
N GLU D 228 15.90 9.55 5.75
CA GLU D 228 16.14 8.17 5.34
C GLU D 228 17.58 7.72 5.61
N ASN D 229 18.55 8.60 5.34
CA ASN D 229 19.94 8.38 5.74
C ASN D 229 20.19 9.16 7.02
N PRO D 230 20.24 8.52 8.22
CA PRO D 230 20.26 9.32 9.45
C PRO D 230 21.66 9.80 9.82
N LEU D 231 22.69 9.08 9.36
CA LEU D 231 24.08 9.44 9.69
C LEU D 231 24.41 10.84 9.19
N GLU D 232 23.76 11.28 8.09
CA GLU D 232 23.97 12.60 7.52
C GLU D 232 23.50 13.73 8.44
N LEU D 233 22.90 13.41 9.59
CA LEU D 233 22.61 14.39 10.62
C LEU D 233 23.88 14.98 11.23
N LEU D 234 25.04 14.33 11.04
CA LEU D 234 26.27 14.86 11.63
C LEU D 234 26.72 16.12 10.89
N LEU D 235 27.03 16.01 9.61
CA LEU D 235 27.40 17.18 8.82
C LEU D 235 26.20 18.10 8.63
N VAL E 32 50.88 13.31 29.49
CA VAL E 32 49.98 12.16 29.64
C VAL E 32 49.82 11.50 28.27
N SER E 33 49.73 10.18 28.26
CA SER E 33 49.68 9.38 27.05
C SER E 33 48.50 8.42 27.13
N THR E 34 47.96 8.07 25.95
CA THR E 34 46.87 7.11 25.87
C THR E 34 46.87 6.50 24.48
N ASN E 35 46.15 5.39 24.35
CA ASN E 35 45.97 4.67 23.09
C ASN E 35 44.50 4.65 22.72
N LEU E 36 44.21 4.97 21.46
CA LEU E 36 42.85 5.03 20.94
C LEU E 36 42.71 4.05 19.80
N SER E 37 41.61 3.30 19.78
CA SER E 37 41.25 2.42 18.67
C SER E 37 40.29 3.18 17.75
N VAL E 38 40.60 3.16 16.45
CA VAL E 38 39.96 4.04 15.47
C VAL E 38 39.41 3.22 14.29
N SER E 39 39.14 1.93 14.51
CA SER E 39 38.60 1.11 13.43
C SER E 39 37.18 1.55 13.07
N LYS E 40 36.33 1.71 14.07
CA LYS E 40 34.95 2.16 13.84
C LYS E 40 34.91 3.52 13.16
N LEU E 41 35.76 4.46 13.61
CA LEU E 41 35.79 5.79 13.03
C LEU E 41 36.12 5.76 11.55
N LEU E 42 37.05 4.90 11.14
CA LEU E 42 37.36 4.76 9.72
C LEU E 42 36.15 4.27 8.94
N LYS E 43 35.43 3.29 9.50
CA LYS E 43 34.24 2.79 8.83
C LYS E 43 33.18 3.87 8.67
N LEU E 44 33.00 4.71 9.70
CA LEU E 44 32.07 5.82 9.61
C LEU E 44 32.50 6.80 8.52
N ARG E 45 33.79 7.10 8.44
CA ARG E 45 34.30 7.99 7.40
C ARG E 45 34.02 7.42 6.02
N GLN E 46 34.27 6.13 5.82
CA GLN E 46 34.02 5.50 4.53
C GLN E 46 32.54 5.51 4.18
N ALA E 47 31.66 5.42 5.19
CA ALA E 47 30.24 5.46 4.92
C ALA E 47 29.80 6.83 4.42
N LEU E 48 30.31 7.89 5.04
CA LEU E 48 29.89 9.25 4.69
C LEU E 48 30.64 9.82 3.50
N ASN E 49 31.74 9.19 3.06
CA ASN E 49 32.50 9.61 1.89
C ASN E 49 32.10 8.87 0.62
N SER E 50 31.10 7.97 0.69
CA SER E 50 30.57 7.27 -0.47
C SER E 50 29.16 7.71 -0.86
N SER E 51 28.40 8.29 0.07
CA SER E 51 27.09 8.84 -0.25
C SER E 51 27.16 10.25 -0.83
N ALA E 52 28.35 10.76 -1.15
CA ALA E 52 28.55 12.05 -1.78
C ALA E 52 28.85 11.89 -3.26
N ASP E 53 28.73 12.99 -3.99
CA ASP E 53 28.93 13.04 -5.43
C ASP E 53 30.18 13.82 -5.82
N GLY E 54 31.01 14.22 -4.85
CA GLY E 54 32.21 15.02 -5.08
C GLY E 54 32.23 16.27 -4.21
N ARG E 55 31.22 16.43 -3.36
CA ARG E 55 31.05 17.67 -2.60
C ARG E 55 32.17 17.88 -1.60
N TYR E 56 32.63 16.82 -0.95
CA TYR E 56 33.57 16.94 0.16
C TYR E 56 34.34 15.65 0.33
N LYS E 57 35.26 15.65 1.29
CA LYS E 57 35.99 14.45 1.70
C LYS E 57 36.60 14.72 3.06
N LEU E 58 36.35 13.83 4.01
CA LEU E 58 36.70 14.02 5.40
C LEU E 58 37.99 13.27 5.75
N SER E 59 38.50 13.56 6.95
CA SER E 59 39.74 12.97 7.42
C SER E 59 39.68 12.89 8.94
N VAL E 60 40.70 12.23 9.53
CA VAL E 60 40.70 11.96 10.96
C VAL E 60 40.83 13.26 11.75
N ASN E 61 41.60 14.22 11.22
CA ASN E 61 41.85 15.47 11.93
C ASN E 61 40.55 16.23 12.23
N ASP E 62 39.60 16.20 11.29
CA ASP E 62 38.33 16.89 11.50
C ASP E 62 37.57 16.29 12.67
N PHE E 63 37.51 14.96 12.75
CA PHE E 63 36.84 14.29 13.85
C PHE E 63 37.46 14.65 15.19
N LEU E 64 38.80 14.68 15.26
CA LEU E 64 39.49 14.98 16.50
C LEU E 64 39.20 16.40 16.97
N ILE E 65 39.11 17.36 16.04
CA ILE E 65 38.81 18.74 16.40
C ILE E 65 37.45 18.83 17.08
N LYS E 66 36.43 18.19 16.49
CA LYS E 66 35.09 18.23 17.08
C LYS E 66 35.08 17.56 18.45
N ALA E 67 35.74 16.41 18.57
CA ALA E 67 35.81 15.71 19.86
C ALA E 67 36.52 16.55 20.91
N MET E 68 37.53 17.33 20.50
CA MET E 68 38.25 18.18 21.43
C MET E 68 37.33 19.21 22.08
N GLY E 69 36.41 19.77 21.31
CA GLY E 69 35.44 20.70 21.87
C GLY E 69 34.58 20.06 22.93
N ILE E 70 34.12 18.83 22.64
CA ILE E 70 33.24 18.06 23.57
C ILE E 70 33.93 17.91 24.92
N ALA E 71 35.06 17.22 24.99
CA ALA E 71 35.79 16.96 26.25
C ALA E 71 36.25 18.29 26.87
N SER E 72 36.51 19.31 26.04
CA SER E 72 36.94 20.65 26.51
C SER E 72 35.78 21.32 27.25
N LYS E 73 34.54 20.99 26.87
CA LYS E 73 33.32 21.56 27.50
C LYS E 73 33.01 20.79 28.78
N ARG E 74 33.03 19.45 28.72
CA ARG E 74 32.73 18.59 29.88
C ARG E 74 33.63 19.03 31.04
N VAL E 75 34.89 19.33 30.76
CA VAL E 75 35.88 19.78 31.73
C VAL E 75 36.34 21.17 31.33
N PRO E 76 35.76 22.23 31.90
CA PRO E 76 36.10 23.58 31.41
C PRO E 76 37.40 24.15 31.96
N THR E 77 38.02 23.51 32.96
CA THR E 77 39.23 24.05 33.56
C THR E 77 40.39 24.13 32.58
N VAL E 78 40.36 23.35 31.50
CA VAL E 78 41.42 23.39 30.50
C VAL E 78 41.15 24.54 29.54
N PHE E 90 36.74 30.50 29.74
CA PHE E 90 35.96 30.88 28.55
C PHE E 90 34.70 30.04 28.44
N GLU E 91 33.83 30.43 27.49
CA GLU E 91 32.68 29.63 27.08
C GLU E 91 32.65 29.33 25.59
N THR E 92 33.62 29.83 24.82
CA THR E 92 33.77 29.53 23.40
C THR E 92 35.10 28.79 23.20
N VAL E 93 35.09 27.84 22.27
CA VAL E 93 36.22 26.95 22.04
C VAL E 93 36.85 27.34 20.71
N ASP E 94 38.14 27.70 20.77
CA ASP E 94 38.93 28.07 19.59
C ASP E 94 40.10 27.11 19.50
N VAL E 95 40.32 26.57 18.29
CA VAL E 95 41.36 25.58 18.03
C VAL E 95 42.34 26.15 17.02
N SER E 96 43.63 25.93 17.28
CA SER E 96 44.72 26.39 16.42
C SER E 96 45.37 25.17 15.78
N VAL E 97 45.41 25.14 14.45
CA VAL E 97 45.97 24.03 13.69
C VAL E 97 47.34 24.43 13.16
N THR E 107 50.12 29.15 12.18
CA THR E 107 49.12 28.66 13.12
C THR E 107 47.76 29.31 12.85
N PRO E 108 47.03 28.84 11.82
CA PRO E 108 45.67 29.33 11.60
C PRO E 108 44.71 28.99 12.74
N ILE E 109 43.48 29.49 12.66
CA ILE E 109 42.50 29.43 13.73
C ILE E 109 41.17 28.96 13.15
N VAL E 110 40.42 28.19 13.96
CA VAL E 110 39.06 27.78 13.64
C VAL E 110 38.18 28.18 14.82
N LYS E 111 37.01 28.74 14.52
CA LYS E 111 36.11 29.31 15.51
C LYS E 111 34.78 28.57 15.54
N GLY E 112 34.19 28.53 16.73
CA GLY E 112 32.84 28.00 16.89
C GLY E 112 32.68 26.53 16.57
N VAL E 113 33.62 25.69 17.01
CA VAL E 113 33.55 24.26 16.69
C VAL E 113 32.33 23.63 17.35
N GLU E 114 31.97 24.09 18.55
CA GLU E 114 30.84 23.54 19.29
C GLU E 114 29.55 23.59 18.47
N GLY E 115 29.21 24.77 17.94
CA GLY E 115 28.04 24.94 17.10
C GLY E 115 28.37 24.82 15.62
N LYS E 116 28.86 23.66 15.20
CA LYS E 116 29.32 23.48 13.84
C LYS E 116 29.31 22.00 13.49
N GLY E 117 29.41 21.73 12.19
CA GLY E 117 29.45 20.38 11.66
C GLY E 117 30.76 20.10 10.95
N LEU E 118 30.89 18.84 10.52
CA LEU E 118 32.12 18.40 9.86
C LEU E 118 32.33 19.14 8.55
N GLU E 119 31.24 19.40 7.81
CA GLU E 119 31.33 20.08 6.52
C GLU E 119 31.98 21.45 6.65
N SER E 120 31.48 22.27 7.57
CA SER E 120 32.01 23.62 7.75
C SER E 120 33.45 23.59 8.26
N ILE E 121 33.73 22.71 9.23
CA ILE E 121 35.07 22.64 9.81
C ILE E 121 36.10 22.24 8.75
N SER E 122 35.76 21.25 7.92
CA SER E 122 36.67 20.79 6.88
C SER E 122 37.02 21.92 5.90
N ALA E 123 36.00 22.65 5.44
CA ALA E 123 36.23 23.72 4.48
C ALA E 123 37.14 24.81 5.04
N ALA E 124 36.93 25.18 6.31
CA ALA E 124 37.78 26.18 6.94
C ALA E 124 39.23 25.72 7.02
N VAL E 125 39.45 24.49 7.47
CA VAL E 125 40.82 23.97 7.66
C VAL E 125 41.60 23.95 6.36
N LYS E 126 40.93 23.78 5.21
CA LYS E 126 41.62 23.69 3.92
C LYS E 126 41.79 25.04 3.25
N GLU E 127 40.79 25.91 3.35
CA GLU E 127 40.87 27.27 2.78
C GLU E 127 42.00 28.02 3.46
N LEU E 128 42.04 28.02 4.81
CA LEU E 128 43.06 28.74 5.56
C LEU E 128 44.45 28.17 5.31
N ALA E 129 44.55 26.86 5.09
CA ALA E 129 45.84 26.27 4.76
C ALA E 129 46.39 26.81 3.44
N LYS E 130 45.53 26.95 2.44
CA LYS E 130 45.97 27.45 1.14
C LYS E 130 46.49 28.87 1.25
N LYS E 131 45.76 29.73 1.96
CA LYS E 131 46.20 31.12 2.14
C LYS E 131 47.54 31.18 2.85
N ALA E 132 47.77 30.29 3.82
CA ALA E 132 49.06 30.24 4.51
C ALA E 132 50.18 29.86 3.54
N ILE E 147 43.47 26.55 22.42
CA ILE E 147 44.07 25.22 22.44
C ILE E 147 44.69 24.96 21.07
N SER E 148 45.73 24.13 21.03
CA SER E 148 46.46 23.78 19.82
C SER E 148 46.51 22.28 19.58
N ILE E 149 46.52 21.91 18.30
CA ILE E 149 46.59 20.51 17.86
C ILE E 149 47.75 20.39 16.87
N SER E 150 48.44 19.25 16.93
CA SER E 150 49.51 18.91 16.00
C SER E 150 49.34 17.47 15.57
N ASN E 151 49.53 17.22 14.28
CA ASN E 151 49.39 15.89 13.68
C ASN E 151 50.63 15.58 12.85
N MET E 152 51.08 14.33 12.95
CA MET E 152 52.20 13.81 12.18
C MET E 152 51.88 12.41 11.65
N GLY E 153 50.60 12.18 11.30
CA GLY E 153 50.20 10.91 10.74
C GLY E 153 50.59 10.70 9.29
N MET E 154 51.15 11.72 8.63
CA MET E 154 51.51 11.60 7.23
C MET E 154 52.76 10.75 7.02
N ASN E 155 53.62 10.65 8.04
CA ASN E 155 54.85 9.88 8.00
C ASN E 155 54.69 8.63 8.86
N PRO E 156 54.72 7.40 8.33
CA PRO E 156 54.50 6.23 9.20
C PRO E 156 55.61 5.98 10.21
N ALA E 157 56.74 6.68 10.13
CA ALA E 157 57.88 6.43 11.01
C ALA E 157 57.78 7.30 12.27
N LEU E 173 48.09 19.18 22.02
CA LEU E 173 47.87 17.77 21.73
C LEU E 173 48.72 17.36 20.53
N ALA E 174 49.30 16.16 20.62
CA ALA E 174 50.15 15.60 19.58
C ALA E 174 49.62 14.23 19.18
N VAL E 175 49.50 14.00 17.88
CA VAL E 175 48.91 12.80 17.31
C VAL E 175 49.99 12.09 16.51
N GLY E 176 50.08 10.77 16.68
CA GLY E 176 51.04 9.94 15.98
C GLY E 176 50.43 9.27 14.77
N ALA E 177 51.17 8.22 14.27
CA ALA E 177 50.76 7.47 13.08
C ALA E 177 50.07 6.17 13.49
N PRO E 178 49.17 5.61 12.66
CA PRO E 178 48.48 4.39 13.07
C PRO E 178 49.38 3.17 13.03
N GLN E 179 48.94 2.13 13.75
CA GLN E 179 49.64 0.86 13.83
C GLN E 179 48.62 -0.21 14.16
N LYS E 180 49.06 -1.47 14.11
CA LYS E 180 48.22 -2.63 14.35
C LYS E 180 48.73 -3.41 15.56
N VAL E 181 47.80 -3.84 16.41
CA VAL E 181 48.12 -4.57 17.63
C VAL E 181 47.12 -5.72 17.76
N ALA E 182 47.55 -6.78 18.46
CA ALA E 182 46.69 -7.93 18.73
C ALA E 182 45.91 -7.71 20.01
N VAL E 183 44.63 -8.10 20.00
CA VAL E 183 43.75 -8.00 21.16
C VAL E 183 42.97 -9.31 21.30
N PRO E 184 42.50 -9.61 22.52
CA PRO E 184 41.73 -10.85 22.70
C PRO E 184 40.25 -10.66 22.35
N VAL E 185 39.69 -11.68 21.70
CA VAL E 185 38.28 -11.72 21.32
C VAL E 185 37.67 -12.98 21.93
N GLU E 186 36.51 -12.84 22.55
CA GLU E 186 35.82 -13.95 23.20
C GLU E 186 34.97 -14.67 22.16
N ASN E 187 35.56 -15.70 21.55
CA ASN E 187 34.85 -16.49 20.55
C ASN E 187 33.65 -17.18 21.20
N GLU E 188 32.55 -17.29 20.43
CA GLU E 188 31.32 -17.89 20.95
C GLU E 188 31.50 -19.35 21.36
N ASP E 189 32.51 -20.05 20.82
CA ASP E 189 32.75 -21.43 21.21
C ASP E 189 33.22 -21.57 22.66
N GLY E 190 33.67 -20.50 23.28
CA GLY E 190 34.08 -20.50 24.67
C GLY E 190 35.58 -20.52 24.88
N THR E 191 36.35 -19.87 24.01
CA THR E 191 37.79 -19.75 24.15
C THR E 191 38.20 -18.33 23.77
N THR E 192 39.50 -18.10 23.70
CA THR E 192 40.08 -16.79 23.40
C THR E 192 40.89 -16.88 22.11
N GLY E 193 40.68 -15.91 21.21
CA GLY E 193 41.36 -15.86 19.93
C GLY E 193 42.01 -14.51 19.72
N VAL E 194 42.74 -14.41 18.61
CA VAL E 194 43.49 -13.22 18.25
C VAL E 194 42.71 -12.46 17.18
N SER E 195 42.56 -11.15 17.36
CA SER E 195 42.03 -10.25 16.36
C SER E 195 42.93 -9.03 16.25
N TRP E 196 42.93 -8.42 15.07
CA TRP E 196 43.87 -7.34 14.73
C TRP E 196 43.13 -6.01 14.77
N ASP E 197 43.47 -5.19 15.75
CA ASP E 197 42.88 -3.86 15.94
C ASP E 197 43.89 -2.81 15.48
N GLU E 198 43.37 -1.66 15.05
CA GLU E 198 44.17 -0.52 14.64
C GLU E 198 44.18 0.53 15.74
N GLN E 199 45.36 1.02 16.10
CA GLN E 199 45.52 1.94 17.22
C GLN E 199 46.39 3.13 16.83
N ILE E 200 46.17 4.24 17.55
CA ILE E 200 47.00 5.43 17.50
C ILE E 200 47.32 5.82 18.93
N ILE E 201 48.46 6.48 19.13
CA ILE E 201 48.93 6.92 20.44
C ILE E 201 48.88 8.45 20.46
N VAL E 202 48.20 9.00 21.46
CA VAL E 202 47.98 10.43 21.59
C VAL E 202 48.70 10.91 22.83
N THR E 203 49.45 12.01 22.70
CA THR E 203 50.14 12.65 23.82
C THR E 203 49.62 14.06 24.02
N VAL E 215 42.51 16.33 36.60
CA VAL E 215 41.77 17.11 35.61
C VAL E 215 42.18 16.65 34.22
N GLY E 216 43.50 16.50 34.02
CA GLY E 216 43.99 16.02 32.74
C GLY E 216 43.52 14.63 32.41
N ALA E 217 43.48 13.75 33.42
CA ALA E 217 42.99 12.39 33.22
C ALA E 217 41.53 12.38 32.79
N GLU E 218 40.71 13.21 33.44
CA GLU E 218 39.30 13.30 33.07
C GLU E 218 39.13 13.81 31.63
N TRP E 219 39.93 14.80 31.25
CA TRP E 219 39.91 15.30 29.87
C TRP E 219 40.20 14.19 28.88
N ILE E 220 41.24 13.40 29.13
CA ILE E 220 41.59 12.28 28.24
C ILE E 220 40.45 11.27 28.20
N ARG E 221 39.85 10.97 29.34
CA ARG E 221 38.78 9.97 29.40
C ARG E 221 37.59 10.41 28.55
N GLU E 222 37.17 11.67 28.68
CA GLU E 222 36.01 12.15 27.93
C GLU E 222 36.29 12.14 26.43
N LEU E 223 37.48 12.65 26.04
CA LEU E 223 37.90 12.60 24.64
C LEU E 223 37.90 11.16 24.14
N LYS E 224 38.48 10.25 24.93
CA LYS E 224 38.61 8.85 24.53
C LYS E 224 37.24 8.21 24.34
N LYS E 225 36.31 8.46 25.28
CA LYS E 225 34.95 7.94 25.17
C LYS E 225 34.31 8.31 23.83
N VAL E 226 34.54 9.54 23.36
CA VAL E 226 33.94 9.99 22.11
C VAL E 226 34.54 9.25 20.91
N ILE E 227 35.81 8.84 20.99
CA ILE E 227 36.48 8.26 19.83
C ILE E 227 36.07 6.81 19.63
N GLU E 228 36.24 5.98 20.66
CA GLU E 228 35.84 4.57 20.56
C GLU E 228 34.36 4.42 20.24
N ASN E 229 33.49 5.17 20.92
CA ASN E 229 32.07 5.24 20.58
C ASN E 229 31.85 6.49 19.72
N PRO E 230 31.73 6.39 18.38
CA PRO E 230 31.70 7.61 17.56
C PRO E 230 30.34 8.27 17.49
N LEU E 231 29.25 7.52 17.71
CA LEU E 231 27.90 8.07 17.56
C LEU E 231 27.65 9.26 18.47
N GLU E 232 28.31 9.30 19.64
CA GLU E 232 28.14 10.40 20.59
C GLU E 232 28.60 11.77 20.08
N LEU E 233 29.19 11.84 18.88
CA LEU E 233 29.54 13.12 18.29
C LEU E 233 28.31 13.98 17.96
N LEU E 234 27.12 13.39 17.91
CA LEU E 234 25.92 14.17 17.60
C LEU E 234 25.53 15.06 18.77
N LEU E 235 25.19 14.47 19.91
CA LEU E 235 24.86 15.25 21.10
C LEU E 235 26.12 15.93 21.65
N PRO F 27 5.94 -18.74 38.35
CA PRO F 27 5.62 -19.64 37.24
C PRO F 27 6.10 -21.09 37.49
N PRO F 28 5.29 -21.91 38.17
CA PRO F 28 5.70 -23.31 38.40
C PRO F 28 5.88 -24.06 37.10
N VAL F 29 6.84 -24.98 37.10
CA VAL F 29 7.18 -25.79 35.94
C VAL F 29 7.25 -27.26 36.35
N ALA F 30 7.01 -28.15 35.38
CA ALA F 30 7.05 -29.59 35.62
C ALA F 30 7.59 -30.30 34.39
N VAL F 31 8.06 -31.54 34.60
CA VAL F 31 8.70 -32.34 33.57
C VAL F 31 7.92 -33.64 33.37
N VAL F 32 8.03 -34.18 32.16
CA VAL F 32 7.42 -35.45 31.77
C VAL F 32 8.50 -36.28 31.07
N THR F 33 8.46 -37.60 31.28
CA THR F 33 9.49 -38.51 30.79
C THR F 33 8.86 -39.79 30.24
N ALA F 34 9.58 -40.45 29.32
CA ALA F 34 9.14 -41.72 28.74
C ALA F 34 10.32 -42.51 28.18
N PRO F 35 10.49 -43.84 28.54
CA PRO F 35 11.57 -44.63 27.91
C PRO F 35 11.45 -44.79 26.40
N ILE F 36 12.46 -45.42 25.79
CA ILE F 36 12.49 -45.57 24.34
C ILE F 36 13.44 -46.72 24.00
N SER F 37 13.18 -47.37 22.86
CA SER F 37 14.02 -48.42 22.29
C SER F 37 14.25 -48.08 20.82
N LEU F 38 15.52 -48.03 20.39
CA LEU F 38 15.89 -47.58 19.06
C LEU F 38 16.40 -48.73 18.18
N SER F 39 16.09 -49.99 18.53
CA SER F 39 16.60 -51.13 17.77
C SER F 39 16.06 -51.14 16.34
N ALA F 40 14.77 -50.86 16.17
CA ALA F 40 14.16 -50.96 14.85
C ALA F 40 14.75 -49.96 13.87
N ALA F 41 15.01 -48.73 14.34
CA ALA F 41 15.65 -47.73 13.49
C ALA F 41 17.04 -48.19 13.04
N ILE F 42 17.80 -48.81 13.95
CA ILE F 42 19.10 -49.36 13.61
C ILE F 42 18.96 -50.40 12.50
N ASP F 43 17.97 -51.30 12.65
CA ASP F 43 17.75 -52.35 11.65
C ASP F 43 17.46 -51.76 10.28
N VAL F 44 16.56 -50.77 10.22
CA VAL F 44 16.22 -50.14 8.96
C VAL F 44 17.44 -49.47 8.34
N GLN F 45 18.24 -48.76 9.15
CA GLN F 45 19.42 -48.10 8.61
C GLN F 45 20.41 -49.10 8.03
N ASN F 46 20.76 -50.13 8.82
CA ASN F 46 21.67 -51.16 8.34
C ASN F 46 21.17 -51.78 7.04
N LYS F 47 19.90 -52.18 7.00
CA LYS F 47 19.35 -52.88 5.83
C LYS F 47 19.40 -51.98 4.61
N LEU F 48 19.01 -50.71 4.78
CA LEU F 48 19.05 -49.77 3.67
C LEU F 48 20.48 -49.61 3.15
N HIS F 49 21.45 -49.55 4.06
CA HIS F 49 22.86 -49.47 3.66
C HIS F 49 23.33 -50.67 2.84
N LYS F 50 22.69 -51.85 2.98
CA LYS F 50 23.19 -53.06 2.32
C LYS F 50 22.58 -53.28 0.94
N THR F 51 21.41 -52.68 0.67
CA THR F 51 20.68 -52.93 -0.55
C THR F 51 20.80 -51.81 -1.58
N ILE F 52 21.17 -50.58 -1.17
CA ILE F 52 21.24 -49.44 -2.09
C ILE F 52 22.59 -48.75 -1.91
N GLY F 53 22.91 -48.40 -0.66
CA GLY F 53 24.11 -47.64 -0.36
C GLY F 53 23.82 -46.44 0.52
N VAL F 54 22.55 -46.07 0.65
CA VAL F 54 22.18 -44.89 1.43
C VAL F 54 22.47 -45.17 2.89
N PHE F 55 23.15 -44.23 3.54
CA PHE F 55 23.38 -44.25 4.97
C PHE F 55 23.04 -42.86 5.50
N LEU F 56 22.19 -42.82 6.52
CA LEU F 56 21.73 -41.58 7.14
C LEU F 56 21.75 -41.71 8.66
N PRO F 57 21.82 -40.60 9.39
CA PRO F 57 21.93 -40.67 10.86
C PRO F 57 20.57 -40.84 11.51
N LEU F 58 20.61 -41.22 12.79
CA LEU F 58 19.39 -41.29 13.60
C LEU F 58 18.68 -39.94 13.69
N SER F 59 19.42 -38.83 13.53
CA SER F 59 18.87 -37.50 13.77
C SER F 59 17.67 -37.22 12.87
N THR F 60 17.75 -37.56 11.60
CA THR F 60 16.65 -37.29 10.68
C THR F 60 15.40 -38.08 11.06
N PHE F 61 15.57 -39.34 11.48
CA PHE F 61 14.45 -40.08 12.08
C PHE F 61 13.84 -39.31 13.24
N ILE F 62 14.68 -38.71 14.09
CA ILE F 62 14.14 -38.01 15.26
C ILE F 62 13.32 -36.80 14.82
N THR F 63 13.89 -35.99 13.92
CA THR F 63 13.17 -34.80 13.48
C THR F 63 11.91 -35.16 12.69
N ARG F 64 11.99 -36.16 11.80
CA ARG F 64 10.83 -36.52 11.00
C ARG F 64 9.69 -37.06 11.86
N ALA F 65 10.04 -37.83 12.90
CA ALA F 65 9.03 -38.27 13.85
C ALA F 65 8.43 -37.07 14.56
N THR F 66 9.27 -36.11 14.97
CA THR F 66 8.77 -34.89 15.60
C THR F 66 7.83 -34.10 14.68
N GLU F 67 8.08 -34.10 13.36
CA GLU F 67 7.20 -33.38 12.46
C GLU F 67 5.84 -34.05 12.37
N ILE F 68 5.80 -35.36 12.15
CA ILE F 68 4.51 -36.05 12.05
C ILE F 68 3.75 -36.01 13.37
N ALA F 69 4.45 -35.82 14.50
CA ALA F 69 3.77 -35.83 15.79
C ALA F 69 3.00 -34.53 16.03
N ASN F 70 3.65 -33.38 15.82
CA ASN F 70 3.04 -32.07 16.08
C ASN F 70 2.07 -31.71 14.96
N GLN F 71 0.98 -32.48 14.88
CA GLN F 71 -0.12 -32.28 13.94
C GLN F 71 -1.47 -32.26 14.62
N LYS F 72 -1.69 -33.09 15.65
CA LYS F 72 -3.00 -33.28 16.26
C LYS F 72 -2.78 -33.49 17.76
N LEU F 73 -2.81 -32.40 18.52
CA LEU F 73 -2.54 -32.41 19.95
C LEU F 73 -3.68 -31.65 20.63
N PRO F 74 -4.26 -32.18 21.75
CA PRO F 74 -5.37 -31.44 22.39
C PRO F 74 -4.93 -30.10 22.95
N LEU F 75 -5.89 -29.31 23.47
CA LEU F 75 -5.65 -27.96 23.96
C LEU F 75 -5.75 -27.93 25.48
N PRO F 76 -5.08 -26.99 26.16
CA PRO F 76 -5.28 -26.89 27.61
C PRO F 76 -6.73 -26.58 27.98
N ALA F 77 -7.16 -27.13 29.10
CA ALA F 77 -8.52 -26.90 29.58
C ALA F 77 -8.79 -25.45 29.96
N ASN F 78 -7.74 -24.66 30.21
CA ASN F 78 -7.84 -23.25 30.58
C ASN F 78 -7.46 -22.33 29.42
N TYR F 79 -7.87 -22.71 28.20
CA TYR F 79 -7.61 -21.92 27.00
C TYR F 79 -8.64 -20.81 26.89
N GLN F 80 -8.17 -19.58 26.64
CA GLN F 80 -9.03 -18.41 26.45
C GLN F 80 -9.06 -18.01 24.98
N PRO F 81 -10.23 -17.92 24.31
CA PRO F 81 -10.23 -17.55 22.87
C PRO F 81 -9.89 -16.09 22.60
N THR F 82 -9.84 -15.71 21.31
CA THR F 82 -9.56 -14.35 20.86
C THR F 82 -10.82 -13.72 20.26
N ALA F 83 -10.70 -12.45 19.85
CA ALA F 83 -11.86 -11.70 19.37
C ALA F 83 -12.44 -12.31 18.10
N ASP F 84 -11.57 -12.67 17.15
CA ASP F 84 -12.03 -13.16 15.86
C ASP F 84 -12.83 -14.45 16.02
N GLU F 85 -12.30 -15.36 16.86
CA GLU F 85 -12.95 -16.64 17.13
C GLU F 85 -14.36 -16.43 17.68
N LEU F 86 -14.50 -15.59 18.71
CA LEU F 86 -15.81 -15.35 19.32
C LEU F 86 -16.77 -14.69 18.34
N PHE F 87 -16.26 -13.72 17.57
CA PHE F 87 -17.07 -13.04 16.58
C PHE F 87 -17.61 -14.02 15.55
N ASN F 88 -16.74 -14.90 15.03
CA ASN F 88 -17.17 -15.90 14.04
C ASN F 88 -18.19 -16.86 14.62
N GLN F 89 -18.03 -17.23 15.89
CA GLN F 89 -19.06 -18.08 16.53
C GLN F 89 -20.36 -17.28 16.64
N VAL F 90 -20.32 -16.11 17.29
CA VAL F 90 -21.54 -15.27 17.49
C VAL F 90 -22.29 -15.16 16.16
N LEU F 91 -21.56 -15.18 15.04
CA LEU F 91 -22.19 -15.05 13.69
C LEU F 91 -22.80 -16.40 13.29
N GLY F 92 -21.98 -17.38 12.92
CA GLY F 92 -22.47 -18.67 12.48
C GLY F 92 -21.66 -19.32 11.38
N LEU F 93 -20.41 -18.92 11.18
CA LEU F 93 -19.56 -19.48 10.13
C LEU F 93 -18.85 -20.75 10.58
N ASP F 94 -18.41 -20.77 11.84
CA ASP F 94 -17.67 -21.87 12.43
C ASP F 94 -18.39 -22.39 13.66
N LYS F 95 -19.69 -22.67 13.51
CA LYS F 95 -20.52 -23.15 14.61
C LYS F 95 -19.94 -24.40 15.27
N VAL F 96 -19.23 -25.22 14.50
CA VAL F 96 -18.47 -26.35 15.05
C VAL F 96 -17.12 -25.80 15.49
N THR F 97 -16.82 -25.93 16.79
CA THR F 97 -15.58 -25.42 17.35
C THR F 97 -14.46 -26.42 17.10
N ARG F 98 -13.24 -26.05 17.53
CA ARG F 98 -12.04 -26.84 17.34
C ARG F 98 -11.58 -27.40 18.68
N LYS F 99 -10.92 -28.56 18.63
CA LYS F 99 -10.37 -29.24 19.79
C LYS F 99 -8.94 -29.71 19.54
N GLU F 100 -8.27 -29.16 18.52
CA GLU F 100 -6.91 -29.53 18.15
C GLU F 100 -6.15 -28.26 17.78
N SER F 101 -4.82 -28.33 17.91
CA SER F 101 -3.97 -27.21 17.55
C SER F 101 -2.52 -27.69 17.47
N ARG F 102 -1.81 -27.21 16.45
CA ARG F 102 -0.44 -27.61 16.22
C ARG F 102 0.47 -27.07 17.31
N GLY F 103 1.75 -27.41 17.23
CA GLY F 103 2.73 -26.97 18.20
C GLY F 103 4.12 -27.06 17.63
N SER F 104 5.10 -26.64 18.44
CA SER F 104 6.52 -26.64 18.07
C SER F 104 7.31 -27.09 19.29
N TYR F 105 7.50 -28.40 19.41
CA TYR F 105 8.26 -29.02 20.48
C TYR F 105 9.61 -29.51 19.96
N THR F 106 10.56 -29.69 20.89
CA THR F 106 11.87 -30.25 20.58
C THR F 106 12.27 -31.18 21.74
N PRO F 107 12.41 -32.52 21.52
CA PRO F 107 12.71 -33.39 22.67
C PRO F 107 14.12 -33.20 23.20
N THR F 108 14.46 -33.95 24.25
CA THR F 108 15.79 -33.97 24.84
C THR F 108 16.37 -35.37 24.65
N PHE F 109 17.66 -35.43 24.35
CA PHE F 109 18.30 -36.70 23.99
C PHE F 109 18.29 -37.67 25.16
N GLY F 110 18.52 -38.94 24.84
CA GLY F 110 18.64 -40.01 25.83
C GLY F 110 17.85 -41.27 25.48
N SER F 111 18.32 -42.39 26.01
CA SER F 111 17.64 -43.68 25.89
C SER F 111 17.95 -44.49 27.15
N PHE F 112 17.62 -45.78 27.11
CA PHE F 112 17.85 -46.72 28.24
C PHE F 112 19.23 -46.58 28.89
N VAL F 155 16.23 -41.22 29.31
CA VAL F 155 14.99 -41.41 28.54
C VAL F 155 14.51 -40.08 27.98
N PHE F 156 13.56 -40.12 27.05
CA PHE F 156 13.10 -38.88 26.43
C PHE F 156 12.32 -38.07 27.45
N SER F 157 12.74 -36.82 27.64
CA SER F 157 12.23 -35.95 28.70
C SER F 157 11.88 -34.61 28.08
N LEU F 158 10.90 -33.94 28.69
CA LEU F 158 10.54 -32.59 28.28
C LEU F 158 10.18 -31.81 29.54
N GLN F 159 10.47 -30.51 29.49
CA GLN F 159 10.22 -29.56 30.57
C GLN F 159 9.27 -28.50 30.03
N VAL F 160 8.13 -28.31 30.70
CA VAL F 160 7.09 -27.38 30.25
C VAL F 160 6.30 -26.90 31.48
N PRO F 161 5.60 -25.76 31.42
CA PRO F 161 4.74 -25.35 32.55
C PRO F 161 3.63 -26.34 32.84
N LYS F 162 2.90 -26.06 33.92
CA LYS F 162 1.86 -26.99 34.36
C LYS F 162 0.68 -27.02 33.39
N SER F 163 0.25 -25.86 32.89
CA SER F 163 -0.94 -25.80 32.03
C SER F 163 -0.87 -26.73 30.83
N GLU F 164 0.28 -26.75 30.14
CA GLU F 164 0.43 -27.54 28.89
C GLU F 164 1.01 -28.93 29.19
N GLU F 165 1.57 -29.13 30.39
CA GLU F 165 2.20 -30.42 30.76
C GLU F 165 1.43 -31.58 30.13
N LYS F 166 0.09 -31.59 30.22
CA LYS F 166 -0.76 -32.69 29.70
C LYS F 166 -0.61 -32.79 28.18
N ARG F 167 -0.63 -31.67 27.47
CA ARG F 167 -0.53 -31.64 25.99
C ARG F 167 0.84 -32.20 25.59
N ALA F 168 1.89 -31.77 26.31
CA ALA F 168 3.26 -32.24 26.00
C ALA F 168 3.33 -33.76 26.09
N GLN F 169 2.45 -34.40 26.88
CA GLN F 169 2.46 -35.87 27.05
C GLN F 169 1.93 -36.55 25.78
N ALA F 170 0.81 -36.08 25.22
CA ALA F 170 0.23 -36.64 23.98
C ALA F 170 1.34 -36.72 22.93
N PHE F 171 2.26 -35.75 22.92
CA PHE F 171 3.40 -35.70 22.01
C PHE F 171 4.37 -36.85 22.27
N LEU F 172 4.75 -37.05 23.55
CA LEU F 172 5.68 -38.12 23.88
C LEU F 172 5.14 -39.49 23.49
N GLN F 173 3.87 -39.77 23.79
CA GLN F 173 3.35 -41.10 23.48
C GLN F 173 3.16 -41.29 21.97
N LYS F 174 2.77 -40.23 21.26
CA LYS F 174 2.60 -40.32 19.81
C LYS F 174 3.92 -40.67 19.14
N MET F 175 4.99 -39.98 19.50
CA MET F 175 6.31 -40.34 18.97
C MET F 175 6.75 -41.72 19.47
N LYS F 176 6.45 -42.03 20.74
CA LYS F 176 6.76 -43.34 21.31
C LYS F 176 6.09 -44.49 20.56
N LEU F 177 4.93 -44.23 19.94
CA LEU F 177 4.25 -45.27 19.18
C LEU F 177 4.80 -45.35 17.76
N VAL F 178 4.95 -44.20 17.09
CA VAL F 178 5.35 -44.20 15.68
C VAL F 178 6.75 -44.81 15.53
N LEU F 179 7.65 -44.46 16.44
CA LEU F 179 9.05 -44.87 16.32
C LEU F 179 9.29 -46.35 16.63
N GLU F 180 8.27 -47.07 17.12
CA GLU F 180 8.43 -48.47 17.58
C GLU F 180 7.76 -49.47 16.63
N GLN F 181 6.65 -49.13 15.98
CA GLN F 181 5.95 -50.02 15.06
C GLN F 181 5.94 -49.53 13.61
N GLU F 182 6.31 -48.28 13.34
CA GLU F 182 6.31 -47.73 11.98
C GLU F 182 7.62 -47.00 11.70
N PRO F 183 8.77 -47.72 11.68
CA PRO F 183 10.02 -47.05 11.28
C PRO F 183 10.07 -46.88 9.78
N ASP F 184 9.60 -47.92 9.06
CA ASP F 184 9.55 -47.91 7.60
C ASP F 184 8.84 -46.66 7.06
N LYS F 185 7.80 -46.21 7.78
CA LYS F 185 7.01 -45.05 7.37
C LYS F 185 7.88 -43.84 7.11
N LEU F 186 8.96 -43.68 7.87
CA LEU F 186 9.87 -42.53 7.75
C LEU F 186 10.97 -42.82 6.71
N VAL F 187 10.55 -43.23 5.52
CA VAL F 187 11.45 -43.51 4.40
C VAL F 187 10.80 -43.01 3.12
N ARG F 188 11.23 -41.84 2.64
CA ARG F 188 10.69 -41.24 1.42
C ARG F 188 9.19 -40.98 1.54
N VAL G 32 -1.35 1.39 -60.28
CA VAL G 32 -0.35 0.81 -59.39
C VAL G 32 -1.05 -0.14 -58.44
N SER G 33 -0.38 -1.25 -58.11
CA SER G 33 -0.93 -2.31 -57.29
C SER G 33 0.03 -2.63 -56.15
N THR G 34 -0.53 -3.12 -55.05
CA THR G 34 0.27 -3.54 -53.90
C THR G 34 -0.53 -4.54 -53.09
N ASN G 35 0.17 -5.24 -52.20
CA ASN G 35 -0.42 -6.21 -51.30
C ASN G 35 -0.17 -5.78 -49.86
N LEU G 36 -1.21 -5.82 -49.04
CA LEU G 36 -1.15 -5.40 -47.64
C LEU G 36 -1.53 -6.58 -46.75
N SER G 37 -0.77 -6.78 -45.68
CA SER G 37 -1.10 -7.76 -44.65
C SER G 37 -1.84 -7.07 -43.53
N VAL G 38 -2.99 -7.65 -43.13
CA VAL G 38 -3.95 -6.98 -42.25
C VAL G 38 -4.29 -7.86 -41.05
N SER G 39 -3.39 -8.78 -40.69
CA SER G 39 -3.65 -9.63 -39.53
C SER G 39 -3.62 -8.83 -38.24
N LYS G 40 -2.59 -8.00 -38.05
CA LYS G 40 -2.50 -7.16 -36.86
C LYS G 40 -3.69 -6.20 -36.75
N LEU G 41 -4.10 -5.60 -37.86
CA LEU G 41 -5.23 -4.66 -37.85
C LEU G 41 -6.51 -5.33 -37.37
N LEU G 42 -6.74 -6.58 -37.79
CA LEU G 42 -7.92 -7.30 -37.31
C LEU G 42 -7.86 -7.51 -35.80
N LYS G 43 -6.68 -7.85 -35.28
CA LYS G 43 -6.51 -8.05 -33.85
C LYS G 43 -6.79 -6.76 -33.09
N LEU G 44 -6.31 -5.63 -33.61
CA LEU G 44 -6.60 -4.34 -32.99
C LEU G 44 -8.09 -4.05 -32.99
N ARG G 45 -8.77 -4.34 -34.10
CA ARG G 45 -10.22 -4.13 -34.17
C ARG G 45 -10.93 -4.98 -33.13
N GLN G 46 -10.54 -6.25 -33.00
CA GLN G 46 -11.17 -7.14 -32.02
C GLN G 46 -10.92 -6.65 -30.60
N ALA G 47 -9.76 -6.04 -30.35
CA ALA G 47 -9.46 -5.53 -29.01
C ALA G 47 -10.37 -4.36 -28.65
N LEU G 48 -10.59 -3.44 -29.59
CA LEU G 48 -11.37 -2.25 -29.32
C LEU G 48 -12.87 -2.46 -29.46
N ASN G 49 -13.30 -3.58 -30.05
CA ASN G 49 -14.71 -3.92 -30.18
C ASN G 49 -15.21 -4.83 -29.06
N SER G 50 -14.36 -5.17 -28.09
CA SER G 50 -14.74 -5.96 -26.92
C SER G 50 -14.75 -5.17 -25.62
N SER G 51 -14.02 -4.05 -25.55
CA SER G 51 -14.06 -3.18 -24.39
C SER G 51 -15.24 -2.20 -24.43
N ALA G 52 -16.17 -2.35 -25.36
CA ALA G 52 -17.38 -1.54 -25.46
C ALA G 52 -18.58 -2.30 -24.94
N ASP G 53 -19.65 -1.56 -24.68
CA ASP G 53 -20.89 -2.09 -24.13
C ASP G 53 -22.04 -2.07 -25.14
N GLY G 54 -21.76 -1.72 -26.39
CA GLY G 54 -22.77 -1.59 -27.43
C GLY G 54 -22.71 -0.23 -28.13
N ARG G 55 -21.75 0.60 -27.75
CA ARG G 55 -21.68 1.98 -28.21
C ARG G 55 -21.40 2.05 -29.71
N TYR G 56 -20.53 1.19 -30.22
CA TYR G 56 -20.06 1.31 -31.60
C TYR G 56 -19.58 -0.06 -32.09
N LYS G 57 -19.15 -0.08 -33.34
CA LYS G 57 -18.51 -1.25 -33.93
C LYS G 57 -17.79 -0.80 -35.19
N LEU G 58 -16.50 -1.13 -35.29
CA LEU G 58 -15.62 -0.63 -36.33
C LEU G 58 -15.46 -1.65 -37.45
N SER G 59 -14.83 -1.21 -38.53
CA SER G 59 -14.60 -2.04 -39.71
C SER G 59 -13.35 -1.57 -40.41
N VAL G 60 -12.94 -2.33 -41.43
CA VAL G 60 -11.67 -2.07 -42.10
C VAL G 60 -11.72 -0.74 -42.86
N ASN G 61 -12.89 -0.41 -43.42
CA ASN G 61 -13.03 0.81 -44.22
C ASN G 61 -12.68 2.05 -43.42
N ASP G 62 -13.08 2.10 -42.15
CA ASP G 62 -12.79 3.25 -41.31
C ASP G 62 -11.28 3.45 -41.14
N PHE G 63 -10.55 2.35 -40.89
CA PHE G 63 -9.10 2.44 -40.75
C PHE G 63 -8.45 2.96 -42.02
N LEU G 64 -8.90 2.47 -43.18
CA LEU G 64 -8.31 2.89 -44.45
C LEU G 64 -8.52 4.37 -44.71
N ILE G 65 -9.70 4.90 -44.35
CA ILE G 65 -9.98 6.32 -44.54
C ILE G 65 -8.99 7.17 -43.75
N LYS G 66 -8.77 6.82 -42.48
CA LYS G 66 -7.83 7.58 -41.65
C LYS G 66 -6.41 7.50 -42.20
N ALA G 67 -5.99 6.28 -42.60
CA ALA G 67 -4.66 6.12 -43.18
C ALA G 67 -4.49 6.91 -44.47
N MET G 68 -5.57 7.02 -45.26
CA MET G 68 -5.50 7.79 -46.50
C MET G 68 -5.15 9.25 -46.25
N GLY G 69 -5.72 9.83 -45.19
CA GLY G 69 -5.38 11.20 -44.84
C GLY G 69 -3.90 11.36 -44.52
N ILE G 70 -3.36 10.42 -43.72
CA ILE G 70 -1.95 10.49 -43.33
C ILE G 70 -1.06 10.34 -44.57
N ALA G 71 -1.36 9.36 -45.42
CA ALA G 71 -0.55 9.16 -46.63
C ALA G 71 -0.65 10.38 -47.55
N SER G 72 -1.85 10.95 -47.67
CA SER G 72 -2.03 12.19 -48.40
C SER G 72 -1.26 13.32 -47.73
N LYS G 73 -1.25 13.34 -46.40
CA LYS G 73 -0.62 14.44 -45.65
C LYS G 73 0.88 14.48 -45.95
N ARG G 74 1.56 13.33 -45.96
CA ARG G 74 3.00 13.29 -46.19
C ARG G 74 3.36 13.69 -47.63
N VAL G 75 2.55 13.29 -48.59
CA VAL G 75 2.75 13.61 -50.00
C VAL G 75 1.57 14.47 -50.46
N PRO G 76 1.71 15.81 -50.45
CA PRO G 76 0.54 16.65 -50.74
C PRO G 76 0.24 16.82 -52.22
N THR G 77 1.12 16.36 -53.12
CA THR G 77 0.89 16.55 -54.56
C THR G 77 -0.36 15.82 -55.05
N VAL G 78 -0.83 14.80 -54.34
CA VAL G 78 -2.03 14.07 -54.73
C VAL G 78 -3.25 14.83 -54.23
N PHE G 90 -4.39 21.73 -51.74
CA PHE G 90 -5.23 21.95 -50.57
C PHE G 90 -4.45 21.70 -49.28
N GLU G 91 -5.08 22.04 -48.15
CA GLU G 91 -4.59 21.68 -46.82
C GLU G 91 -5.62 20.93 -45.99
N THR G 92 -6.83 20.71 -46.51
CA THR G 92 -7.87 19.89 -45.87
C THR G 92 -8.15 18.68 -46.74
N VAL G 93 -8.42 17.56 -46.09
CA VAL G 93 -8.57 16.26 -46.75
C VAL G 93 -10.05 15.91 -46.70
N ASP G 94 -10.65 15.71 -47.87
CA ASP G 94 -12.04 15.31 -48.01
C ASP G 94 -12.09 13.99 -48.77
N VAL G 95 -12.85 13.04 -48.26
CA VAL G 95 -12.95 11.69 -48.81
C VAL G 95 -14.39 11.45 -49.24
N SER G 96 -14.56 10.84 -50.41
CA SER G 96 -15.85 10.49 -50.98
C SER G 96 -16.00 8.98 -50.97
N VAL G 97 -17.05 8.49 -50.32
CA VAL G 97 -17.31 7.06 -50.21
C VAL G 97 -18.43 6.68 -51.17
N THR G 107 -22.53 9.26 -53.91
CA THR G 107 -21.18 9.57 -53.44
C THR G 107 -21.22 10.56 -52.30
N PRO G 108 -21.54 10.10 -51.07
CA PRO G 108 -21.44 10.98 -49.90
C PRO G 108 -20.03 11.46 -49.61
N ILE G 109 -19.90 12.34 -48.62
CA ILE G 109 -18.65 13.05 -48.32
C ILE G 109 -18.40 12.97 -46.82
N VAL G 110 -17.13 12.90 -46.45
CA VAL G 110 -16.67 12.97 -45.07
C VAL G 110 -15.61 14.07 -45.00
N LYS G 111 -15.70 14.91 -43.98
CA LYS G 111 -14.85 16.09 -43.83
C LYS G 111 -13.99 16.00 -42.58
N GLY G 112 -12.81 16.61 -42.67
CA GLY G 112 -11.93 16.74 -41.51
C GLY G 112 -11.42 15.44 -40.93
N VAL G 113 -11.01 14.50 -41.79
CA VAL G 113 -10.53 13.20 -41.30
C VAL G 113 -9.26 13.38 -40.48
N GLU G 114 -8.39 14.33 -40.88
CA GLU G 114 -7.12 14.54 -40.19
C GLU G 114 -7.32 14.84 -38.70
N GLY G 115 -8.19 15.79 -38.38
CA GLY G 115 -8.52 16.11 -36.99
C GLY G 115 -9.76 15.38 -36.50
N LYS G 116 -9.70 14.05 -36.48
CA LYS G 116 -10.87 13.25 -36.15
C LYS G 116 -10.41 11.87 -35.69
N GLY G 117 -11.34 11.15 -35.06
CA GLY G 117 -11.12 9.80 -34.58
C GLY G 117 -12.02 8.80 -35.27
N LEU G 118 -11.81 7.53 -34.91
CA LEU G 118 -12.56 6.44 -35.53
C LEU G 118 -14.04 6.54 -35.19
N GLU G 119 -14.35 6.94 -33.96
CA GLU G 119 -15.74 7.03 -33.50
C GLU G 119 -16.54 7.99 -34.39
N SER G 120 -16.03 9.21 -34.57
CA SER G 120 -16.74 10.21 -35.37
C SER G 120 -16.83 9.79 -36.83
N ILE G 121 -15.75 9.26 -37.40
CA ILE G 121 -15.74 8.86 -38.80
C ILE G 121 -16.75 7.76 -39.06
N SER G 122 -16.81 6.76 -38.16
CA SER G 122 -17.75 5.65 -38.33
C SER G 122 -19.20 6.14 -38.34
N ALA G 123 -19.55 7.01 -37.38
CA ALA G 123 -20.92 7.50 -37.29
C ALA G 123 -21.33 8.26 -38.55
N ALA G 124 -20.44 9.10 -39.08
CA ALA G 124 -20.74 9.83 -40.31
C ALA G 124 -20.97 8.89 -41.49
N VAL G 125 -20.10 7.90 -41.66
CA VAL G 125 -20.19 6.99 -42.81
C VAL G 125 -21.50 6.21 -42.82
N LYS G 126 -22.09 5.95 -41.64
CA LYS G 126 -23.31 5.15 -41.55
C LYS G 126 -24.56 6.01 -41.61
N GLU G 127 -24.57 7.16 -40.94
CA GLU G 127 -25.69 8.08 -41.04
C GLU G 127 -25.93 8.50 -42.49
N LEU G 128 -24.87 8.97 -43.17
CA LEU G 128 -25.01 9.45 -44.54
C LEU G 128 -25.44 8.33 -45.49
N ALA G 129 -25.01 7.10 -45.21
CA ALA G 129 -25.45 5.96 -46.01
C ALA G 129 -26.96 5.77 -45.92
N LYS G 130 -27.50 5.87 -44.71
CA LYS G 130 -28.94 5.67 -44.52
C LYS G 130 -29.73 6.72 -45.28
N LYS G 131 -29.33 7.99 -45.20
CA LYS G 131 -30.02 9.06 -45.92
C LYS G 131 -29.98 8.82 -47.43
N ALA G 132 -28.86 8.30 -47.93
CA ALA G 132 -28.77 7.98 -49.35
C ALA G 132 -29.75 6.89 -49.73
N ILE G 147 -10.73 13.18 -52.98
CA ILE G 147 -10.27 11.82 -53.25
C ILE G 147 -11.46 10.89 -53.03
N SER G 148 -11.47 9.74 -53.74
CA SER G 148 -12.53 8.75 -53.66
C SER G 148 -11.99 7.37 -53.31
N ILE G 149 -12.83 6.61 -52.60
CA ILE G 149 -12.52 5.25 -52.17
C ILE G 149 -13.67 4.35 -52.62
N SER G 150 -13.32 3.12 -53.01
CA SER G 150 -14.28 2.10 -53.39
C SER G 150 -13.85 0.78 -52.76
N ASN G 151 -14.83 0.05 -52.21
CA ASN G 151 -14.60 -1.23 -51.55
C ASN G 151 -15.55 -2.27 -52.11
N MET G 152 -15.04 -3.49 -52.30
CA MET G 152 -15.81 -4.64 -52.76
C MET G 152 -15.42 -5.87 -51.96
N GLY G 153 -15.12 -5.69 -50.67
CA GLY G 153 -14.80 -6.80 -49.80
C GLY G 153 -15.98 -7.63 -49.35
N MET G 154 -17.21 -7.21 -49.69
CA MET G 154 -18.39 -7.94 -49.25
C MET G 154 -18.60 -9.22 -50.05
N ASN G 155 -18.05 -9.30 -51.27
CA ASN G 155 -18.17 -10.47 -52.14
C ASN G 155 -16.82 -11.16 -52.20
N PRO G 156 -16.65 -12.41 -51.73
CA PRO G 156 -15.30 -13.01 -51.76
C PRO G 156 -14.78 -13.32 -53.16
N ALA G 157 -15.60 -13.22 -54.20
CA ALA G 157 -15.19 -13.57 -55.55
C ALA G 157 -14.60 -12.35 -56.27
N LEU G 173 -9.12 4.95 -55.28
CA LEU G 173 -8.59 3.73 -54.68
C LEU G 173 -9.63 2.62 -54.70
N ALA G 174 -9.20 1.41 -55.02
CA ALA G 174 -10.05 0.24 -55.11
C ALA G 174 -9.51 -0.85 -54.20
N VAL G 175 -10.39 -1.44 -53.40
CA VAL G 175 -10.04 -2.44 -52.38
C VAL G 175 -10.72 -3.74 -52.75
N GLY G 176 -9.97 -4.84 -52.67
CA GLY G 176 -10.48 -6.17 -52.97
C GLY G 176 -10.88 -6.92 -51.73
N ALA G 177 -11.03 -8.27 -51.88
CA ALA G 177 -11.46 -9.16 -50.80
C ALA G 177 -10.24 -9.85 -50.17
N PRO G 178 -10.30 -10.26 -48.91
CA PRO G 178 -9.13 -10.88 -48.28
C PRO G 178 -8.89 -12.29 -48.80
N GLN G 179 -7.66 -12.74 -48.59
CA GLN G 179 -7.24 -14.08 -48.99
C GLN G 179 -6.08 -14.48 -48.09
N LYS G 180 -5.66 -15.75 -48.20
CA LYS G 180 -4.60 -16.32 -47.39
C LYS G 180 -3.45 -16.77 -48.28
N VAL G 181 -2.22 -16.48 -47.85
CA VAL G 181 -1.02 -16.81 -48.60
C VAL G 181 0.01 -17.35 -47.60
N ALA G 182 0.93 -18.18 -48.10
CA ALA G 182 2.02 -18.73 -47.31
C ALA G 182 3.22 -17.78 -47.34
N VAL G 183 3.86 -17.63 -46.19
CA VAL G 183 5.05 -16.79 -46.04
C VAL G 183 6.09 -17.55 -45.21
N PRO G 184 7.38 -17.20 -45.37
CA PRO G 184 8.41 -17.88 -44.58
C PRO G 184 8.58 -17.25 -43.19
N VAL G 185 8.75 -18.13 -42.20
CA VAL G 185 8.99 -17.74 -40.81
C VAL G 185 10.31 -18.37 -40.37
N GLU G 186 11.16 -17.56 -39.73
CA GLU G 186 12.47 -18.01 -39.26
C GLU G 186 12.30 -18.65 -37.89
N ASN G 187 12.11 -19.96 -37.88
CA ASN G 187 11.97 -20.70 -36.63
C ASN G 187 13.26 -20.59 -35.81
N GLU G 188 13.10 -20.51 -34.49
CA GLU G 188 14.25 -20.37 -33.59
C GLU G 188 15.22 -21.54 -33.67
N ASP G 189 14.77 -22.71 -34.13
CA ASP G 189 15.67 -23.86 -34.26
C ASP G 189 16.71 -23.66 -35.36
N GLY G 190 16.51 -22.70 -36.26
CA GLY G 190 17.47 -22.41 -37.31
C GLY G 190 17.10 -22.94 -38.67
N THR G 191 15.81 -22.98 -39.01
CA THR G 191 15.34 -23.41 -40.31
C THR G 191 14.19 -22.49 -40.73
N THR G 192 13.54 -22.84 -41.84
CA THR G 192 12.45 -22.05 -42.41
C THR G 192 11.19 -22.89 -42.43
N GLY G 193 10.09 -22.30 -41.98
CA GLY G 193 8.79 -22.96 -41.92
C GLY G 193 7.72 -22.13 -42.61
N VAL G 194 6.53 -22.73 -42.70
CA VAL G 194 5.38 -22.12 -43.37
C VAL G 194 4.46 -21.54 -42.32
N SER G 195 4.02 -20.30 -42.53
CA SER G 195 2.97 -19.67 -41.74
C SER G 195 1.96 -19.02 -42.68
N TRP G 196 0.72 -18.90 -42.20
CA TRP G 196 -0.42 -18.48 -43.02
C TRP G 196 -0.75 -17.03 -42.68
N ASP G 197 -0.51 -16.12 -43.62
CA ASP G 197 -0.78 -14.71 -43.46
C ASP G 197 -2.03 -14.37 -44.28
N GLU G 198 -2.74 -13.33 -43.84
CA GLU G 198 -3.93 -12.81 -44.53
C GLU G 198 -3.56 -11.55 -45.28
N GLN G 199 -3.96 -11.47 -46.55
CA GLN G 199 -3.57 -10.38 -47.43
C GLN G 199 -4.78 -9.83 -48.19
N ILE G 200 -4.67 -8.55 -48.57
CA ILE G 200 -5.60 -7.89 -49.48
C ILE G 200 -4.77 -7.19 -50.54
N ILE G 201 -5.34 -7.02 -51.73
CA ILE G 201 -4.70 -6.37 -52.87
C ILE G 201 -5.41 -5.05 -53.13
N VAL G 202 -4.64 -3.97 -53.17
CA VAL G 202 -5.15 -2.61 -53.31
C VAL G 202 -4.66 -2.05 -54.63
N THR G 203 -5.58 -1.47 -55.41
CA THR G 203 -5.25 -0.82 -56.68
C THR G 203 -5.60 0.66 -56.61
N VAL G 215 5.87 9.72 -57.38
CA VAL G 215 4.97 10.33 -56.41
C VAL G 215 3.93 9.31 -55.97
N GLY G 216 3.38 8.59 -56.96
CA GLY G 216 2.40 7.55 -56.63
C GLY G 216 3.01 6.43 -55.81
N ALA G 217 4.25 6.05 -56.12
CA ALA G 217 4.92 5.01 -55.34
C ALA G 217 5.13 5.44 -53.89
N GLU G 218 5.53 6.70 -53.68
CA GLU G 218 5.71 7.21 -52.33
C GLU G 218 4.39 7.21 -51.56
N TRP G 219 3.30 7.61 -52.22
CA TRP G 219 1.98 7.57 -51.61
C TRP G 219 1.63 6.16 -51.14
N ILE G 220 1.85 5.16 -52.00
CA ILE G 220 1.55 3.77 -51.63
C ILE G 220 2.41 3.35 -50.46
N ARG G 221 3.70 3.71 -50.47
CA ARG G 221 4.62 3.32 -49.41
C ARG G 221 4.18 3.87 -48.06
N GLU G 222 3.80 5.15 -48.02
CA GLU G 222 3.40 5.75 -46.75
C GLU G 222 2.11 5.14 -46.24
N LEU G 223 1.12 4.96 -47.12
CA LEU G 223 -0.11 4.27 -46.77
C LEU G 223 0.19 2.87 -46.24
N LYS G 224 1.05 2.14 -46.96
CA LYS G 224 1.37 0.76 -46.59
C LYS G 224 2.04 0.69 -45.23
N LYS G 225 3.00 1.59 -44.97
CA LYS G 225 3.66 1.65 -43.66
C LYS G 225 2.66 1.77 -42.52
N VAL G 226 1.59 2.55 -42.71
CA VAL G 226 0.60 2.75 -41.66
C VAL G 226 -0.21 1.47 -41.42
N ILE G 227 -0.40 0.65 -42.45
CA ILE G 227 -1.30 -0.51 -42.33
C ILE G 227 -0.59 -1.65 -41.60
N GLU G 228 0.57 -2.08 -42.11
CA GLU G 228 1.33 -3.15 -41.46
C GLU G 228 1.68 -2.80 -40.01
N ASN G 229 2.17 -1.58 -39.77
CA ASN G 229 2.38 -1.08 -38.42
C ASN G 229 1.17 -0.22 -38.03
N PRO G 230 0.21 -0.72 -37.25
CA PRO G 230 -1.02 0.06 -37.03
C PRO G 230 -0.91 1.13 -35.96
N LEU G 231 0.02 1.00 -35.01
CA LEU G 231 0.14 1.94 -33.91
C LEU G 231 0.37 3.37 -34.39
N GLU G 232 1.02 3.54 -35.54
CA GLU G 232 1.31 4.88 -36.09
C GLU G 232 0.07 5.69 -36.47
N LEU G 233 -1.13 5.10 -36.39
CA LEU G 233 -2.36 5.87 -36.61
C LEU G 233 -2.59 6.97 -35.59
N LEU G 234 -1.90 6.91 -34.43
CA LEU G 234 -2.08 7.94 -33.41
C LEU G 234 -1.45 9.27 -33.85
N LEU G 235 -0.14 9.28 -34.03
CA LEU G 235 0.55 10.48 -34.50
C LEU G 235 0.18 10.76 -35.96
N VAL H 32 -48.42 -18.86 30.54
CA VAL H 32 -47.77 -19.45 29.37
C VAL H 32 -46.30 -19.66 29.69
N SER H 33 -45.74 -20.76 29.17
CA SER H 33 -44.37 -21.18 29.45
C SER H 33 -43.65 -21.44 28.15
N THR H 34 -42.33 -21.26 28.18
CA THR H 34 -41.49 -21.54 27.02
C THR H 34 -40.07 -21.79 27.49
N ASN H 35 -39.26 -22.38 26.60
CA ASN H 35 -37.86 -22.66 26.85
C ASN H 35 -37.01 -21.90 25.84
N LEU H 36 -35.95 -21.25 26.34
CA LEU H 36 -35.06 -20.44 25.53
C LEU H 36 -33.65 -20.99 25.64
N SER H 37 -32.96 -21.09 24.51
CA SER H 37 -31.55 -21.45 24.47
C SER H 37 -30.71 -20.18 24.42
N VAL H 38 -29.72 -20.08 25.30
CA VAL H 38 -29.00 -18.84 25.56
C VAL H 38 -27.49 -19.04 25.44
N SER H 39 -27.07 -20.06 24.68
CA SER H 39 -25.64 -20.29 24.50
C SER H 39 -25.00 -19.17 23.69
N LYS H 40 -25.61 -18.81 22.56
CA LYS H 40 -25.10 -17.72 21.73
C LYS H 40 -25.04 -16.41 22.50
N LEU H 41 -26.09 -16.11 23.27
CA LEU H 41 -26.14 -14.86 24.03
C LEU H 41 -24.97 -14.76 25.02
N LEU H 42 -24.63 -15.86 25.68
CA LEU H 42 -23.48 -15.86 26.58
C LEU H 42 -22.19 -15.55 25.83
N LYS H 43 -22.03 -16.14 24.64
CA LYS H 43 -20.83 -15.88 23.84
C LYS H 43 -20.76 -14.40 23.44
N LEU H 44 -21.89 -13.81 23.07
CA LEU H 44 -21.92 -12.39 22.75
C LEU H 44 -21.53 -11.54 23.96
N ARG H 45 -21.99 -11.96 25.14
CA ARG H 45 -21.72 -11.20 26.40
C ARG H 45 -20.23 -11.29 26.70
N GLN H 46 -19.61 -12.46 26.49
CA GLN H 46 -18.18 -12.63 26.71
C GLN H 46 -17.36 -11.83 25.69
N ALA H 47 -17.86 -11.67 24.47
CA ALA H 47 -17.13 -10.91 23.47
C ALA H 47 -17.09 -9.43 23.83
N LEU H 48 -18.21 -8.88 24.29
CA LEU H 48 -18.31 -7.46 24.59
C LEU H 48 -17.79 -7.10 25.99
N ASN H 49 -17.57 -8.09 26.85
CA ASN H 49 -17.01 -7.86 28.19
C ASN H 49 -15.50 -8.05 28.24
N SER H 50 -14.85 -8.35 27.10
CA SER H 50 -13.41 -8.48 27.01
C SER H 50 -12.74 -7.35 26.23
N SER H 51 -13.48 -6.67 25.36
CA SER H 51 -12.96 -5.50 24.64
C SER H 51 -13.04 -4.22 25.47
N ALA H 52 -13.40 -4.30 26.75
CA ALA H 52 -13.45 -3.17 27.66
C ALA H 52 -12.24 -3.17 28.58
N ASP H 53 -12.00 -2.02 29.21
CA ASP H 53 -10.88 -1.80 30.11
C ASP H 53 -11.29 -1.66 31.56
N GLY H 54 -12.57 -1.91 31.89
CA GLY H 54 -13.12 -1.75 33.22
C GLY H 54 -14.34 -0.86 33.24
N ARG H 55 -14.78 -0.40 32.06
CA ARG H 55 -15.84 0.59 31.98
C ARG H 55 -17.18 0.04 32.45
N TYR H 56 -17.48 -1.22 32.14
CA TYR H 56 -18.80 -1.77 32.39
C TYR H 56 -18.71 -3.29 32.49
N LYS H 57 -19.86 -3.92 32.74
CA LYS H 57 -19.99 -5.37 32.72
C LYS H 57 -21.46 -5.70 32.63
N LEU H 58 -21.83 -6.52 31.66
CA LEU H 58 -23.22 -6.79 31.31
C LEU H 58 -23.68 -8.11 31.93
N SER H 59 -24.99 -8.34 31.84
CA SER H 59 -25.60 -9.54 32.39
C SER H 59 -26.84 -9.88 31.57
N VAL H 60 -27.43 -11.04 31.88
CA VAL H 60 -28.54 -11.55 31.08
C VAL H 60 -29.76 -10.65 31.23
N ASN H 61 -29.97 -10.10 32.43
CA ASN H 61 -31.16 -9.29 32.71
C ASN H 61 -31.23 -8.08 31.77
N ASP H 62 -30.10 -7.45 31.48
CA ASP H 62 -30.09 -6.30 30.58
C ASP H 62 -30.57 -6.67 29.19
N PHE H 63 -30.09 -7.80 28.65
CA PHE H 63 -30.53 -8.26 27.34
C PHE H 63 -32.04 -8.50 27.31
N LEU H 64 -32.57 -9.14 28.37
CA LEU H 64 -34.00 -9.45 28.40
C LEU H 64 -34.86 -8.18 28.42
N ILE H 65 -34.40 -7.15 29.13
CA ILE H 65 -35.14 -5.89 29.18
C ILE H 65 -35.27 -5.29 27.79
N LYS H 66 -34.16 -5.24 27.04
CA LYS H 66 -34.20 -4.68 25.69
C LYS H 66 -35.09 -5.51 24.78
N ALA H 67 -34.98 -6.83 24.85
CA ALA H 67 -35.81 -7.70 24.04
C ALA H 67 -37.29 -7.54 24.37
N MET H 68 -37.61 -7.27 25.65
CA MET H 68 -38.99 -7.08 26.05
C MET H 68 -39.62 -5.88 25.35
N GLY H 69 -38.86 -4.80 25.19
CA GLY H 69 -39.35 -3.65 24.45
C GLY H 69 -39.69 -3.99 23.01
N ILE H 70 -38.79 -4.72 22.34
CA ILE H 70 -39.00 -5.10 20.95
C ILE H 70 -40.24 -5.99 20.82
N ALA H 71 -40.35 -7.01 21.69
CA ALA H 71 -41.50 -7.90 21.65
C ALA H 71 -42.79 -7.14 21.93
N SER H 72 -42.73 -6.23 22.90
CA SER H 72 -43.86 -5.34 23.16
C SER H 72 -44.14 -4.45 21.97
N LYS H 73 -43.09 -3.99 21.30
CA LYS H 73 -43.24 -3.03 20.17
C LYS H 73 -44.02 -3.69 19.03
N ARG H 74 -43.72 -4.96 18.70
CA ARG H 74 -44.39 -5.64 17.60
C ARG H 74 -45.86 -5.92 17.92
N VAL H 75 -46.16 -6.28 19.16
CA VAL H 75 -47.51 -6.56 19.62
C VAL H 75 -47.88 -5.51 20.66
N PRO H 76 -48.57 -4.43 20.28
CA PRO H 76 -48.80 -3.35 21.25
C PRO H 76 -49.96 -3.59 22.20
N THR H 77 -50.78 -4.63 21.99
CA THR H 77 -51.93 -4.87 22.84
C THR H 77 -51.54 -5.16 24.29
N VAL H 78 -50.31 -5.61 24.54
CA VAL H 78 -49.85 -5.90 25.90
C VAL H 78 -49.39 -4.59 26.54
N PHE H 90 -50.32 2.59 24.93
CA PHE H 90 -49.20 3.51 25.02
C PHE H 90 -48.32 3.43 23.78
N GLU H 91 -47.35 4.36 23.68
CA GLU H 91 -46.29 4.30 22.70
C GLU H 91 -44.90 4.35 23.31
N THR H 92 -44.78 4.46 24.64
CA THR H 92 -43.51 4.40 25.35
C THR H 92 -43.53 3.18 26.26
N VAL H 93 -42.37 2.55 26.39
CA VAL H 93 -42.22 1.28 27.11
C VAL H 93 -41.48 1.57 28.41
N ASP H 94 -42.11 1.25 29.53
CA ASP H 94 -41.54 1.42 30.86
C ASP H 94 -41.51 0.04 31.53
N VAL H 95 -40.36 -0.29 32.12
CA VAL H 95 -40.12 -1.58 32.73
C VAL H 95 -39.83 -1.37 34.22
N SER H 96 -40.43 -2.23 35.05
CA SER H 96 -40.27 -2.20 36.50
C SER H 96 -39.48 -3.43 36.91
N VAL H 97 -38.34 -3.22 37.60
CA VAL H 97 -37.47 -4.30 38.03
C VAL H 97 -37.67 -4.51 39.53
N THR H 107 -39.67 -1.62 43.86
CA THR H 107 -39.93 -1.73 42.42
C THR H 107 -39.46 -0.47 41.68
N PRO H 108 -38.15 -0.33 41.45
CA PRO H 108 -37.67 0.79 40.63
C PRO H 108 -38.17 0.74 39.19
N ILE H 109 -37.84 1.77 38.42
CA ILE H 109 -38.39 1.99 37.07
C ILE H 109 -37.23 2.33 36.14
N VAL H 110 -37.35 1.89 34.88
CA VAL H 110 -36.43 2.25 33.81
C VAL H 110 -37.28 2.78 32.66
N LYS H 111 -36.82 3.89 32.06
CA LYS H 111 -37.57 4.61 31.04
C LYS H 111 -36.84 4.62 29.71
N GLY H 112 -37.61 4.65 28.64
CA GLY H 112 -37.06 4.80 27.30
C GLY H 112 -36.16 3.68 26.83
N VAL H 113 -36.53 2.43 27.08
CA VAL H 113 -35.67 1.31 26.70
C VAL H 113 -35.54 1.23 25.18
N GLU H 114 -36.63 1.56 24.45
CA GLU H 114 -36.63 1.48 23.00
C GLU H 114 -35.50 2.31 22.39
N GLY H 115 -35.39 3.58 22.78
CA GLY H 115 -34.33 4.46 22.31
C GLY H 115 -33.15 4.48 23.26
N LYS H 116 -32.51 3.33 23.47
CA LYS H 116 -31.45 3.23 24.46
C LYS H 116 -30.57 2.04 24.12
N GLY H 117 -29.39 2.01 24.74
CA GLY H 117 -28.43 0.93 24.58
C GLY H 117 -28.19 0.20 25.89
N LEU H 118 -27.37 -0.86 25.78
CA LEU H 118 -27.08 -1.69 26.93
C LEU H 118 -26.33 -0.91 28.00
N GLU H 119 -25.41 -0.02 27.58
CA GLU H 119 -24.62 0.76 28.52
C GLU H 119 -25.50 1.59 29.45
N SER H 120 -26.43 2.37 28.86
CA SER H 120 -27.30 3.22 29.66
C SER H 120 -28.23 2.41 30.54
N ILE H 121 -28.81 1.33 30.00
CA ILE H 121 -29.74 0.51 30.75
C ILE H 121 -29.06 -0.12 31.97
N SER H 122 -27.84 -0.64 31.77
CA SER H 122 -27.10 -1.28 32.87
C SER H 122 -26.84 -0.29 34.00
N ALA H 123 -26.37 0.92 33.67
CA ALA H 123 -26.06 1.92 34.68
C ALA H 123 -27.29 2.30 35.50
N ALA H 124 -28.44 2.48 34.84
CA ALA H 124 -29.67 2.79 35.55
C ALA H 124 -30.08 1.69 36.52
N VAL H 125 -30.04 0.43 36.06
CA VAL H 125 -30.50 -0.70 36.87
C VAL H 125 -29.66 -0.84 38.14
N LYS H 126 -28.39 -0.44 38.11
CA LYS H 126 -27.50 -0.61 39.26
C LYS H 126 -27.53 0.60 40.20
N GLU H 127 -27.60 1.81 39.63
CA GLU H 127 -27.67 3.05 40.43
C GLU H 127 -28.95 3.00 41.27
N LEU H 128 -30.10 2.72 40.63
CA LEU H 128 -31.38 2.72 41.32
C LEU H 128 -31.45 1.60 42.37
N ALA H 129 -30.78 0.48 42.12
CA ALA H 129 -30.73 -0.59 43.11
C ALA H 129 -30.03 -0.13 44.38
N LYS H 130 -28.90 0.59 44.23
CA LYS H 130 -28.16 1.06 45.39
C LYS H 130 -29.00 2.00 46.25
N LYS H 131 -29.70 2.95 45.60
CA LYS H 131 -30.54 3.89 46.34
C LYS H 131 -31.64 3.16 47.09
N ALA H 132 -32.19 2.10 46.49
CA ALA H 132 -33.21 1.31 47.17
C ALA H 132 -32.65 0.62 48.40
N ILE H 147 -44.97 -2.62 32.60
CA ILE H 147 -44.68 -4.05 32.62
C ILE H 147 -43.64 -4.31 33.70
N SER H 148 -43.65 -5.51 34.27
CA SER H 148 -42.74 -5.92 35.34
C SER H 148 -41.98 -7.19 34.98
N ILE H 149 -40.75 -7.26 35.50
CA ILE H 149 -39.85 -8.40 35.29
C ILE H 149 -39.38 -8.87 36.66
N SER H 150 -39.22 -10.19 36.81
CA SER H 150 -38.70 -10.82 38.01
C SER H 150 -37.70 -11.89 37.59
N ASN H 151 -36.57 -11.94 38.30
CA ASN H 151 -35.50 -12.89 38.03
C ASN H 151 -35.11 -13.60 39.32
N MET H 152 -34.85 -14.90 39.21
CA MET H 152 -34.40 -15.74 40.32
C MET H 152 -33.29 -16.68 39.84
N GLY H 153 -32.46 -16.20 38.92
CA GLY H 153 -31.34 -16.98 38.44
C GLY H 153 -30.16 -17.07 39.39
N MET H 154 -30.20 -16.33 40.51
CA MET H 154 -29.09 -16.34 41.45
C MET H 154 -29.04 -17.62 42.27
N ASN H 155 -30.16 -18.32 42.42
CA ASN H 155 -30.26 -19.56 43.17
C ASN H 155 -30.44 -20.73 42.19
N PRO H 156 -29.53 -21.69 42.06
CA PRO H 156 -29.73 -22.75 41.05
C PRO H 156 -30.89 -23.69 41.36
N ALA H 157 -31.49 -23.62 42.55
CA ALA H 157 -32.55 -24.55 42.93
C ALA H 157 -33.91 -24.00 42.54
N LEU H 173 -43.40 -11.07 33.99
CA LEU H 173 -42.52 -12.11 33.47
C LEU H 173 -41.63 -12.64 34.60
N ALA H 174 -41.46 -13.96 34.63
CA ALA H 174 -40.65 -14.65 35.63
C ALA H 174 -39.59 -15.49 34.93
N VAL H 175 -38.35 -15.36 35.40
CA VAL H 175 -37.18 -16.01 34.81
C VAL H 175 -36.61 -16.98 35.83
N GLY H 176 -36.28 -18.18 35.37
CA GLY H 176 -35.70 -19.22 36.20
C GLY H 176 -34.20 -19.28 36.09
N ALA H 177 -33.61 -20.43 36.55
CA ALA H 177 -32.17 -20.64 36.56
C ALA H 177 -31.76 -21.50 35.36
N PRO H 178 -30.52 -21.38 34.87
CA PRO H 178 -30.14 -22.17 33.69
C PRO H 178 -29.95 -23.65 34.02
N GLN H 179 -30.00 -24.46 32.97
CA GLN H 179 -29.82 -25.90 33.06
C GLN H 179 -29.31 -26.38 31.71
N LYS H 180 -28.93 -27.67 31.67
CA LYS H 180 -28.38 -28.30 30.47
C LYS H 180 -29.28 -29.44 30.03
N VAL H 181 -29.51 -29.53 28.71
CA VAL H 181 -30.36 -30.55 28.12
C VAL H 181 -29.67 -31.07 26.87
N ALA H 182 -29.99 -32.31 26.50
CA ALA H 182 -29.48 -32.94 25.30
C ALA H 182 -30.37 -32.62 24.11
N VAL H 183 -29.75 -32.34 22.97
CA VAL H 183 -30.46 -32.05 21.71
C VAL H 183 -29.80 -32.82 20.58
N PRO H 184 -30.53 -33.09 19.49
CA PRO H 184 -29.93 -33.81 18.36
C PRO H 184 -29.18 -32.88 17.42
N VAL H 185 -28.03 -33.35 16.95
CA VAL H 185 -27.18 -32.64 16.00
C VAL H 185 -27.00 -33.54 14.78
N GLU H 186 -27.16 -32.98 13.58
CA GLU H 186 -27.03 -33.72 12.33
C GLU H 186 -25.56 -33.72 11.94
N ASN H 187 -24.84 -34.77 12.36
CA ASN H 187 -23.45 -34.92 12.00
C ASN H 187 -23.30 -35.06 10.49
N GLU H 188 -22.21 -34.46 9.95
CA GLU H 188 -21.97 -34.49 8.52
C GLU H 188 -21.81 -35.91 7.96
N ASP H 189 -21.45 -36.88 8.79
CA ASP H 189 -21.31 -38.26 8.32
C ASP H 189 -22.65 -38.88 7.94
N GLY H 190 -23.77 -38.29 8.35
CA GLY H 190 -25.08 -38.77 8.00
C GLY H 190 -25.79 -39.55 9.09
N THR H 191 -25.59 -39.18 10.35
CA THR H 191 -26.27 -39.81 11.48
C THR H 191 -26.65 -38.72 12.47
N THR H 192 -27.14 -39.13 13.64
CA THR H 192 -27.60 -38.23 14.69
C THR H 192 -26.76 -38.45 15.94
N GLY H 193 -26.30 -37.35 16.54
CA GLY H 193 -25.49 -37.39 17.74
C GLY H 193 -26.06 -36.50 18.82
N VAL H 194 -25.42 -36.56 19.99
CA VAL H 194 -25.86 -35.82 21.18
C VAL H 194 -24.96 -34.60 21.34
N SER H 195 -25.58 -33.44 21.56
CA SER H 195 -24.89 -32.22 21.95
C SER H 195 -25.59 -31.59 23.13
N TRP H 196 -24.84 -30.83 23.92
CA TRP H 196 -25.30 -30.30 25.21
C TRP H 196 -25.60 -28.82 25.05
N ASP H 197 -26.88 -28.47 25.11
CA ASP H 197 -27.34 -27.10 25.00
C ASP H 197 -27.72 -26.59 26.39
N GLU H 198 -27.63 -25.28 26.57
CA GLU H 198 -28.01 -24.61 27.81
C GLU H 198 -29.35 -23.92 27.62
N GLN H 199 -30.27 -24.13 28.56
CA GLN H 199 -31.64 -23.65 28.45
C GLN H 199 -32.10 -22.97 29.74
N ILE H 200 -33.05 -22.05 29.59
CA ILE H 200 -33.78 -21.42 30.68
C ILE H 200 -35.26 -21.52 30.36
N ILE H 201 -36.10 -21.55 31.40
CA ILE H 201 -37.55 -21.65 31.28
C ILE H 201 -38.14 -20.33 31.75
N VAL H 202 -38.96 -19.72 30.90
CA VAL H 202 -39.55 -18.40 31.15
C VAL H 202 -41.06 -18.58 31.27
N THR H 203 -41.64 -17.98 32.30
CA THR H 203 -43.08 -17.99 32.54
C THR H 203 -43.62 -16.56 32.49
N VAL H 215 -52.64 -13.63 21.35
CA VAL H 215 -51.85 -12.42 21.51
C VAL H 215 -50.64 -12.73 22.38
N GLY H 216 -50.88 -13.46 23.48
CA GLY H 216 -49.78 -13.86 24.35
C GLY H 216 -48.79 -14.76 23.66
N ALA H 217 -49.29 -15.69 22.83
CA ALA H 217 -48.40 -16.58 22.07
C ALA H 217 -47.52 -15.80 21.11
N GLU H 218 -48.11 -14.81 20.42
CA GLU H 218 -47.32 -13.99 19.51
C GLU H 218 -46.25 -13.20 20.25
N TRP H 219 -46.59 -12.66 21.42
CA TRP H 219 -45.62 -11.96 22.25
C TRP H 219 -44.43 -12.86 22.59
N ILE H 220 -44.71 -14.09 23.03
CA ILE H 220 -43.65 -15.03 23.36
C ILE H 220 -42.80 -15.35 22.14
N ARG H 221 -43.45 -15.53 20.99
CA ARG H 221 -42.72 -15.88 19.77
C ARG H 221 -41.75 -14.78 19.36
N GLU H 222 -42.21 -13.52 19.41
CA GLU H 222 -41.34 -12.41 19.02
C GLU H 222 -40.17 -12.26 19.99
N LEU H 223 -40.46 -12.31 21.29
CA LEU H 223 -39.40 -12.30 22.30
C LEU H 223 -38.41 -13.43 22.06
N LYS H 224 -38.93 -14.64 21.83
CA LYS H 224 -38.09 -15.81 21.65
C LYS H 224 -37.19 -15.67 20.43
N LYS H 225 -37.75 -15.19 19.31
CA LYS H 225 -36.98 -14.96 18.10
C LYS H 225 -35.76 -14.07 18.36
N VAL H 226 -35.92 -13.06 19.20
CA VAL H 226 -34.82 -12.14 19.50
C VAL H 226 -33.73 -12.82 20.32
N ILE H 227 -34.09 -13.80 21.15
CA ILE H 227 -33.12 -14.39 22.07
C ILE H 227 -32.23 -15.40 21.34
N GLU H 228 -32.84 -16.40 20.69
CA GLU H 228 -32.07 -17.38 19.94
C GLU H 228 -31.19 -16.74 18.87
N ASN H 229 -31.76 -15.80 18.09
CA ASN H 229 -31.00 -15.00 17.15
C ASN H 229 -30.67 -13.65 17.81
N PRO H 230 -29.46 -13.44 18.35
CA PRO H 230 -29.24 -12.21 19.13
C PRO H 230 -28.95 -10.98 18.31
N LEU H 231 -28.44 -11.14 17.07
CA LEU H 231 -28.05 -9.99 16.25
C LEU H 231 -29.21 -9.04 16.00
N GLU H 232 -30.45 -9.54 15.97
CA GLU H 232 -31.63 -8.70 15.74
C GLU H 232 -31.89 -7.65 16.82
N LEU H 233 -31.12 -7.65 17.92
CA LEU H 233 -31.24 -6.59 18.92
C LEU H 233 -30.86 -5.21 18.39
N LEU H 234 -30.16 -5.13 17.25
CA LEU H 234 -29.77 -3.83 16.71
C LEU H 234 -30.98 -3.10 16.12
N LEU H 235 -31.60 -3.67 15.09
CA LEU H 235 -32.79 -3.07 14.51
C LEU H 235 -33.97 -3.19 15.48
N PRO I 27 38.30 -5.30 -20.20
CA PRO I 27 37.92 -6.32 -19.22
C PRO I 27 38.65 -7.67 -19.44
N PRO I 28 39.85 -7.83 -18.89
CA PRO I 28 40.57 -9.10 -19.05
C PRO I 28 39.80 -10.26 -18.44
N VAL I 29 39.92 -11.43 -19.08
CA VAL I 29 39.23 -12.64 -18.65
C VAL I 29 40.23 -13.79 -18.60
N ALA I 30 39.94 -14.78 -17.75
CA ALA I 30 40.80 -15.95 -17.59
C ALA I 30 39.95 -17.19 -17.34
N VAL I 31 40.55 -18.36 -17.57
CA VAL I 31 39.87 -19.64 -17.47
C VAL I 31 40.58 -20.52 -16.44
N VAL I 32 39.81 -21.44 -15.85
CA VAL I 32 40.29 -22.41 -14.88
C VAL I 32 39.76 -23.77 -15.30
N THR I 33 40.56 -24.83 -15.09
CA THR I 33 40.23 -26.17 -15.55
C THR I 33 40.61 -27.19 -14.48
N ALA I 34 39.92 -28.35 -14.53
CA ALA I 34 40.20 -29.46 -13.62
C ALA I 34 39.73 -30.80 -14.19
N PRO I 35 40.58 -31.88 -14.24
CA PRO I 35 40.09 -33.19 -14.70
C PRO I 35 38.97 -33.78 -13.86
N ILE I 36 38.43 -34.92 -14.29
CA ILE I 36 37.30 -35.56 -13.62
C ILE I 36 37.25 -37.03 -14.02
N SER I 37 36.71 -37.86 -13.13
CA SER I 37 36.45 -39.28 -13.37
C SER I 37 35.02 -39.57 -12.94
N LEU I 38 34.22 -40.16 -13.84
CA LEU I 38 32.80 -40.37 -13.63
C LEU I 38 32.45 -41.85 -13.42
N SER I 39 33.43 -42.69 -13.05
CA SER I 39 33.17 -44.12 -12.89
C SER I 39 32.20 -44.40 -11.76
N ALA I 40 32.35 -43.71 -10.62
CA ALA I 40 31.54 -44.00 -9.45
C ALA I 40 30.06 -43.69 -9.71
N ALA I 41 29.77 -42.59 -10.41
CA ALA I 41 28.40 -42.27 -10.77
C ALA I 41 27.79 -43.35 -11.65
N ILE I 42 28.57 -43.87 -12.60
CA ILE I 42 28.11 -44.97 -13.44
C ILE I 42 27.75 -46.18 -12.57
N ASP I 43 28.63 -46.52 -11.61
CA ASP I 43 28.38 -47.66 -10.74
C ASP I 43 27.07 -47.50 -9.97
N VAL I 44 26.86 -46.32 -9.38
CA VAL I 44 25.64 -46.07 -8.61
C VAL I 44 24.41 -46.18 -9.51
N GLN I 45 24.47 -45.62 -10.72
CA GLN I 45 23.33 -45.69 -11.63
C GLN I 45 23.00 -47.13 -11.99
N ASN I 46 24.01 -47.88 -12.44
CA ASN I 46 23.81 -49.29 -12.78
C ASN I 46 23.20 -50.06 -11.61
N LYS I 47 23.78 -49.91 -10.43
CA LYS I 47 23.33 -50.69 -9.26
C LYS I 47 21.89 -50.35 -8.92
N LEU I 48 21.57 -49.05 -8.93
CA LEU I 48 20.20 -48.63 -8.64
C LEU I 48 19.22 -49.22 -9.65
N HIS I 49 19.62 -49.25 -10.93
CA HIS I 49 18.79 -49.87 -11.96
C HIS I 49 18.53 -51.35 -11.72
N LYS I 50 19.40 -52.07 -11.00
CA LYS I 50 19.27 -53.52 -10.86
C LYS I 50 18.46 -53.93 -9.65
N THR I 51 18.35 -53.05 -8.64
CA THR I 51 17.70 -53.38 -7.39
C THR I 51 16.29 -52.81 -7.24
N ILE I 52 15.93 -51.77 -7.99
CA ILE I 52 14.62 -51.13 -7.88
C ILE I 52 13.99 -50.99 -9.26
N GLY I 53 14.73 -50.42 -10.20
CA GLY I 53 14.23 -50.14 -11.52
C GLY I 53 14.47 -48.70 -11.93
N VAL I 54 14.83 -47.84 -10.98
CA VAL I 54 15.04 -46.43 -11.28
C VAL I 54 16.27 -46.28 -12.16
N PHE I 55 16.12 -45.52 -13.25
CA PHE I 55 17.23 -45.16 -14.12
C PHE I 55 17.12 -43.66 -14.37
N LEU I 56 18.21 -42.94 -14.12
CA LEU I 56 18.29 -41.50 -14.27
C LEU I 56 19.58 -41.12 -14.98
N PRO I 57 19.63 -39.94 -15.62
CA PRO I 57 20.83 -39.57 -16.38
C PRO I 57 21.89 -38.95 -15.49
N LEU I 58 23.11 -38.87 -16.05
CA LEU I 58 24.21 -38.18 -15.37
C LEU I 58 23.88 -36.71 -15.08
N SER I 59 22.98 -36.11 -15.88
CA SER I 59 22.73 -34.67 -15.80
C SER I 59 22.27 -34.25 -14.40
N THR I 60 21.36 -35.01 -13.80
CA THR I 60 20.86 -34.65 -12.49
C THR I 60 21.96 -34.71 -11.43
N PHE I 61 22.84 -35.71 -11.50
CA PHE I 61 24.04 -35.72 -10.68
C PHE I 61 24.83 -34.43 -10.85
N ILE I 62 24.97 -33.95 -12.10
CA ILE I 62 25.77 -32.75 -12.34
C ILE I 62 25.12 -31.54 -11.69
N THR I 63 23.81 -31.36 -11.91
CA THR I 63 23.12 -30.22 -11.34
C THR I 63 23.08 -30.29 -9.82
N ARG I 64 22.79 -31.47 -9.26
CA ARG I 64 22.69 -31.60 -7.80
C ARG I 64 24.04 -31.34 -7.13
N ALA I 65 25.12 -31.78 -7.74
CA ALA I 65 26.44 -31.44 -7.24
C ALA I 65 26.67 -29.93 -7.30
N THR I 66 26.26 -29.31 -8.42
CA THR I 66 26.37 -27.86 -8.54
C THR I 66 25.56 -27.12 -7.48
N GLU I 67 24.41 -27.66 -7.07
CA GLU I 67 23.62 -27.00 -6.03
C GLU I 67 24.31 -27.06 -4.69
N ILE I 68 24.76 -28.25 -4.28
CA ILE I 68 25.43 -28.37 -2.98
C ILE I 68 26.76 -27.59 -2.96
N ALA I 69 27.35 -27.33 -4.12
CA ALA I 69 28.63 -26.63 -4.15
C ALA I 69 28.47 -25.15 -3.87
N ASN I 70 27.54 -24.48 -4.58
CA ASN I 70 27.35 -23.03 -4.45
C ASN I 70 26.58 -22.71 -3.16
N GLN I 71 27.25 -22.98 -2.03
CA GLN I 71 26.75 -22.69 -0.69
C GLN I 71 27.75 -21.91 0.15
N LYS I 72 29.04 -22.20 0.02
CA LYS I 72 30.08 -21.64 0.90
C LYS I 72 31.32 -21.41 0.05
N LEU I 73 31.44 -20.20 -0.52
CA LEU I 73 32.52 -19.84 -1.42
C LEU I 73 33.11 -18.52 -0.92
N PRO I 74 34.46 -18.36 -0.84
CA PRO I 74 35.01 -17.08 -0.34
C PRO I 74 34.69 -15.92 -1.27
N LEU I 75 35.06 -14.70 -0.85
CA LEU I 75 34.74 -13.47 -1.57
C LEU I 75 36.01 -12.90 -2.20
N PRO I 76 35.90 -12.12 -3.28
CA PRO I 76 37.09 -11.47 -3.83
C PRO I 76 37.73 -10.51 -2.82
N ALA I 77 39.06 -10.45 -2.87
CA ALA I 77 39.79 -9.55 -1.96
C ALA I 77 39.50 -8.08 -2.23
N ASN I 78 38.99 -7.73 -3.41
CA ASN I 78 38.66 -6.36 -3.79
C ASN I 78 37.15 -6.11 -3.76
N TYR I 79 36.47 -6.67 -2.75
CA TYR I 79 35.04 -6.51 -2.58
C TYR I 79 34.76 -5.18 -1.88
N GLN I 80 33.83 -4.40 -2.42
CA GLN I 80 33.41 -3.13 -1.84
C GLN I 80 32.03 -3.26 -1.20
N PRO I 81 31.83 -2.95 0.10
CA PRO I 81 30.48 -3.11 0.70
C PRO I 81 29.45 -2.08 0.23
N THR I 82 28.21 -2.21 0.71
CA THR I 82 27.10 -1.31 0.39
C THR I 82 26.75 -0.47 1.63
N ALA I 83 25.76 0.43 1.45
CA ALA I 83 25.42 1.37 2.52
C ALA I 83 24.85 0.65 3.74
N ASP I 84 23.95 -0.32 3.52
CA ASP I 84 23.28 -1.00 4.64
C ASP I 84 24.29 -1.73 5.49
N GLU I 85 25.23 -2.43 4.85
CA GLU I 85 26.27 -3.18 5.54
C GLU I 85 27.09 -2.27 6.44
N LEU I 86 27.58 -1.15 5.91
CA LEU I 86 28.41 -0.23 6.69
C LEU I 86 27.61 0.40 7.83
N PHE I 87 26.35 0.77 7.55
CA PHE I 87 25.49 1.33 8.58
C PHE I 87 25.29 0.36 9.73
N ASN I 88 24.99 -0.91 9.41
CA ASN I 88 24.80 -1.91 10.45
C ASN I 88 26.07 -2.16 11.26
N GLN I 89 27.22 -2.20 10.59
CA GLN I 89 28.50 -2.34 11.34
C GLN I 89 28.64 -1.15 12.29
N VAL I 90 28.76 0.07 11.74
CA VAL I 90 28.91 1.30 12.56
C VAL I 90 27.99 1.22 13.78
N LEU I 91 26.75 0.75 13.61
CA LEU I 91 25.80 0.65 14.75
C LEU I 91 26.30 -0.40 15.74
N GLY I 92 26.19 -1.68 15.41
CA GLY I 92 26.60 -2.73 16.31
C GLY I 92 25.73 -3.98 16.28
N LEU I 93 24.97 -4.20 15.21
CA LEU I 93 24.11 -5.37 15.09
C LEU I 93 24.82 -6.58 14.54
N ASP I 94 25.71 -6.34 13.57
CA ASP I 94 26.47 -7.38 12.89
C ASP I 94 27.96 -7.13 13.04
N LYS I 95 28.40 -6.92 14.28
CA LYS I 95 29.80 -6.63 14.57
C LYS I 95 30.74 -7.71 14.03
N VAL I 96 30.26 -8.95 13.96
CA VAL I 96 30.98 -10.03 13.28
C VAL I 96 30.64 -9.95 11.79
N THR I 97 31.65 -9.74 10.96
CA THR I 97 31.47 -9.60 9.53
C THR I 97 31.35 -10.99 8.89
N ARG I 98 31.13 -10.99 7.57
CA ARG I 98 30.95 -12.21 6.80
C ARG I 98 32.14 -12.42 5.88
N LYS I 99 32.42 -13.70 5.58
CA LYS I 99 33.51 -14.09 4.70
C LYS I 99 33.06 -15.15 3.70
N GLU I 100 31.74 -15.28 3.49
CA GLU I 100 31.16 -16.25 2.57
C GLU I 100 30.01 -15.59 1.83
N SER I 101 29.70 -16.13 0.65
CA SER I 101 28.59 -15.63 -0.15
C SER I 101 28.27 -16.63 -1.25
N ARG I 102 26.98 -16.84 -1.47
CA ARG I 102 26.52 -17.80 -2.46
C ARG I 102 26.85 -17.32 -3.87
N GLY I 103 26.53 -18.15 -4.86
CA GLY I 103 26.78 -17.83 -6.24
C GLY I 103 25.88 -18.64 -7.16
N SER I 104 26.03 -18.39 -8.45
CA SER I 104 25.25 -19.08 -9.50
C SER I 104 26.20 -19.36 -10.66
N TYR I 105 26.86 -20.52 -10.61
CA TYR I 105 27.76 -21.00 -11.64
C TYR I 105 27.12 -22.12 -12.43
N THR I 106 27.64 -22.33 -13.65
CA THR I 106 27.22 -23.43 -14.52
C THR I 106 28.47 -24.00 -15.21
N PRO I 107 28.88 -25.28 -14.94
CA PRO I 107 30.13 -25.75 -15.57
C PRO I 107 30.00 -25.97 -17.06
N THR I 108 31.09 -26.39 -17.69
CA THR I 108 31.14 -26.74 -19.10
C THR I 108 31.45 -28.22 -19.21
N PHE I 109 30.80 -28.89 -20.16
CA PHE I 109 30.89 -30.34 -20.28
C PHE I 109 32.32 -30.78 -20.62
N GLY I 110 32.57 -32.07 -20.41
CA GLY I 110 33.84 -32.70 -20.74
C GLY I 110 34.41 -33.59 -19.65
N SER I 111 35.23 -34.55 -20.06
CA SER I 111 35.95 -35.43 -19.15
C SER I 111 37.26 -35.82 -19.84
N PHE I 112 37.95 -36.82 -19.28
CA PHE I 112 39.23 -37.34 -19.80
C PHE I 112 39.24 -37.55 -21.32
N VAL I 155 38.05 -31.63 -20.06
CA VAL I 155 37.93 -31.57 -18.61
C VAL I 155 37.01 -30.42 -18.21
N PHE I 156 36.58 -30.40 -16.95
CA PHE I 156 35.65 -29.36 -16.52
C PHE I 156 36.36 -28.01 -16.49
N SER I 157 35.80 -27.05 -17.22
CA SER I 157 36.42 -25.75 -17.45
C SER I 157 35.40 -24.67 -17.14
N LEU I 158 35.90 -23.51 -16.72
CA LEU I 158 35.06 -22.34 -16.51
C LEU I 158 35.83 -21.12 -16.96
N GLN I 159 35.08 -20.13 -17.45
CA GLN I 159 35.60 -18.86 -17.94
C GLN I 159 34.97 -17.76 -17.09
N VAL I 160 35.82 -16.93 -16.47
CA VAL I 160 35.36 -15.87 -15.57
C VAL I 160 36.40 -14.74 -15.57
N PRO I 161 36.05 -13.50 -15.18
CA PRO I 161 37.06 -12.44 -15.07
C PRO I 161 38.14 -12.75 -14.03
N LYS I 162 39.14 -11.87 -13.98
CA LYS I 162 40.28 -12.11 -13.10
C LYS I 162 39.89 -12.00 -11.63
N SER I 163 39.08 -11.00 -11.26
CA SER I 163 38.76 -10.76 -9.86
C SER I 163 38.19 -12.00 -9.15
N GLU I 164 37.25 -12.70 -9.80
CA GLU I 164 36.54 -13.85 -9.18
C GLU I 164 37.25 -15.16 -9.53
N GLU I 165 38.13 -15.15 -10.54
CA GLU I 165 38.83 -16.38 -10.98
C GLU I 165 39.12 -17.28 -9.77
N LYS I 166 39.65 -16.73 -8.67
CA LYS I 166 40.03 -17.53 -7.47
C LYS I 166 38.78 -18.18 -6.86
N ARG I 167 37.67 -17.44 -6.74
CA ARG I 167 36.42 -17.95 -6.14
C ARG I 167 35.91 -19.10 -7.01
N ALA I 168 35.94 -18.91 -8.33
CA ALA I 168 35.45 -19.94 -9.27
C ALA I 168 36.22 -21.25 -9.06
N GLN I 169 37.45 -21.19 -8.53
CA GLN I 169 38.29 -22.40 -8.33
C GLN I 169 37.75 -23.19 -7.13
N ALA I 170 37.44 -22.55 -6.01
CA ALA I 170 36.88 -23.22 -4.81
C ALA I 170 35.70 -24.07 -5.24
N PHE I 171 34.92 -23.59 -6.22
CA PHE I 171 33.77 -24.29 -6.80
C PHE I 171 34.21 -25.57 -7.51
N LEU I 172 35.22 -25.47 -8.38
CA LEU I 172 35.67 -26.65 -9.12
C LEU I 172 36.18 -27.74 -8.19
N GLN I 173 36.99 -27.39 -7.19
CA GLN I 173 37.54 -28.41 -6.31
C GLN I 173 36.46 -29.01 -5.40
N LYS I 174 35.51 -28.18 -4.95
CA LYS I 174 34.42 -28.68 -4.09
C LYS I 174 33.60 -29.73 -4.83
N MET I 175 33.20 -29.43 -6.07
CA MET I 175 32.52 -30.44 -6.88
C MET I 175 33.42 -31.63 -7.20
N LYS I 176 34.71 -31.35 -7.48
CA LYS I 176 35.68 -32.41 -7.74
C LYS I 176 35.84 -33.37 -6.58
N LEU I 177 35.59 -32.91 -5.35
CA LEU I 177 35.69 -33.79 -4.19
C LEU I 177 34.38 -34.55 -3.97
N VAL I 178 33.25 -33.84 -4.02
CA VAL I 178 31.96 -34.46 -3.70
C VAL I 178 31.66 -35.58 -4.70
N LEU I 179 31.93 -35.34 -5.99
CA LEU I 179 31.57 -36.28 -7.04
C LEU I 179 32.44 -37.53 -7.08
N GLU I 180 33.51 -37.58 -6.29
CA GLU I 180 34.49 -38.71 -6.35
C GLU I 180 34.41 -39.62 -5.11
N GLN I 181 34.09 -39.10 -3.93
CA GLN I 181 33.98 -39.90 -2.71
C GLN I 181 32.58 -39.95 -2.13
N GLU I 182 31.65 -39.12 -2.58
CA GLU I 182 30.28 -39.10 -2.05
C GLU I 182 29.27 -39.09 -3.19
N PRO I 183 29.21 -40.16 -4.01
CA PRO I 183 28.15 -40.22 -5.04
C PRO I 183 26.82 -40.59 -4.41
N ASP I 184 26.88 -41.53 -3.45
CA ASP I 184 25.70 -41.99 -2.72
C ASP I 184 24.91 -40.83 -2.12
N LYS I 185 25.63 -39.79 -1.68
CA LYS I 185 25.02 -38.62 -1.04
C LYS I 185 23.94 -38.01 -1.92
N LEU I 186 24.13 -38.05 -3.24
CA LEU I 186 23.19 -37.46 -4.20
C LEU I 186 22.11 -38.48 -4.58
N VAL I 187 21.47 -39.07 -3.58
CA VAL I 187 20.38 -40.03 -3.78
C VAL I 187 19.33 -39.77 -2.70
N ARG I 188 18.24 -39.11 -3.10
CA ARG I 188 17.14 -38.79 -2.19
C ARG I 188 17.61 -37.93 -1.01
#